data_8WQO
# 
_entry.id   8WQO 
# 
_audit_conform.dict_name       mmcif_pdbx.dic 
_audit_conform.dict_version    5.399 
_audit_conform.dict_location   http://mmcif.pdb.org/dictionaries/ascii/mmcif_pdbx.dic 
# 
loop_
_database_2.database_id 
_database_2.database_code 
_database_2.pdbx_database_accession 
_database_2.pdbx_DOI 
PDB   8WQO         pdb_00008wqo 10.2210/pdb8wqo/pdb 
WWPDB D_1300041724 ?            ?                   
# 
loop_
_pdbx_audit_revision_history.ordinal 
_pdbx_audit_revision_history.data_content_type 
_pdbx_audit_revision_history.major_revision 
_pdbx_audit_revision_history.minor_revision 
_pdbx_audit_revision_history.revision_date 
1 'Structure model' 1 0 2024-07-24 
2 'Structure model' 1 1 2025-02-19 
# 
_pdbx_audit_revision_details.ordinal             1 
_pdbx_audit_revision_details.revision_ordinal    1 
_pdbx_audit_revision_details.data_content_type   'Structure model' 
_pdbx_audit_revision_details.provider            repository 
_pdbx_audit_revision_details.type                'Initial release' 
_pdbx_audit_revision_details.description         ? 
_pdbx_audit_revision_details.details             ? 
# 
loop_
_pdbx_audit_revision_group.ordinal 
_pdbx_audit_revision_group.revision_ordinal 
_pdbx_audit_revision_group.data_content_type 
_pdbx_audit_revision_group.group 
1 2 'Structure model' 'Database references' 
2 2 'Structure model' 'Structure summary'   
# 
loop_
_pdbx_audit_revision_category.ordinal 
_pdbx_audit_revision_category.revision_ordinal 
_pdbx_audit_revision_category.data_content_type 
_pdbx_audit_revision_category.category 
1 2 'Structure model' citation           
2 2 'Structure model' citation_author    
3 2 'Structure model' pdbx_entry_details 
# 
loop_
_pdbx_audit_revision_item.ordinal 
_pdbx_audit_revision_item.revision_ordinal 
_pdbx_audit_revision_item.data_content_type 
_pdbx_audit_revision_item.item 
1  2 'Structure model' '_citation.country'                            
2  2 'Structure model' '_citation.journal_abbrev'                     
3  2 'Structure model' '_citation.journal_id_ASTM'                    
4  2 'Structure model' '_citation.journal_id_CSD'                     
5  2 'Structure model' '_citation.journal_id_ISSN'                    
6  2 'Structure model' '_citation.journal_volume'                     
7  2 'Structure model' '_citation.page_first'                         
8  2 'Structure model' '_citation.page_last'                          
9  2 'Structure model' '_citation.pdbx_database_id_DOI'               
10 2 'Structure model' '_citation.pdbx_database_id_PubMed'            
11 2 'Structure model' '_citation.title'                              
12 2 'Structure model' '_citation.year'                               
13 2 'Structure model' '_pdbx_entry_details.has_protein_modification' 
# 
_pdbx_database_status.status_code                     REL 
_pdbx_database_status.status_code_sf                  REL 
_pdbx_database_status.status_code_mr                  ? 
_pdbx_database_status.entry_id                        8WQO 
_pdbx_database_status.recvd_initial_deposition_date   2023-10-12 
_pdbx_database_status.SG_entry                        N 
_pdbx_database_status.deposit_site                    PDBJ 
_pdbx_database_status.process_site                    PDBJ 
_pdbx_database_status.status_code_cs                  ? 
_pdbx_database_status.status_code_nmr_data            ? 
_pdbx_database_status.methods_development_category    ? 
_pdbx_database_status.pdb_format_compatible           Y 
# 
_pdbx_contact_author.id                 2 
_pdbx_contact_author.email              caody@simm.ac.cn 
_pdbx_contact_author.name_first         Danyan 
_pdbx_contact_author.name_last          Cao 
_pdbx_contact_author.name_mi            ? 
_pdbx_contact_author.role               'principal investigator/group leader' 
_pdbx_contact_author.identifier_ORCID   0000-0002-7716-1000 
# 
loop_
_audit_author.name 
_audit_author.pdbx_ordinal 
_audit_author.identifier_ORCID 
'Cao, D.'   1 ? 
'Xiong, B.' 2 ? 
# 
_citation.abstract                  ? 
_citation.abstract_id_CAS           ? 
_citation.book_id_ISBN              ? 
_citation.book_publisher            ? 
_citation.book_publisher_city       ? 
_citation.book_title                ? 
_citation.coordinate_linkage        ? 
_citation.country                   US 
_citation.database_id_Medline       ? 
_citation.details                   ? 
_citation.id                        primary 
_citation.journal_abbrev            J.Med.Chem. 
_citation.journal_id_ASTM           JMCMAR 
_citation.journal_id_CSD            0151 
_citation.journal_id_ISSN           0022-2623 
_citation.journal_full              ? 
_citation.journal_issue             ? 
_citation.journal_volume            68 
_citation.language                  ? 
_citation.page_first                1344 
_citation.page_last                 1364 
_citation.title                     
'Structure-Based Rational Design and Evaluation of BET-Aurora Kinase Dual-Inhibitors for Treatment of Cancers.' 
_citation.year                      2025 
_citation.database_id_CSD           ? 
_citation.pdbx_database_id_DOI      10.1021/acs.jmedchem.4c01933 
_citation.pdbx_database_id_PubMed   39844725 
_citation.pdbx_database_id_patent   ? 
_citation.unpublished_flag          ? 
# 
loop_
_citation_author.citation_id 
_citation_author.name 
_citation_author.ordinal 
_citation_author.identifier_ORCID 
primary 'Lyu, K.'   1  ?                   
primary 'Ren, Y.'   2  ?                   
primary 'Mou, J.'   3  ?                   
primary 'Yang, Y.'  4  ?                   
primary 'Pan, Y.'   5  ?                   
primary 'Zhang, H.' 6  ?                   
primary 'Li, Y.'    7  ?                   
primary 'Cao, D.'   8  ?                   
primary 'Chen, L.'  9  ?                   
primary 'Chen, D.'  10 ?                   
primary 'Guo, D.'   11 0000-0001-6142-4825 
primary 'Xiong, B.' 12 0000-0001-9776-8136 
# 
loop_
_entity.id 
_entity.type 
_entity.src_method 
_entity.pdbx_description 
_entity.formula_weight 
_entity.pdbx_number_of_molecules 
_entity.pdbx_ec 
_entity.pdbx_mutation 
_entity.pdbx_fragment 
_entity.details 
1 polymer     man 'Isoform C of Bromodomain-containing protein 4' 14740.049 1   ? ? 'bromodomain 1' ? 
2 non-polymer syn 
'(3~{R})-6-[[4-(3,5-dimethyl-1~{H}-pyrazol-4-yl)pyrimidin-2-yl]amino]-1,3-dimethyl-4-propan-2-yl-3~{H}-quinoxalin-2-one' 405.496   
1   ? ? ?               ? 
3 water       nat water 18.015    178 ? ? ?               ? 
# 
_entity_name_com.entity_id   1 
_entity_name_com.name        'Protein HUNK1' 
# 
_entity_poly.entity_id                      1 
_entity_poly.type                           'polypeptide(L)' 
_entity_poly.nstd_linkage                   no 
_entity_poly.nstd_monomer                   no 
_entity_poly.pdbx_seq_one_letter_code       
;SMNPPPPETSNPNKPKRQTNQLQYLLRVVLKTLWKHQFAWPFQQPVDAVKLNLPDYYKIIKTPMDMGTIKKRLENNYYWN
AQECIQDFNTMFTNCYIYNKPGDDIVLMAEALEKLFLQKINELP
;
_entity_poly.pdbx_seq_one_letter_code_can   
;SMNPPPPETSNPNKPKRQTNQLQYLLRVVLKTLWKHQFAWPFQQPVDAVKLNLPDYYKIIKTPMDMGTIKKRLENNYYWN
AQECIQDFNTMFTNCYIYNKPGDDIVLMAEALEKLFLQKINELP
;
_entity_poly.pdbx_strand_id                 A 
_entity_poly.pdbx_target_identifier         ? 
# 
loop_
_pdbx_entity_nonpoly.entity_id 
_pdbx_entity_nonpoly.name 
_pdbx_entity_nonpoly.comp_id 
2 '(3~{R})-6-[[4-(3,5-dimethyl-1~{H}-pyrazol-4-yl)pyrimidin-2-yl]amino]-1,3-dimethyl-4-propan-2-yl-3~{H}-quinoxalin-2-one' X3L 
3 water                                                                                                                    HOH 
# 
loop_
_entity_poly_seq.entity_id 
_entity_poly_seq.num 
_entity_poly_seq.mon_id 
_entity_poly_seq.hetero 
1 1   SER n 
1 2   MET n 
1 3   ASN n 
1 4   PRO n 
1 5   PRO n 
1 6   PRO n 
1 7   PRO n 
1 8   GLU n 
1 9   THR n 
1 10  SER n 
1 11  ASN n 
1 12  PRO n 
1 13  ASN n 
1 14  LYS n 
1 15  PRO n 
1 16  LYS n 
1 17  ARG n 
1 18  GLN n 
1 19  THR n 
1 20  ASN n 
1 21  GLN n 
1 22  LEU n 
1 23  GLN n 
1 24  TYR n 
1 25  LEU n 
1 26  LEU n 
1 27  ARG n 
1 28  VAL n 
1 29  VAL n 
1 30  LEU n 
1 31  LYS n 
1 32  THR n 
1 33  LEU n 
1 34  TRP n 
1 35  LYS n 
1 36  HIS n 
1 37  GLN n 
1 38  PHE n 
1 39  ALA n 
1 40  TRP n 
1 41  PRO n 
1 42  PHE n 
1 43  GLN n 
1 44  GLN n 
1 45  PRO n 
1 46  VAL n 
1 47  ASP n 
1 48  ALA n 
1 49  VAL n 
1 50  LYS n 
1 51  LEU n 
1 52  ASN n 
1 53  LEU n 
1 54  PRO n 
1 55  ASP n 
1 56  TYR n 
1 57  TYR n 
1 58  LYS n 
1 59  ILE n 
1 60  ILE n 
1 61  LYS n 
1 62  THR n 
1 63  PRO n 
1 64  MET n 
1 65  ASP n 
1 66  MET n 
1 67  GLY n 
1 68  THR n 
1 69  ILE n 
1 70  LYS n 
1 71  LYS n 
1 72  ARG n 
1 73  LEU n 
1 74  GLU n 
1 75  ASN n 
1 76  ASN n 
1 77  TYR n 
1 78  TYR n 
1 79  TRP n 
1 80  ASN n 
1 81  ALA n 
1 82  GLN n 
1 83  GLU n 
1 84  CYS n 
1 85  ILE n 
1 86  GLN n 
1 87  ASP n 
1 88  PHE n 
1 89  ASN n 
1 90  THR n 
1 91  MET n 
1 92  PHE n 
1 93  THR n 
1 94  ASN n 
1 95  CYS n 
1 96  TYR n 
1 97  ILE n 
1 98  TYR n 
1 99  ASN n 
1 100 LYS n 
1 101 PRO n 
1 102 GLY n 
1 103 ASP n 
1 104 ASP n 
1 105 ILE n 
1 106 VAL n 
1 107 LEU n 
1 108 MET n 
1 109 ALA n 
1 110 GLU n 
1 111 ALA n 
1 112 LEU n 
1 113 GLU n 
1 114 LYS n 
1 115 LEU n 
1 116 PHE n 
1 117 LEU n 
1 118 GLN n 
1 119 LYS n 
1 120 ILE n 
1 121 ASN n 
1 122 GLU n 
1 123 LEU n 
1 124 PRO n 
# 
_entity_src_gen.entity_id                          1 
_entity_src_gen.pdbx_src_id                        1 
_entity_src_gen.pdbx_alt_source_flag               sample 
_entity_src_gen.pdbx_seq_type                      'Biological sequence' 
_entity_src_gen.pdbx_beg_seq_num                   1 
_entity_src_gen.pdbx_end_seq_num                   124 
_entity_src_gen.gene_src_common_name               human 
_entity_src_gen.gene_src_genus                     ? 
_entity_src_gen.pdbx_gene_src_gene                 'BRD4, HUNK1' 
_entity_src_gen.gene_src_species                   ? 
_entity_src_gen.gene_src_strain                    ? 
_entity_src_gen.gene_src_tissue                    ? 
_entity_src_gen.gene_src_tissue_fraction           ? 
_entity_src_gen.gene_src_details                   ? 
_entity_src_gen.pdbx_gene_src_fragment             ? 
_entity_src_gen.pdbx_gene_src_scientific_name      'Homo sapiens' 
_entity_src_gen.pdbx_gene_src_ncbi_taxonomy_id     9606 
_entity_src_gen.pdbx_gene_src_variant              ? 
_entity_src_gen.pdbx_gene_src_cell_line            ? 
_entity_src_gen.pdbx_gene_src_atcc                 ? 
_entity_src_gen.pdbx_gene_src_organ                ? 
_entity_src_gen.pdbx_gene_src_organelle            ? 
_entity_src_gen.pdbx_gene_src_cell                 ? 
_entity_src_gen.pdbx_gene_src_cellular_location    ? 
_entity_src_gen.host_org_common_name               ? 
_entity_src_gen.pdbx_host_org_scientific_name      'Escherichia coli' 
_entity_src_gen.pdbx_host_org_ncbi_taxonomy_id     562 
_entity_src_gen.host_org_genus                     ? 
_entity_src_gen.pdbx_host_org_gene                 ? 
_entity_src_gen.pdbx_host_org_organ                ? 
_entity_src_gen.host_org_species                   ? 
_entity_src_gen.pdbx_host_org_tissue               ? 
_entity_src_gen.pdbx_host_org_tissue_fraction      ? 
_entity_src_gen.pdbx_host_org_strain               ? 
_entity_src_gen.pdbx_host_org_variant              ? 
_entity_src_gen.pdbx_host_org_cell_line            ? 
_entity_src_gen.pdbx_host_org_atcc                 ? 
_entity_src_gen.pdbx_host_org_culture_collection   ? 
_entity_src_gen.pdbx_host_org_cell                 ? 
_entity_src_gen.pdbx_host_org_organelle            ? 
_entity_src_gen.pdbx_host_org_cellular_location    ? 
_entity_src_gen.pdbx_host_org_vector_type          ? 
_entity_src_gen.pdbx_host_org_vector               ? 
_entity_src_gen.host_org_details                   ? 
_entity_src_gen.expression_system_id               ? 
_entity_src_gen.plasmid_name                       ? 
_entity_src_gen.plasmid_details                    ? 
_entity_src_gen.pdbx_description                   ? 
# 
loop_
_chem_comp.id 
_chem_comp.type 
_chem_comp.mon_nstd_flag 
_chem_comp.name 
_chem_comp.pdbx_synonyms 
_chem_comp.formula 
_chem_comp.formula_weight 
ALA 'L-peptide linking' y ALANINE ? 'C3 H7 N O2'     89.093  
ARG 'L-peptide linking' y ARGININE ? 'C6 H15 N4 O2 1' 175.209 
ASN 'L-peptide linking' y ASPARAGINE ? 'C4 H8 N2 O3'    132.118 
ASP 'L-peptide linking' y 'ASPARTIC ACID' ? 'C4 H7 N O4'     133.103 
CYS 'L-peptide linking' y CYSTEINE ? 'C3 H7 N O2 S'   121.158 
GLN 'L-peptide linking' y GLUTAMINE ? 'C5 H10 N2 O3'   146.144 
GLU 'L-peptide linking' y 'GLUTAMIC ACID' ? 'C5 H9 N O4'     147.129 
GLY 'peptide linking'   y GLYCINE ? 'C2 H5 N O2'     75.067  
HIS 'L-peptide linking' y HISTIDINE ? 'C6 H10 N3 O2 1' 156.162 
HOH non-polymer         . WATER ? 'H2 O'           18.015  
ILE 'L-peptide linking' y ISOLEUCINE ? 'C6 H13 N O2'    131.173 
LEU 'L-peptide linking' y LEUCINE ? 'C6 H13 N O2'    131.173 
LYS 'L-peptide linking' y LYSINE ? 'C6 H15 N2 O2 1' 147.195 
MET 'L-peptide linking' y METHIONINE ? 'C5 H11 N O2 S'  149.211 
PHE 'L-peptide linking' y PHENYLALANINE ? 'C9 H11 N O2'    165.189 
PRO 'L-peptide linking' y PROLINE ? 'C5 H9 N O2'     115.130 
SER 'L-peptide linking' y SERINE ? 'C3 H7 N O3'     105.093 
THR 'L-peptide linking' y THREONINE ? 'C4 H9 N O3'     119.119 
TRP 'L-peptide linking' y TRYPTOPHAN ? 'C11 H12 N2 O2'  204.225 
TYR 'L-peptide linking' y TYROSINE ? 'C9 H11 N O3'    181.189 
VAL 'L-peptide linking' y VALINE ? 'C5 H11 N O2'    117.146 
X3L non-polymer         . 
'(3~{R})-6-[[4-(3,5-dimethyl-1~{H}-pyrazol-4-yl)pyrimidin-2-yl]amino]-1,3-dimethyl-4-propan-2-yl-3~{H}-quinoxalin-2-one' ? 
'C22 H27 N7 O'   405.496 
# 
loop_
_pdbx_poly_seq_scheme.asym_id 
_pdbx_poly_seq_scheme.entity_id 
_pdbx_poly_seq_scheme.seq_id 
_pdbx_poly_seq_scheme.mon_id 
_pdbx_poly_seq_scheme.ndb_seq_num 
_pdbx_poly_seq_scheme.pdb_seq_num 
_pdbx_poly_seq_scheme.auth_seq_num 
_pdbx_poly_seq_scheme.pdb_mon_id 
_pdbx_poly_seq_scheme.auth_mon_id 
_pdbx_poly_seq_scheme.pdb_strand_id 
_pdbx_poly_seq_scheme.pdb_ins_code 
_pdbx_poly_seq_scheme.hetero 
A 1 1   SER 1   42  ?   ?   ?   A . n 
A 1 2   MET 2   43  43  MET MET A . n 
A 1 3   ASN 3   44  44  ASN ASN A . n 
A 1 4   PRO 4   45  45  PRO PRO A . n 
A 1 5   PRO 5   46  46  PRO PRO A . n 
A 1 6   PRO 6   47  47  PRO PRO A . n 
A 1 7   PRO 7   48  48  PRO PRO A . n 
A 1 8   GLU 8   49  49  GLU GLU A . n 
A 1 9   THR 9   50  50  THR THR A . n 
A 1 10  SER 10  51  51  SER SER A . n 
A 1 11  ASN 11  52  52  ASN ASN A . n 
A 1 12  PRO 12  53  53  PRO PRO A . n 
A 1 13  ASN 13  54  54  ASN ASN A . n 
A 1 14  LYS 14  55  55  LYS LYS A . n 
A 1 15  PRO 15  56  56  PRO PRO A . n 
A 1 16  LYS 16  57  57  LYS LYS A . n 
A 1 17  ARG 17  58  58  ARG ARG A . n 
A 1 18  GLN 18  59  59  GLN GLN A . n 
A 1 19  THR 19  60  60  THR THR A . n 
A 1 20  ASN 20  61  61  ASN ASN A . n 
A 1 21  GLN 21  62  62  GLN GLN A . n 
A 1 22  LEU 22  63  63  LEU LEU A . n 
A 1 23  GLN 23  64  64  GLN GLN A . n 
A 1 24  TYR 24  65  65  TYR TYR A . n 
A 1 25  LEU 25  66  66  LEU LEU A . n 
A 1 26  LEU 26  67  67  LEU LEU A . n 
A 1 27  ARG 27  68  68  ARG ARG A . n 
A 1 28  VAL 28  69  69  VAL VAL A . n 
A 1 29  VAL 29  70  70  VAL VAL A . n 
A 1 30  LEU 30  71  71  LEU LEU A . n 
A 1 31  LYS 31  72  72  LYS LYS A . n 
A 1 32  THR 32  73  73  THR THR A . n 
A 1 33  LEU 33  74  74  LEU LEU A . n 
A 1 34  TRP 34  75  75  TRP TRP A . n 
A 1 35  LYS 35  76  76  LYS LYS A . n 
A 1 36  HIS 36  77  77  HIS HIS A . n 
A 1 37  GLN 37  78  78  GLN GLN A . n 
A 1 38  PHE 38  79  79  PHE PHE A . n 
A 1 39  ALA 39  80  80  ALA ALA A . n 
A 1 40  TRP 40  81  81  TRP TRP A . n 
A 1 41  PRO 41  82  82  PRO PRO A . n 
A 1 42  PHE 42  83  83  PHE PHE A . n 
A 1 43  GLN 43  84  84  GLN GLN A . n 
A 1 44  GLN 44  85  85  GLN GLN A . n 
A 1 45  PRO 45  86  86  PRO PRO A . n 
A 1 46  VAL 46  87  87  VAL VAL A . n 
A 1 47  ASP 47  88  88  ASP ASP A . n 
A 1 48  ALA 48  89  89  ALA ALA A . n 
A 1 49  VAL 49  90  90  VAL VAL A . n 
A 1 50  LYS 50  91  91  LYS LYS A . n 
A 1 51  LEU 51  92  92  LEU LEU A . n 
A 1 52  ASN 52  93  93  ASN ASN A . n 
A 1 53  LEU 53  94  94  LEU LEU A . n 
A 1 54  PRO 54  95  95  PRO PRO A . n 
A 1 55  ASP 55  96  96  ASP ASP A . n 
A 1 56  TYR 56  97  97  TYR TYR A . n 
A 1 57  TYR 57  98  98  TYR TYR A . n 
A 1 58  LYS 58  99  99  LYS LYS A . n 
A 1 59  ILE 59  100 100 ILE ILE A . n 
A 1 60  ILE 60  101 101 ILE ILE A . n 
A 1 61  LYS 61  102 102 LYS LYS A . n 
A 1 62  THR 62  103 103 THR THR A . n 
A 1 63  PRO 63  104 104 PRO PRO A . n 
A 1 64  MET 64  105 105 MET MET A . n 
A 1 65  ASP 65  106 106 ASP ASP A . n 
A 1 66  MET 66  107 107 MET MET A . n 
A 1 67  GLY 67  108 108 GLY GLY A . n 
A 1 68  THR 68  109 109 THR THR A . n 
A 1 69  ILE 69  110 110 ILE ILE A . n 
A 1 70  LYS 70  111 111 LYS LYS A . n 
A 1 71  LYS 71  112 112 LYS LYS A . n 
A 1 72  ARG 72  113 113 ARG ARG A . n 
A 1 73  LEU 73  114 114 LEU LEU A . n 
A 1 74  GLU 74  115 115 GLU GLU A . n 
A 1 75  ASN 75  116 116 ASN ASN A . n 
A 1 76  ASN 76  117 117 ASN ASN A . n 
A 1 77  TYR 77  118 118 TYR TYR A . n 
A 1 78  TYR 78  119 119 TYR TYR A . n 
A 1 79  TRP 79  120 120 TRP TRP A . n 
A 1 80  ASN 80  121 121 ASN ASN A . n 
A 1 81  ALA 81  122 122 ALA ALA A . n 
A 1 82  GLN 82  123 123 GLN GLN A . n 
A 1 83  GLU 83  124 124 GLU GLU A . n 
A 1 84  CYS 84  125 125 CYS CYS A . n 
A 1 85  ILE 85  126 126 ILE ILE A . n 
A 1 86  GLN 86  127 127 GLN GLN A . n 
A 1 87  ASP 87  128 128 ASP ASP A . n 
A 1 88  PHE 88  129 129 PHE PHE A . n 
A 1 89  ASN 89  130 130 ASN ASN A . n 
A 1 90  THR 90  131 131 THR THR A . n 
A 1 91  MET 91  132 132 MET MET A . n 
A 1 92  PHE 92  133 133 PHE PHE A . n 
A 1 93  THR 93  134 134 THR THR A . n 
A 1 94  ASN 94  135 135 ASN ASN A . n 
A 1 95  CYS 95  136 136 CYS CYS A . n 
A 1 96  TYR 96  137 137 TYR TYR A . n 
A 1 97  ILE 97  138 138 ILE ILE A . n 
A 1 98  TYR 98  139 139 TYR TYR A . n 
A 1 99  ASN 99  140 140 ASN ASN A . n 
A 1 100 LYS 100 141 141 LYS LYS A . n 
A 1 101 PRO 101 142 142 PRO PRO A . n 
A 1 102 GLY 102 143 143 GLY GLY A . n 
A 1 103 ASP 103 144 144 ASP ASP A . n 
A 1 104 ASP 104 145 145 ASP ASP A . n 
A 1 105 ILE 105 146 146 ILE ILE A . n 
A 1 106 VAL 106 147 147 VAL VAL A . n 
A 1 107 LEU 107 148 148 LEU LEU A . n 
A 1 108 MET 108 149 149 MET MET A . n 
A 1 109 ALA 109 150 150 ALA ALA A . n 
A 1 110 GLU 110 151 151 GLU GLU A . n 
A 1 111 ALA 111 152 152 ALA ALA A . n 
A 1 112 LEU 112 153 153 LEU LEU A . n 
A 1 113 GLU 113 154 154 GLU GLU A . n 
A 1 114 LYS 114 155 155 LYS LYS A . n 
A 1 115 LEU 115 156 156 LEU LEU A . n 
A 1 116 PHE 116 157 157 PHE PHE A . n 
A 1 117 LEU 117 158 158 LEU LEU A . n 
A 1 118 GLN 118 159 159 GLN GLN A . n 
A 1 119 LYS 119 160 160 LYS LYS A . n 
A 1 120 ILE 120 161 161 ILE ILE A . n 
A 1 121 ASN 121 162 162 ASN ASN A . n 
A 1 122 GLU 122 163 163 GLU GLU A . n 
A 1 123 LEU 123 164 164 LEU LEU A . n 
A 1 124 PRO 124 165 165 PRO PRO A . n 
# 
_pdbx_entity_instance_feature.ordinal        1 
_pdbx_entity_instance_feature.comp_id        X3L 
_pdbx_entity_instance_feature.asym_id        ? 
_pdbx_entity_instance_feature.seq_num        ? 
_pdbx_entity_instance_feature.auth_comp_id   X3L 
_pdbx_entity_instance_feature.auth_asym_id   ? 
_pdbx_entity_instance_feature.auth_seq_num   ? 
_pdbx_entity_instance_feature.feature_type   'SUBJECT OF INVESTIGATION' 
_pdbx_entity_instance_feature.details        ? 
# 
loop_
_pdbx_nonpoly_scheme.asym_id 
_pdbx_nonpoly_scheme.entity_id 
_pdbx_nonpoly_scheme.mon_id 
_pdbx_nonpoly_scheme.ndb_seq_num 
_pdbx_nonpoly_scheme.pdb_seq_num 
_pdbx_nonpoly_scheme.auth_seq_num 
_pdbx_nonpoly_scheme.pdb_mon_id 
_pdbx_nonpoly_scheme.auth_mon_id 
_pdbx_nonpoly_scheme.pdb_strand_id 
_pdbx_nonpoly_scheme.pdb_ins_code 
B 2 X3L 1   201 201 X3L LIG A . 
C 3 HOH 1   301 26  HOH HOH A . 
C 3 HOH 2   302 84  HOH HOH A . 
C 3 HOH 3   303 62  HOH HOH A . 
C 3 HOH 4   304 35  HOH HOH A . 
C 3 HOH 5   305 137 HOH HOH A . 
C 3 HOH 6   306 124 HOH HOH A . 
C 3 HOH 7   307 4   HOH HOH A . 
C 3 HOH 8   308 16  HOH HOH A . 
C 3 HOH 9   309 172 HOH HOH A . 
C 3 HOH 10  310 111 HOH HOH A . 
C 3 HOH 11  311 134 HOH HOH A . 
C 3 HOH 12  312 45  HOH HOH A . 
C 3 HOH 13  313 30  HOH HOH A . 
C 3 HOH 14  314 112 HOH HOH A . 
C 3 HOH 15  315 126 HOH HOH A . 
C 3 HOH 16  316 6   HOH HOH A . 
C 3 HOH 17  317 28  HOH HOH A . 
C 3 HOH 18  318 44  HOH HOH A . 
C 3 HOH 19  319 18  HOH HOH A . 
C 3 HOH 20  320 9   HOH HOH A . 
C 3 HOH 21  321 190 HOH HOH A . 
C 3 HOH 22  322 131 HOH HOH A . 
C 3 HOH 23  323 57  HOH HOH A . 
C 3 HOH 24  324 22  HOH HOH A . 
C 3 HOH 25  325 174 HOH HOH A . 
C 3 HOH 26  326 195 HOH HOH A . 
C 3 HOH 27  327 68  HOH HOH A . 
C 3 HOH 28  328 85  HOH HOH A . 
C 3 HOH 29  329 49  HOH HOH A . 
C 3 HOH 30  330 116 HOH HOH A . 
C 3 HOH 31  331 157 HOH HOH A . 
C 3 HOH 32  332 132 HOH HOH A . 
C 3 HOH 33  333 17  HOH HOH A . 
C 3 HOH 34  334 149 HOH HOH A . 
C 3 HOH 35  335 14  HOH HOH A . 
C 3 HOH 36  336 83  HOH HOH A . 
C 3 HOH 37  337 40  HOH HOH A . 
C 3 HOH 38  338 11  HOH HOH A . 
C 3 HOH 39  339 71  HOH HOH A . 
C 3 HOH 40  340 78  HOH HOH A . 
C 3 HOH 41  341 60  HOH HOH A . 
C 3 HOH 42  342 185 HOH HOH A . 
C 3 HOH 43  343 179 HOH HOH A . 
C 3 HOH 44  344 12  HOH HOH A . 
C 3 HOH 45  345 46  HOH HOH A . 
C 3 HOH 46  346 184 HOH HOH A . 
C 3 HOH 47  347 38  HOH HOH A . 
C 3 HOH 48  348 90  HOH HOH A . 
C 3 HOH 49  349 3   HOH HOH A . 
C 3 HOH 50  350 48  HOH HOH A . 
C 3 HOH 51  351 152 HOH HOH A . 
C 3 HOH 52  352 24  HOH HOH A . 
C 3 HOH 53  353 32  HOH HOH A . 
C 3 HOH 54  354 37  HOH HOH A . 
C 3 HOH 55  355 121 HOH HOH A . 
C 3 HOH 56  356 97  HOH HOH A . 
C 3 HOH 57  357 36  HOH HOH A . 
C 3 HOH 58  358 2   HOH HOH A . 
C 3 HOH 59  359 5   HOH HOH A . 
C 3 HOH 60  360 31  HOH HOH A . 
C 3 HOH 61  361 56  HOH HOH A . 
C 3 HOH 62  362 79  HOH HOH A . 
C 3 HOH 63  363 103 HOH HOH A . 
C 3 HOH 64  364 176 HOH HOH A . 
C 3 HOH 65  365 1   HOH HOH A . 
C 3 HOH 66  366 21  HOH HOH A . 
C 3 HOH 67  367 120 HOH HOH A . 
C 3 HOH 68  368 27  HOH HOH A . 
C 3 HOH 69  369 13  HOH HOH A . 
C 3 HOH 70  370 29  HOH HOH A . 
C 3 HOH 71  371 42  HOH HOH A . 
C 3 HOH 72  372 99  HOH HOH A . 
C 3 HOH 73  373 93  HOH HOH A . 
C 3 HOH 74  374 43  HOH HOH A . 
C 3 HOH 75  375 82  HOH HOH A . 
C 3 HOH 76  376 19  HOH HOH A . 
C 3 HOH 77  377 58  HOH HOH A . 
C 3 HOH 78  378 15  HOH HOH A . 
C 3 HOH 79  379 70  HOH HOH A . 
C 3 HOH 80  380 65  HOH HOH A . 
C 3 HOH 81  381 51  HOH HOH A . 
C 3 HOH 82  382 25  HOH HOH A . 
C 3 HOH 83  383 50  HOH HOH A . 
C 3 HOH 84  384 100 HOH HOH A . 
C 3 HOH 85  385 177 HOH HOH A . 
C 3 HOH 86  386 146 HOH HOH A . 
C 3 HOH 87  387 159 HOH HOH A . 
C 3 HOH 88  388 147 HOH HOH A . 
C 3 HOH 89  389 74  HOH HOH A . 
C 3 HOH 90  390 10  HOH HOH A . 
C 3 HOH 91  391 143 HOH HOH A . 
C 3 HOH 92  392 102 HOH HOH A . 
C 3 HOH 93  393 20  HOH HOH A . 
C 3 HOH 94  394 59  HOH HOH A . 
C 3 HOH 95  395 133 HOH HOH A . 
C 3 HOH 96  396 7   HOH HOH A . 
C 3 HOH 97  397 39  HOH HOH A . 
C 3 HOH 98  398 91  HOH HOH A . 
C 3 HOH 99  399 175 HOH HOH A . 
C 3 HOH 100 400 119 HOH HOH A . 
C 3 HOH 101 401 96  HOH HOH A . 
C 3 HOH 102 402 86  HOH HOH A . 
C 3 HOH 103 403 92  HOH HOH A . 
C 3 HOH 104 404 76  HOH HOH A . 
C 3 HOH 105 405 191 HOH HOH A . 
C 3 HOH 106 406 171 HOH HOH A . 
C 3 HOH 107 407 125 HOH HOH A . 
C 3 HOH 108 408 34  HOH HOH A . 
C 3 HOH 109 409 135 HOH HOH A . 
C 3 HOH 110 410 33  HOH HOH A . 
C 3 HOH 111 411 162 HOH HOH A . 
C 3 HOH 112 412 138 HOH HOH A . 
C 3 HOH 113 413 63  HOH HOH A . 
C 3 HOH 114 414 67  HOH HOH A . 
C 3 HOH 115 415 98  HOH HOH A . 
C 3 HOH 116 416 94  HOH HOH A . 
C 3 HOH 117 417 108 HOH HOH A . 
C 3 HOH 118 418 53  HOH HOH A . 
C 3 HOH 119 419 164 HOH HOH A . 
C 3 HOH 120 420 136 HOH HOH A . 
C 3 HOH 121 421 101 HOH HOH A . 
C 3 HOH 122 422 8   HOH HOH A . 
C 3 HOH 123 423 158 HOH HOH A . 
C 3 HOH 124 424 109 HOH HOH A . 
C 3 HOH 125 425 160 HOH HOH A . 
C 3 HOH 126 426 75  HOH HOH A . 
C 3 HOH 127 427 173 HOH HOH A . 
C 3 HOH 128 428 165 HOH HOH A . 
C 3 HOH 129 429 167 HOH HOH A . 
C 3 HOH 130 430 107 HOH HOH A . 
C 3 HOH 131 431 47  HOH HOH A . 
C 3 HOH 132 432 192 HOH HOH A . 
C 3 HOH 133 433 113 HOH HOH A . 
C 3 HOH 134 434 144 HOH HOH A . 
C 3 HOH 135 435 166 HOH HOH A . 
C 3 HOH 136 436 114 HOH HOH A . 
C 3 HOH 137 437 178 HOH HOH A . 
C 3 HOH 138 438 156 HOH HOH A . 
C 3 HOH 139 439 129 HOH HOH A . 
C 3 HOH 140 440 73  HOH HOH A . 
C 3 HOH 141 441 89  HOH HOH A . 
C 3 HOH 142 442 127 HOH HOH A . 
C 3 HOH 143 443 169 HOH HOH A . 
C 3 HOH 144 444 186 HOH HOH A . 
C 3 HOH 145 445 54  HOH HOH A . 
C 3 HOH 146 446 194 HOH HOH A . 
C 3 HOH 147 447 180 HOH HOH A . 
C 3 HOH 148 448 77  HOH HOH A . 
C 3 HOH 149 449 182 HOH HOH A . 
C 3 HOH 150 450 72  HOH HOH A . 
C 3 HOH 151 451 145 HOH HOH A . 
C 3 HOH 152 452 155 HOH HOH A . 
C 3 HOH 153 453 87  HOH HOH A . 
C 3 HOH 154 454 193 HOH HOH A . 
C 3 HOH 155 455 23  HOH HOH A . 
C 3 HOH 156 456 154 HOH HOH A . 
C 3 HOH 157 457 64  HOH HOH A . 
C 3 HOH 158 458 115 HOH HOH A . 
C 3 HOH 159 459 55  HOH HOH A . 
C 3 HOH 160 460 151 HOH HOH A . 
C 3 HOH 161 461 153 HOH HOH A . 
C 3 HOH 162 462 150 HOH HOH A . 
C 3 HOH 163 463 130 HOH HOH A . 
C 3 HOH 164 464 88  HOH HOH A . 
C 3 HOH 165 465 105 HOH HOH A . 
C 3 HOH 166 466 52  HOH HOH A . 
C 3 HOH 167 467 95  HOH HOH A . 
C 3 HOH 168 468 66  HOH HOH A . 
C 3 HOH 169 469 81  HOH HOH A . 
C 3 HOH 170 470 161 HOH HOH A . 
C 3 HOH 171 471 123 HOH HOH A . 
C 3 HOH 172 472 61  HOH HOH A . 
C 3 HOH 173 473 189 HOH HOH A . 
C 3 HOH 174 474 142 HOH HOH A . 
C 3 HOH 175 475 187 HOH HOH A . 
C 3 HOH 176 476 110 HOH HOH A . 
C 3 HOH 177 477 170 HOH HOH A . 
C 3 HOH 178 478 104 HOH HOH A . 
# 
loop_
_pdbx_unobs_or_zero_occ_atoms.id 
_pdbx_unobs_or_zero_occ_atoms.PDB_model_num 
_pdbx_unobs_or_zero_occ_atoms.polymer_flag 
_pdbx_unobs_or_zero_occ_atoms.occupancy_flag 
_pdbx_unobs_or_zero_occ_atoms.auth_asym_id 
_pdbx_unobs_or_zero_occ_atoms.auth_comp_id 
_pdbx_unobs_or_zero_occ_atoms.auth_seq_id 
_pdbx_unobs_or_zero_occ_atoms.PDB_ins_code 
_pdbx_unobs_or_zero_occ_atoms.auth_atom_id 
_pdbx_unobs_or_zero_occ_atoms.label_alt_id 
_pdbx_unobs_or_zero_occ_atoms.label_asym_id 
_pdbx_unobs_or_zero_occ_atoms.label_comp_id 
_pdbx_unobs_or_zero_occ_atoms.label_seq_id 
_pdbx_unobs_or_zero_occ_atoms.label_atom_id 
1  1 Y 1 A GLN 59  ? CG  ? A GLN 18  CG  
2  1 Y 1 A GLN 59  ? CD  ? A GLN 18  CD  
3  1 Y 1 A GLN 59  ? OE1 ? A GLN 18  OE1 
4  1 Y 1 A GLN 59  ? NE2 ? A GLN 18  NE2 
5  1 Y 1 A LYS 72  ? CG  ? A LYS 31  CG  
6  1 Y 1 A LYS 72  ? CD  ? A LYS 31  CD  
7  1 Y 1 A LYS 72  ? CE  ? A LYS 31  CE  
8  1 Y 1 A LYS 72  ? NZ  ? A LYS 31  NZ  
9  1 Y 1 A GLN 78  ? CD  ? A GLN 37  CD  
10 1 Y 1 A GLN 78  ? OE1 ? A GLN 37  OE1 
11 1 Y 1 A GLN 78  ? NE2 ? A GLN 37  NE2 
12 1 Y 0 A GLN 78  ? CA  A A GLN 37  CA  
13 1 Y 0 A GLN 78  ? CB  A A GLN 37  CB  
14 1 Y 0 A GLN 78  ? CG  A A GLN 37  CG  
15 1 Y 1 A LYS 91  ? CD  ? A LYS 50  CD  
16 1 Y 1 A LYS 91  ? CE  ? A LYS 50  CE  
17 1 Y 1 A LYS 91  ? NZ  ? A LYS 50  NZ  
18 1 Y 1 A GLN 123 ? CD  ? A GLN 82  CD  
19 1 Y 1 A GLN 123 ? OE1 ? A GLN 82  OE1 
20 1 Y 1 A GLN 123 ? NE2 ? A GLN 82  NE2 
21 1 Y 1 A LYS 141 ? CE  ? A LYS 100 CE  
22 1 Y 1 A LYS 141 ? NZ  ? A LYS 100 NZ  
# 
loop_
_software.citation_id 
_software.classification 
_software.compiler_name 
_software.compiler_version 
_software.contact_author 
_software.contact_author_email 
_software.date 
_software.description 
_software.dependencies 
_software.hardware 
_software.language 
_software.location 
_software.mods 
_software.name 
_software.os 
_software.os_version 
_software.type 
_software.version 
_software.pdbx_ordinal 
? refinement     ? ? ? ? ? ? ? ? ? ? ? PHENIX  ? ? ? '(1.19.2_4158: ???)' 1 
? 'data scaling' ? ? ? ? ? ? ? ? ? ? ? Aimless ? ? ? .                    2 
# 
_cell.angle_alpha                  90.00 
_cell.angle_alpha_esd              ? 
_cell.angle_beta                   90.00 
_cell.angle_beta_esd               ? 
_cell.angle_gamma                  90.00 
_cell.angle_gamma_esd              ? 
_cell.entry_id                     8WQO 
_cell.details                      ? 
_cell.formula_units_Z              ? 
_cell.length_a                     37.523 
_cell.length_a_esd                 ? 
_cell.length_b                     46.314 
_cell.length_b_esd                 ? 
_cell.length_c                     77.251 
_cell.length_c_esd                 ? 
_cell.volume                       ? 
_cell.volume_esd                   ? 
_cell.Z_PDB                        4 
_cell.reciprocal_angle_alpha       ? 
_cell.reciprocal_angle_beta        ? 
_cell.reciprocal_angle_gamma       ? 
_cell.reciprocal_angle_alpha_esd   ? 
_cell.reciprocal_angle_beta_esd    ? 
_cell.reciprocal_angle_gamma_esd   ? 
_cell.reciprocal_length_a          ? 
_cell.reciprocal_length_b          ? 
_cell.reciprocal_length_c          ? 
_cell.reciprocal_length_a_esd      ? 
_cell.reciprocal_length_b_esd      ? 
_cell.reciprocal_length_c_esd      ? 
_cell.pdbx_unique_axis             ? 
_cell.pdbx_esd_method              ? 
# 
_symmetry.entry_id                         8WQO 
_symmetry.cell_setting                     ? 
_symmetry.Int_Tables_number                19 
_symmetry.space_group_name_Hall            ? 
_symmetry.space_group_name_H-M             'P 21 21 21' 
_symmetry.pdbx_full_space_group_name_H-M   ? 
# 
_exptl.absorpt_coefficient_mu     ? 
_exptl.absorpt_correction_T_max   ? 
_exptl.absorpt_correction_T_min   ? 
_exptl.absorpt_correction_type    ? 
_exptl.absorpt_process_details    ? 
_exptl.entry_id                   8WQO 
_exptl.crystals_number            1 
_exptl.details                    ? 
_exptl.method                     'X-RAY DIFFRACTION' 
_exptl.method_details             ? 
# 
_exptl_crystal.colour                       ? 
_exptl_crystal.density_diffrn               ? 
_exptl_crystal.density_Matthews             2.26 
_exptl_crystal.density_method               ? 
_exptl_crystal.density_percent_sol          45.51 
_exptl_crystal.description                  ? 
_exptl_crystal.F_000                        ? 
_exptl_crystal.id                           1 
_exptl_crystal.preparation                  ? 
_exptl_crystal.size_max                     ? 
_exptl_crystal.size_mid                     ? 
_exptl_crystal.size_min                     ? 
_exptl_crystal.size_rad                     ? 
_exptl_crystal.colour_lustre                ? 
_exptl_crystal.colour_modifier              ? 
_exptl_crystal.colour_primary               ? 
_exptl_crystal.density_meas                 ? 
_exptl_crystal.density_meas_esd             ? 
_exptl_crystal.density_meas_gt              ? 
_exptl_crystal.density_meas_lt              ? 
_exptl_crystal.density_meas_temp            ? 
_exptl_crystal.density_meas_temp_esd        ? 
_exptl_crystal.density_meas_temp_gt         ? 
_exptl_crystal.density_meas_temp_lt         ? 
_exptl_crystal.pdbx_crystal_image_url       ? 
_exptl_crystal.pdbx_crystal_image_format    ? 
_exptl_crystal.pdbx_mosaicity               ? 
_exptl_crystal.pdbx_mosaicity_esd           ? 
_exptl_crystal.pdbx_mosaic_method           ? 
_exptl_crystal.pdbx_mosaic_block_size       ? 
_exptl_crystal.pdbx_mosaic_block_size_esd   ? 
# 
_exptl_crystal_grow.apparatus       ? 
_exptl_crystal_grow.atmosphere      ? 
_exptl_crystal_grow.crystal_id      1 
_exptl_crystal_grow.details         ? 
_exptl_crystal_grow.method          'VAPOR DIFFUSION, HANGING DROP' 
_exptl_crystal_grow.method_ref      ? 
_exptl_crystal_grow.pH              ? 
_exptl_crystal_grow.pressure        ? 
_exptl_crystal_grow.pressure_esd    ? 
_exptl_crystal_grow.seeding         ? 
_exptl_crystal_grow.seeding_ref     ? 
_exptl_crystal_grow.temp_details    ? 
_exptl_crystal_grow.temp_esd        ? 
_exptl_crystal_grow.time            ? 
_exptl_crystal_grow.pdbx_details    '3.4 M sodium formate and 10 % glycerol' 
_exptl_crystal_grow.pdbx_pH_range   ? 
_exptl_crystal_grow.temp            293 
# 
_diffrn.ambient_environment              ? 
_diffrn.ambient_temp                     100 
_diffrn.ambient_temp_details             ? 
_diffrn.ambient_temp_esd                 ? 
_diffrn.crystal_id                       1 
_diffrn.crystal_support                  ? 
_diffrn.crystal_treatment                ? 
_diffrn.details                          ? 
_diffrn.id                               1 
_diffrn.ambient_pressure                 ? 
_diffrn.ambient_pressure_esd             ? 
_diffrn.ambient_pressure_gt              ? 
_diffrn.ambient_pressure_lt              ? 
_diffrn.ambient_temp_gt                  ? 
_diffrn.ambient_temp_lt                  ? 
_diffrn.pdbx_serial_crystal_experiment   N 
# 
_diffrn_detector.details                      ? 
_diffrn_detector.detector                     PIXEL 
_diffrn_detector.diffrn_id                    1 
_diffrn_detector.type                         'DECTRIS EIGER X 16M' 
_diffrn_detector.area_resol_mean              ? 
_diffrn_detector.dtime                        ? 
_diffrn_detector.pdbx_frames_total            ? 
_diffrn_detector.pdbx_collection_time_total   ? 
_diffrn_detector.pdbx_collection_date         2018-05-27 
_diffrn_detector.pdbx_frequency               ? 
_diffrn_detector.id                           ? 
_diffrn_detector.number_of_axes               ? 
# 
_diffrn_radiation.collimation                      ? 
_diffrn_radiation.diffrn_id                        1 
_diffrn_radiation.filter_edge                      ? 
_diffrn_radiation.inhomogeneity                    ? 
_diffrn_radiation.monochromator                    ? 
_diffrn_radiation.polarisn_norm                    ? 
_diffrn_radiation.polarisn_ratio                   ? 
_diffrn_radiation.probe                            ? 
_diffrn_radiation.type                             ? 
_diffrn_radiation.xray_symbol                      ? 
_diffrn_radiation.wavelength_id                    1 
_diffrn_radiation.pdbx_monochromatic_or_laue_m_l   M 
_diffrn_radiation.pdbx_wavelength_list             ? 
_diffrn_radiation.pdbx_wavelength                  ? 
_diffrn_radiation.pdbx_diffrn_protocol             'SINGLE WAVELENGTH' 
_diffrn_radiation.pdbx_analyzer                    ? 
_diffrn_radiation.pdbx_scattering_type             x-ray 
# 
_diffrn_radiation_wavelength.id           1 
_diffrn_radiation_wavelength.wavelength   0.97918 
_diffrn_radiation_wavelength.wt           1.0 
# 
_diffrn_source.current                     ? 
_diffrn_source.details                     ? 
_diffrn_source.diffrn_id                   1 
_diffrn_source.power                       ? 
_diffrn_source.size                        ? 
_diffrn_source.source                      SYNCHROTRON 
_diffrn_source.target                      ? 
_diffrn_source.type                        'SSRF BEAMLINE BL17U1' 
_diffrn_source.voltage                     ? 
_diffrn_source.take-off_angle              ? 
_diffrn_source.pdbx_wavelength_list        0.97918 
_diffrn_source.pdbx_wavelength             ? 
_diffrn_source.pdbx_synchrotron_beamline   BL17U1 
_diffrn_source.pdbx_synchrotron_site       SSRF 
# 
_reflns.B_iso_Wilson_estimate                          ? 
_reflns.entry_id                                       8WQO 
_reflns.data_reduction_details                         ? 
_reflns.data_reduction_method                          ? 
_reflns.d_resolution_high                              1.13 
_reflns.d_resolution_low                               38.63 
_reflns.details                                        ? 
_reflns.limit_h_max                                    ? 
_reflns.limit_h_min                                    ? 
_reflns.limit_k_max                                    ? 
_reflns.limit_k_min                                    ? 
_reflns.limit_l_max                                    ? 
_reflns.limit_l_min                                    ? 
_reflns.number_all                                     ? 
_reflns.number_obs                                     80245 
_reflns.observed_criterion                             ? 
_reflns.observed_criterion_F_max                       ? 
_reflns.observed_criterion_F_min                       ? 
_reflns.observed_criterion_I_max                       ? 
_reflns.observed_criterion_I_min                       ? 
_reflns.observed_criterion_sigma_F                     ? 
_reflns.observed_criterion_sigma_I                     ? 
_reflns.percent_possible_obs                           83.5 
_reflns.R_free_details                                 ? 
_reflns.Rmerge_F_all                                   ? 
_reflns.Rmerge_F_obs                                   ? 
_reflns.Friedel_coverage                               ? 
_reflns.number_gt                                      ? 
_reflns.threshold_expression                           ? 
_reflns.pdbx_redundancy                                10.9 
_reflns.pdbx_netI_over_av_sigmaI                       ? 
_reflns.pdbx_netI_over_sigmaI                          29.1 
_reflns.pdbx_res_netI_over_av_sigmaI_2                 ? 
_reflns.pdbx_res_netI_over_sigmaI_2                    ? 
_reflns.pdbx_chi_squared                               1.01 
_reflns.pdbx_scaling_rejects                           ? 
_reflns.pdbx_d_res_high_opt                            ? 
_reflns.pdbx_d_res_low_opt                             ? 
_reflns.pdbx_d_res_opt_method                          ? 
_reflns.phase_calculation_details                      ? 
_reflns.pdbx_Rrim_I_all                                0.064 
_reflns.pdbx_Rpim_I_all                                0.019 
_reflns.pdbx_d_opt                                     ? 
_reflns.pdbx_number_measured_all                       ? 
_reflns.pdbx_diffrn_id                                 1 
_reflns.pdbx_ordinal                                   1 
_reflns.pdbx_CC_half                                   0.997 
_reflns.pdbx_CC_star                                   ? 
_reflns.pdbx_R_split                                   ? 
_reflns.pdbx_Rmerge_I_obs                              0.061 
_reflns.pdbx_Rmerge_I_all                              ? 
_reflns.pdbx_Rsym_value                                ? 
_reflns.pdbx_CC_split_method                           ? 
_reflns.pdbx_aniso_diffraction_limit_axis_1_ortho[1]   ? 
_reflns.pdbx_aniso_diffraction_limit_axis_1_ortho[2]   ? 
_reflns.pdbx_aniso_diffraction_limit_axis_1_ortho[3]   ? 
_reflns.pdbx_aniso_diffraction_limit_axis_2_ortho[1]   ? 
_reflns.pdbx_aniso_diffraction_limit_axis_2_ortho[2]   ? 
_reflns.pdbx_aniso_diffraction_limit_axis_2_ortho[3]   ? 
_reflns.pdbx_aniso_diffraction_limit_axis_3_ortho[1]   ? 
_reflns.pdbx_aniso_diffraction_limit_axis_3_ortho[2]   ? 
_reflns.pdbx_aniso_diffraction_limit_axis_3_ortho[3]   ? 
_reflns.pdbx_aniso_diffraction_limit_1                 ? 
_reflns.pdbx_aniso_diffraction_limit_2                 ? 
_reflns.pdbx_aniso_diffraction_limit_3                 ? 
_reflns.pdbx_aniso_B_tensor_eigenvector_1_ortho[1]     ? 
_reflns.pdbx_aniso_B_tensor_eigenvector_1_ortho[2]     ? 
_reflns.pdbx_aniso_B_tensor_eigenvector_1_ortho[3]     ? 
_reflns.pdbx_aniso_B_tensor_eigenvector_2_ortho[1]     ? 
_reflns.pdbx_aniso_B_tensor_eigenvector_2_ortho[2]     ? 
_reflns.pdbx_aniso_B_tensor_eigenvector_2_ortho[3]     ? 
_reflns.pdbx_aniso_B_tensor_eigenvector_3_ortho[1]     ? 
_reflns.pdbx_aniso_B_tensor_eigenvector_3_ortho[2]     ? 
_reflns.pdbx_aniso_B_tensor_eigenvector_3_ortho[3]     ? 
_reflns.pdbx_aniso_B_tensor_eigenvalue_1               ? 
_reflns.pdbx_aniso_B_tensor_eigenvalue_2               ? 
_reflns.pdbx_aniso_B_tensor_eigenvalue_3               ? 
_reflns.pdbx_orthogonalization_convention              ? 
_reflns.pdbx_percent_possible_ellipsoidal              ? 
_reflns.pdbx_percent_possible_spherical                ? 
_reflns.pdbx_percent_possible_ellipsoidal_anomalous    ? 
_reflns.pdbx_percent_possible_spherical_anomalous      ? 
_reflns.pdbx_redundancy_anomalous                      ? 
_reflns.pdbx_CC_half_anomalous                         ? 
_reflns.pdbx_absDiff_over_sigma_anomalous              ? 
_reflns.pdbx_percent_possible_anomalous                ? 
_reflns.pdbx_observed_signal_threshold                 ? 
_reflns.pdbx_signal_type                               ? 
_reflns.pdbx_signal_details                            ? 
_reflns.pdbx_signal_software_id                        ? 
# 
_reflns_shell.d_res_high                                    1.13 
_reflns_shell.d_res_low                                     1.19 
_reflns_shell.meanI_over_sigI_all                           ? 
_reflns_shell.meanI_over_sigI_obs                           ? 
_reflns_shell.number_measured_all                           8351 
_reflns_shell.number_measured_obs                           ? 
_reflns_shell.number_possible                               ? 
_reflns_shell.number_unique_all                             ? 
_reflns_shell.number_unique_obs                             2095 
_reflns_shell.percent_possible_obs                          29.1 
_reflns_shell.Rmerge_F_all                                  ? 
_reflns_shell.Rmerge_F_obs                                  ? 
_reflns_shell.meanI_over_sigI_gt                            ? 
_reflns_shell.meanI_over_uI_all                             ? 
_reflns_shell.meanI_over_uI_gt                              ? 
_reflns_shell.number_measured_gt                            ? 
_reflns_shell.number_unique_gt                              ? 
_reflns_shell.percent_possible_gt                           ? 
_reflns_shell.Rmerge_F_gt                                   ? 
_reflns_shell.Rmerge_I_gt                                   ? 
_reflns_shell.pdbx_redundancy                               4.0 
_reflns_shell.pdbx_chi_squared                              1.11 
_reflns_shell.pdbx_netI_over_sigmaI_all                     ? 
_reflns_shell.pdbx_netI_over_sigmaI_obs                     6.4 
_reflns_shell.pdbx_Rrim_I_all                               0.269 
_reflns_shell.pdbx_Rpim_I_all                               0.132 
_reflns_shell.pdbx_rejects                                  ? 
_reflns_shell.pdbx_ordinal                                  1 
_reflns_shell.pdbx_diffrn_id                                1 
_reflns_shell.pdbx_CC_half                                  0.963 
_reflns_shell.pdbx_CC_star                                  ? 
_reflns_shell.pdbx_R_split                                  ? 
_reflns_shell.percent_possible_all                          ? 
_reflns_shell.Rmerge_I_all                                  ? 
_reflns_shell.Rmerge_I_obs                                  0.232 
_reflns_shell.pdbx_Rsym_value                               ? 
_reflns_shell.pdbx_percent_possible_ellipsoidal             ? 
_reflns_shell.pdbx_percent_possible_spherical               ? 
_reflns_shell.pdbx_percent_possible_ellipsoidal_anomalous   ? 
_reflns_shell.pdbx_percent_possible_spherical_anomalous     ? 
_reflns_shell.pdbx_redundancy_anomalous                     ? 
_reflns_shell.pdbx_CC_half_anomalous                        ? 
_reflns_shell.pdbx_absDiff_over_sigma_anomalous             ? 
_reflns_shell.pdbx_percent_possible_anomalous               ? 
# 
_refine.aniso_B[1][1]                            ? 
_refine.aniso_B[1][2]                            ? 
_refine.aniso_B[1][3]                            ? 
_refine.aniso_B[2][2]                            ? 
_refine.aniso_B[2][3]                            ? 
_refine.aniso_B[3][3]                            ? 
_refine.B_iso_max                                ? 
_refine.B_iso_mean                               ? 
_refine.B_iso_min                                ? 
_refine.correlation_coeff_Fo_to_Fc               ? 
_refine.correlation_coeff_Fo_to_Fc_free          ? 
_refine.details                                  ? 
_refine.diff_density_max                         ? 
_refine.diff_density_max_esd                     ? 
_refine.diff_density_min                         ? 
_refine.diff_density_min_esd                     ? 
_refine.diff_density_rms                         ? 
_refine.diff_density_rms_esd                     ? 
_refine.entry_id                                 8WQO 
_refine.pdbx_refine_id                           'X-RAY DIFFRACTION' 
_refine.ls_abs_structure_details                 ? 
_refine.ls_abs_structure_Flack                   ? 
_refine.ls_abs_structure_Flack_esd               ? 
_refine.ls_abs_structure_Rogers                  ? 
_refine.ls_abs_structure_Rogers_esd              ? 
_refine.ls_d_res_high                            1.13 
_refine.ls_d_res_low                             38.63 
_refine.ls_extinction_coef                       ? 
_refine.ls_extinction_coef_esd                   ? 
_refine.ls_extinction_expression                 ? 
_refine.ls_extinction_method                     ? 
_refine.ls_goodness_of_fit_all                   ? 
_refine.ls_goodness_of_fit_all_esd               ? 
_refine.ls_goodness_of_fit_obs                   ? 
_refine.ls_goodness_of_fit_obs_esd               ? 
_refine.ls_hydrogen_treatment                    ? 
_refine.ls_matrix_type                           ? 
_refine.ls_number_constraints                    ? 
_refine.ls_number_parameters                     ? 
_refine.ls_number_reflns_all                     ? 
_refine.ls_number_reflns_obs                     80245 
_refine.ls_number_reflns_R_free                  3776 
_refine.ls_number_reflns_R_work                  ? 
_refine.ls_number_restraints                     ? 
_refine.ls_percent_reflns_obs                    82.86 
_refine.ls_percent_reflns_R_free                 4.71 
_refine.ls_R_factor_all                          ? 
_refine.ls_R_factor_obs                          0.1992 
_refine.ls_R_factor_R_free                       0.2122 
_refine.ls_R_factor_R_free_error                 ? 
_refine.ls_R_factor_R_free_error_details         ? 
_refine.ls_R_factor_R_work                       0.1986 
_refine.ls_R_Fsqd_factor_obs                     ? 
_refine.ls_R_I_factor_obs                        ? 
_refine.ls_redundancy_reflns_all                 ? 
_refine.ls_redundancy_reflns_obs                 ? 
_refine.ls_restrained_S_all                      ? 
_refine.ls_restrained_S_obs                      ? 
_refine.ls_shift_over_esd_max                    ? 
_refine.ls_shift_over_esd_mean                   ? 
_refine.ls_structure_factor_coef                 ? 
_refine.ls_weighting_details                     ? 
_refine.ls_weighting_scheme                      ? 
_refine.ls_wR_factor_all                         ? 
_refine.ls_wR_factor_obs                         ? 
_refine.ls_wR_factor_R_free                      ? 
_refine.ls_wR_factor_R_work                      ? 
_refine.occupancy_max                            ? 
_refine.occupancy_min                            ? 
_refine.solvent_model_details                    'FLAT BULK SOLVENT MODEL' 
_refine.solvent_model_param_bsol                 ? 
_refine.solvent_model_param_ksol                 ? 
_refine.pdbx_R_complete                          ? 
_refine.ls_R_factor_gt                           ? 
_refine.ls_goodness_of_fit_gt                    ? 
_refine.ls_goodness_of_fit_ref                   ? 
_refine.ls_shift_over_su_max                     ? 
_refine.ls_shift_over_su_max_lt                  ? 
_refine.ls_shift_over_su_mean                    ? 
_refine.ls_shift_over_su_mean_lt                 ? 
_refine.pdbx_ls_sigma_I                          ? 
_refine.pdbx_ls_sigma_F                          1.38 
_refine.pdbx_ls_sigma_Fsqd                       ? 
_refine.pdbx_data_cutoff_high_absF               ? 
_refine.pdbx_data_cutoff_high_rms_absF           ? 
_refine.pdbx_data_cutoff_low_absF                ? 
_refine.pdbx_isotropic_thermal_model             ? 
_refine.pdbx_ls_cross_valid_method               THROUGHOUT 
_refine.pdbx_method_to_determine_struct          'MOLECULAR REPLACEMENT' 
_refine.pdbx_starting_model                      ? 
_refine.pdbx_stereochemistry_target_values       ML 
_refine.pdbx_R_Free_selection_details            ? 
_refine.pdbx_stereochem_target_val_spec_case     ? 
_refine.pdbx_overall_ESU_R                       ? 
_refine.pdbx_overall_ESU_R_Free                  ? 
_refine.pdbx_solvent_vdw_probe_radii             1.11 
_refine.pdbx_solvent_ion_probe_radii             ? 
_refine.pdbx_solvent_shrinkage_radii             0.90 
_refine.pdbx_real_space_R                        ? 
_refine.pdbx_density_correlation                 ? 
_refine.pdbx_pd_number_of_powder_patterns        ? 
_refine.pdbx_pd_number_of_points                 ? 
_refine.pdbx_pd_meas_number_of_points            ? 
_refine.pdbx_pd_proc_ls_prof_R_factor            ? 
_refine.pdbx_pd_proc_ls_prof_wR_factor           ? 
_refine.pdbx_pd_Marquardt_correlation_coeff      ? 
_refine.pdbx_pd_Fsqrd_R_factor                   ? 
_refine.pdbx_pd_ls_matrix_band_width             ? 
_refine.pdbx_overall_phase_error                 24.90 
_refine.pdbx_overall_SU_R_free_Cruickshank_DPI   ? 
_refine.pdbx_overall_SU_R_free_Blow_DPI          ? 
_refine.pdbx_overall_SU_R_Blow_DPI               ? 
_refine.pdbx_TLS_residual_ADP_flag               ? 
_refine.pdbx_diffrn_id                           1 
_refine.overall_SU_B                             ? 
_refine.overall_SU_ML                            0.09 
_refine.overall_SU_R_Cruickshank_DPI             ? 
_refine.overall_SU_R_free                        ? 
_refine.overall_FOM_free_R_set                   ? 
_refine.overall_FOM_work_R_set                   ? 
_refine.pdbx_average_fsc_overall                 ? 
_refine.pdbx_average_fsc_work                    ? 
_refine.pdbx_average_fsc_free                    ? 
# 
_refine_hist.pdbx_refine_id                   'X-RAY DIFFRACTION' 
_refine_hist.cycle_id                         LAST 
_refine_hist.details                          ? 
_refine_hist.d_res_high                       1.13 
_refine_hist.d_res_low                        38.63 
_refine_hist.number_atoms_solvent             178 
_refine_hist.number_atoms_total               1219 
_refine_hist.number_reflns_all                ? 
_refine_hist.number_reflns_obs                ? 
_refine_hist.number_reflns_R_free             ? 
_refine_hist.number_reflns_R_work             ? 
_refine_hist.R_factor_all                     ? 
_refine_hist.R_factor_obs                     ? 
_refine_hist.R_factor_R_free                  ? 
_refine_hist.R_factor_R_work                  ? 
_refine_hist.pdbx_number_residues_total       ? 
_refine_hist.pdbx_B_iso_mean_ligand           ? 
_refine_hist.pdbx_B_iso_mean_solvent          ? 
_refine_hist.pdbx_number_atoms_protein        1041 
_refine_hist.pdbx_number_atoms_nucleic_acid   0 
_refine_hist.pdbx_number_atoms_ligand         0 
_refine_hist.pdbx_number_atoms_lipid          ? 
_refine_hist.pdbx_number_atoms_carb           ? 
_refine_hist.pdbx_pseudo_atom_details         ? 
# 
loop_
_refine_ls_restr.pdbx_refine_id 
_refine_ls_restr.criterion 
_refine_ls_restr.dev_ideal 
_refine_ls_restr.dev_ideal_target 
_refine_ls_restr.number 
_refine_ls_restr.rejects 
_refine_ls_restr.type 
_refine_ls_restr.weight 
_refine_ls_restr.pdbx_restraint_function 
'X-RAY DIFFRACTION' ? 0.006  ? 1095 ? f_bond_d           ? ? 
'X-RAY DIFFRACTION' ? 1.060  ? 1505 ? f_angle_d          ? ? 
'X-RAY DIFFRACTION' ? 16.365 ? 148  ? f_dihedral_angle_d ? ? 
'X-RAY DIFFRACTION' ? 0.083  ? 161  ? f_chiral_restr     ? ? 
'X-RAY DIFFRACTION' ? 0.009  ? 191  ? f_plane_restr      ? ? 
# 
loop_
_refine_ls_shell.pdbx_refine_id 
_refine_ls_shell.d_res_high 
_refine_ls_shell.d_res_low 
_refine_ls_shell.number_reflns_all 
_refine_ls_shell.number_reflns_obs 
_refine_ls_shell.number_reflns_R_free 
_refine_ls_shell.number_reflns_R_work 
_refine_ls_shell.percent_reflns_obs 
_refine_ls_shell.percent_reflns_R_free 
_refine_ls_shell.R_factor_all 
_refine_ls_shell.R_factor_obs 
_refine_ls_shell.R_factor_R_free_error 
_refine_ls_shell.R_factor_R_work 
_refine_ls_shell.redundancy_reflns_all 
_refine_ls_shell.redundancy_reflns_obs 
_refine_ls_shell.wR_factor_all 
_refine_ls_shell.wR_factor_obs 
_refine_ls_shell.wR_factor_R_free 
_refine_ls_shell.wR_factor_R_work 
_refine_ls_shell.pdbx_R_complete 
_refine_ls_shell.pdbx_total_number_of_bins_used 
_refine_ls_shell.pdbx_phase_error 
_refine_ls_shell.pdbx_fsc_work 
_refine_ls_shell.pdbx_fsc_free 
_refine_ls_shell.R_factor_R_free 
'X-RAY DIFFRACTION' 1.13 1.15  . . 17  339  10.00  . . . . 0.3053 . . . . . . . . . . . 0.4676 
'X-RAY DIFFRACTION' 1.15 1.16  . . 34  758  22.00  . . . . 0.2475 . . . . . . . . . . . 0.3336 
'X-RAY DIFFRACTION' 1.16 1.18  . . 55  1155 34.00  . . . . 0.2380 . . . . . . . . . . . 0.3456 
'X-RAY DIFFRACTION' 1.18 1.19  . . 75  1560 45.00  . . . . 0.2220 . . . . . . . . . . . 0.2651 
'X-RAY DIFFRACTION' 1.19 1.21  . . 90  1816 53.00  . . . . 0.2252 . . . . . . . . . . . 0.2291 
'X-RAY DIFFRACTION' 1.21 1.23  . . 106 2080 61.00  . . . . 0.2123 . . . . . . . . . . . 0.2787 
'X-RAY DIFFRACTION' 1.23 1.25  . . 120 2356 68.00  . . . . 0.2098 . . . . . . . . . . . 0.2161 
'X-RAY DIFFRACTION' 1.25 1.27  . . 130 2584 78.00  . . . . 0.2027 . . . . . . . . . . . 0.2650 
'X-RAY DIFFRACTION' 1.27 1.30  . . 147 2962 85.00  . . . . 0.2113 . . . . . . . . . . . 0.2378 
'X-RAY DIFFRACTION' 1.30 1.32  . . 155 3098 92.00  . . . . 0.2082 . . . . . . . . . . . 0.2137 
'X-RAY DIFFRACTION' 1.32 1.35  . . 163 3300 97.00  . . . . 0.2124 . . . . . . . . . . . 0.2310 
'X-RAY DIFFRACTION' 1.35 1.38  . . 169 3367 99.00  . . . . 0.2096 . . . . . . . . . . . 0.1896 
'X-RAY DIFFRACTION' 1.38 1.41  . . 169 3400 100.00 . . . . 0.2105 . . . . . . . . . . . 0.2238 
'X-RAY DIFFRACTION' 1.41 1.44  . . 169 3442 100.00 . . . . 0.1978 . . . . . . . . . . . 0.2292 
'X-RAY DIFFRACTION' 1.44 1.48  . . 169 3404 100.00 . . . . 0.2043 . . . . . . . . . . . 0.1868 
'X-RAY DIFFRACTION' 1.48 1.53  . . 170 3403 100.00 . . . . 0.1983 . . . . . . . . . . . 0.2371 
'X-RAY DIFFRACTION' 1.53 1.58  . . 170 3428 100.00 . . . . 0.1975 . . . . . . . . . . . 0.2417 
'X-RAY DIFFRACTION' 1.58 1.63  . . 170 3407 100.00 . . . . 0.1967 . . . . . . . . . . . 0.2503 
'X-RAY DIFFRACTION' 1.63 1.70  . . 167 3414 100.00 . . . . 0.1976 . . . . . . . . . . . 0.1777 
'X-RAY DIFFRACTION' 1.70 1.78  . . 169 3442 100.00 . . . . 0.2084 . . . . . . . . . . . 0.2015 
'X-RAY DIFFRACTION' 1.78 1.87  . . 168 3414 100.00 . . . . 0.2117 . . . . . . . . . . . 0.1781 
'X-RAY DIFFRACTION' 1.87 1.99  . . 157 3418 100.00 . . . . 0.2014 . . . . . . . . . . . 0.2217 
'X-RAY DIFFRACTION' 1.99 2.14  . . 166 3400 100.00 . . . . 0.1924 . . . . . . . . . . . 0.1789 
'X-RAY DIFFRACTION' 2.14 2.35  . . 167 3394 100.00 . . . . 0.1946 . . . . . . . . . . . 0.2018 
'X-RAY DIFFRACTION' 2.36 2.69  . . 172 3435 100.00 . . . . 0.2066 . . . . . . . . . . . 0.2400 
'X-RAY DIFFRACTION' 2.70 3.40  . . 173 3392 100.00 . . . . 0.2017 . . . . . . . . . . . 0.2037 
'X-RAY DIFFRACTION' 3.40 38.63 . . 159 3301 96.00  . . . . 0.1796 . . . . . . . . . . . 0.2093 
# 
_struct.entry_id                     8WQO 
_struct.title                        'Crystal structure of BRD4-BD1 bound with DI106' 
_struct.pdbx_model_details           ? 
_struct.pdbx_formula_weight          ? 
_struct.pdbx_formula_weight_method   ? 
_struct.pdbx_model_type_details      ? 
_struct.pdbx_CASP_flag               N 
# 
_struct_keywords.entry_id        8WQO 
_struct_keywords.text            'inhibitor, TRANSCRIPTION' 
_struct_keywords.pdbx_keywords   TRANSCRIPTION 
# 
loop_
_struct_asym.id 
_struct_asym.pdbx_blank_PDB_chainid_flag 
_struct_asym.pdbx_modified 
_struct_asym.entity_id 
_struct_asym.details 
A N N 1 ? 
B N N 2 ? 
C N N 3 ? 
# 
_struct_ref.id                         1 
_struct_ref.db_name                    UNP 
_struct_ref.db_code                    BRD4_HUMAN 
_struct_ref.pdbx_db_accession          O60885 
_struct_ref.pdbx_db_isoform            O60885-2 
_struct_ref.entity_id                  1 
_struct_ref.pdbx_seq_one_letter_code   
;STNPPPPETSNPNKPKRQTNQLQYLLRVVLKTLWKHQFAWPFQQPVDAVKLNLPDYYKIIKTPMDMGTIKKRLENNYYWN
AQECIQDFNTMFTNCYIYNKPGDDIVLMAEALEKLFLQKINELP
;
_struct_ref.pdbx_align_begin           42 
# 
_struct_ref_seq.align_id                      1 
_struct_ref_seq.ref_id                        1 
_struct_ref_seq.pdbx_PDB_id_code              8WQO 
_struct_ref_seq.pdbx_strand_id                A 
_struct_ref_seq.seq_align_beg                 1 
_struct_ref_seq.pdbx_seq_align_beg_ins_code   ? 
_struct_ref_seq.seq_align_end                 124 
_struct_ref_seq.pdbx_seq_align_end_ins_code   ? 
_struct_ref_seq.pdbx_db_accession             O60885 
_struct_ref_seq.db_align_beg                  42 
_struct_ref_seq.pdbx_db_align_beg_ins_code    ? 
_struct_ref_seq.db_align_end                  165 
_struct_ref_seq.pdbx_db_align_end_ins_code    ? 
_struct_ref_seq.pdbx_auth_seq_align_beg       42 
_struct_ref_seq.pdbx_auth_seq_align_end       165 
# 
_struct_ref_seq_dif.align_id                     1 
_struct_ref_seq_dif.pdbx_pdb_id_code             8WQO 
_struct_ref_seq_dif.mon_id                       MET 
_struct_ref_seq_dif.pdbx_pdb_strand_id           A 
_struct_ref_seq_dif.seq_num                      2 
_struct_ref_seq_dif.pdbx_pdb_ins_code            ? 
_struct_ref_seq_dif.pdbx_seq_db_name             UNP 
_struct_ref_seq_dif.pdbx_seq_db_accession_code   O60885 
_struct_ref_seq_dif.db_mon_id                    THR 
_struct_ref_seq_dif.pdbx_seq_db_seq_num          43 
_struct_ref_seq_dif.details                      conflict 
_struct_ref_seq_dif.pdbx_auth_seq_num            43 
_struct_ref_seq_dif.pdbx_ordinal                 1 
# 
_pdbx_struct_assembly.id                   1 
_pdbx_struct_assembly.details              author_defined_assembly 
_pdbx_struct_assembly.method_details       ? 
_pdbx_struct_assembly.oligomeric_details   monomeric 
_pdbx_struct_assembly.oligomeric_count     1 
# 
_pdbx_struct_assembly_gen.assembly_id       1 
_pdbx_struct_assembly_gen.oper_expression   1 
_pdbx_struct_assembly_gen.asym_id_list      A,B,C 
# 
_pdbx_struct_assembly_auth_evidence.id                     1 
_pdbx_struct_assembly_auth_evidence.assembly_id            1 
_pdbx_struct_assembly_auth_evidence.experimental_support   none 
_pdbx_struct_assembly_auth_evidence.details                ? 
# 
_pdbx_struct_oper_list.id                   1 
_pdbx_struct_oper_list.type                 'identity operation' 
_pdbx_struct_oper_list.name                 1_555 
_pdbx_struct_oper_list.symmetry_operation   x,y,z 
_pdbx_struct_oper_list.matrix[1][1]         1.0000000000 
_pdbx_struct_oper_list.matrix[1][2]         0.0000000000 
_pdbx_struct_oper_list.matrix[1][3]         0.0000000000 
_pdbx_struct_oper_list.vector[1]            0.0000000000 
_pdbx_struct_oper_list.matrix[2][1]         0.0000000000 
_pdbx_struct_oper_list.matrix[2][2]         1.0000000000 
_pdbx_struct_oper_list.matrix[2][3]         0.0000000000 
_pdbx_struct_oper_list.vector[2]            0.0000000000 
_pdbx_struct_oper_list.matrix[3][1]         0.0000000000 
_pdbx_struct_oper_list.matrix[3][2]         0.0000000000 
_pdbx_struct_oper_list.matrix[3][3]         1.0000000000 
_pdbx_struct_oper_list.vector[3]            0.0000000000 
# 
loop_
_struct_conf.conf_type_id 
_struct_conf.id 
_struct_conf.pdbx_PDB_helix_id 
_struct_conf.beg_label_comp_id 
_struct_conf.beg_label_asym_id 
_struct_conf.beg_label_seq_id 
_struct_conf.pdbx_beg_PDB_ins_code 
_struct_conf.end_label_comp_id 
_struct_conf.end_label_asym_id 
_struct_conf.end_label_seq_id 
_struct_conf.pdbx_end_PDB_ins_code 
_struct_conf.beg_auth_comp_id 
_struct_conf.beg_auth_asym_id 
_struct_conf.beg_auth_seq_id 
_struct_conf.end_auth_comp_id 
_struct_conf.end_auth_asym_id 
_struct_conf.end_auth_seq_id 
_struct_conf.pdbx_PDB_helix_class 
_struct_conf.details 
_struct_conf.pdbx_PDB_helix_length 
HELX_P HELX_P1 AA1 THR A 19  ? VAL A 28  ? THR A 60  VAL A 69  1 ? 10 
HELX_P HELX_P2 AA2 VAL A 28  ? LYS A 35  ? VAL A 69  LYS A 76  1 ? 8  
HELX_P HELX_P3 AA3 ALA A 39  ? GLN A 43  ? ALA A 80  GLN A 84  5 ? 5  
HELX_P HELX_P4 AA4 ASP A 47  ? ASN A 52  ? ASP A 88  ASN A 93  1 ? 6  
HELX_P HELX_P5 AA5 ASP A 55  ? ILE A 60  ? ASP A 96  ILE A 101 1 ? 6  
HELX_P HELX_P6 AA6 ASP A 65  ? ASN A 75  ? ASP A 106 ASN A 116 1 ? 11 
HELX_P HELX_P7 AA7 ASN A 80  ? ASN A 99  ? ASN A 121 ASN A 140 1 ? 20 
HELX_P HELX_P8 AA8 ASP A 103 ? ASN A 121 ? ASP A 144 ASN A 162 1 ? 19 
# 
_struct_conf_type.id          HELX_P 
_struct_conf_type.criteria    ? 
_struct_conf_type.reference   ? 
# 
_pdbx_entry_details.entry_id                   8WQO 
_pdbx_entry_details.has_ligand_of_interest     Y 
_pdbx_entry_details.compound_details           ? 
_pdbx_entry_details.source_details             ? 
_pdbx_entry_details.nonpolymer_details         ? 
_pdbx_entry_details.sequence_details           ? 
_pdbx_entry_details.has_protein_modification   N 
# 
_pdbx_validate_torsion.id              1 
_pdbx_validate_torsion.PDB_model_num   1 
_pdbx_validate_torsion.auth_comp_id    ASN 
_pdbx_validate_torsion.auth_asym_id    A 
_pdbx_validate_torsion.auth_seq_id     52 
_pdbx_validate_torsion.PDB_ins_code    ? 
_pdbx_validate_torsion.label_alt_id    ? 
_pdbx_validate_torsion.phi             -165.29 
_pdbx_validate_torsion.psi             91.12 
# 
_pdbx_distant_solvent_atoms.id                                1 
_pdbx_distant_solvent_atoms.PDB_model_num                     1 
_pdbx_distant_solvent_atoms.auth_atom_id                      O 
_pdbx_distant_solvent_atoms.label_alt_id                      ? 
_pdbx_distant_solvent_atoms.auth_asym_id                      A 
_pdbx_distant_solvent_atoms.auth_comp_id                      HOH 
_pdbx_distant_solvent_atoms.auth_seq_id                       478 
_pdbx_distant_solvent_atoms.PDB_ins_code                      ? 
_pdbx_distant_solvent_atoms.neighbor_macromolecule_distance   6.02 
_pdbx_distant_solvent_atoms.neighbor_ligand_distance          . 
# 
_pdbx_unobs_or_zero_occ_residues.id               1 
_pdbx_unobs_or_zero_occ_residues.PDB_model_num    1 
_pdbx_unobs_or_zero_occ_residues.polymer_flag     Y 
_pdbx_unobs_or_zero_occ_residues.occupancy_flag   1 
_pdbx_unobs_or_zero_occ_residues.auth_asym_id     A 
_pdbx_unobs_or_zero_occ_residues.auth_comp_id     SER 
_pdbx_unobs_or_zero_occ_residues.auth_seq_id      42 
_pdbx_unobs_or_zero_occ_residues.PDB_ins_code     ? 
_pdbx_unobs_or_zero_occ_residues.label_asym_id    A 
_pdbx_unobs_or_zero_occ_residues.label_comp_id    SER 
_pdbx_unobs_or_zero_occ_residues.label_seq_id     1 
# 
loop_
_chem_comp_atom.comp_id 
_chem_comp_atom.atom_id 
_chem_comp_atom.type_symbol 
_chem_comp_atom.pdbx_aromatic_flag 
_chem_comp_atom.pdbx_stereo_config 
_chem_comp_atom.pdbx_ordinal 
ALA N    N N N 1   
ALA CA   C N S 2   
ALA C    C N N 3   
ALA O    O N N 4   
ALA CB   C N N 5   
ALA OXT  O N N 6   
ALA H    H N N 7   
ALA H2   H N N 8   
ALA HA   H N N 9   
ALA HB1  H N N 10  
ALA HB2  H N N 11  
ALA HB3  H N N 12  
ALA HXT  H N N 13  
ARG N    N N N 14  
ARG CA   C N S 15  
ARG C    C N N 16  
ARG O    O N N 17  
ARG CB   C N N 18  
ARG CG   C N N 19  
ARG CD   C N N 20  
ARG NE   N N N 21  
ARG CZ   C N N 22  
ARG NH1  N N N 23  
ARG NH2  N N N 24  
ARG OXT  O N N 25  
ARG H    H N N 26  
ARG H2   H N N 27  
ARG HA   H N N 28  
ARG HB2  H N N 29  
ARG HB3  H N N 30  
ARG HG2  H N N 31  
ARG HG3  H N N 32  
ARG HD2  H N N 33  
ARG HD3  H N N 34  
ARG HE   H N N 35  
ARG HH11 H N N 36  
ARG HH12 H N N 37  
ARG HH21 H N N 38  
ARG HH22 H N N 39  
ARG HXT  H N N 40  
ASN N    N N N 41  
ASN CA   C N S 42  
ASN C    C N N 43  
ASN O    O N N 44  
ASN CB   C N N 45  
ASN CG   C N N 46  
ASN OD1  O N N 47  
ASN ND2  N N N 48  
ASN OXT  O N N 49  
ASN H    H N N 50  
ASN H2   H N N 51  
ASN HA   H N N 52  
ASN HB2  H N N 53  
ASN HB3  H N N 54  
ASN HD21 H N N 55  
ASN HD22 H N N 56  
ASN HXT  H N N 57  
ASP N    N N N 58  
ASP CA   C N S 59  
ASP C    C N N 60  
ASP O    O N N 61  
ASP CB   C N N 62  
ASP CG   C N N 63  
ASP OD1  O N N 64  
ASP OD2  O N N 65  
ASP OXT  O N N 66  
ASP H    H N N 67  
ASP H2   H N N 68  
ASP HA   H N N 69  
ASP HB2  H N N 70  
ASP HB3  H N N 71  
ASP HD2  H N N 72  
ASP HXT  H N N 73  
CYS N    N N N 74  
CYS CA   C N R 75  
CYS C    C N N 76  
CYS O    O N N 77  
CYS CB   C N N 78  
CYS SG   S N N 79  
CYS OXT  O N N 80  
CYS H    H N N 81  
CYS H2   H N N 82  
CYS HA   H N N 83  
CYS HB2  H N N 84  
CYS HB3  H N N 85  
CYS HG   H N N 86  
CYS HXT  H N N 87  
GLN N    N N N 88  
GLN CA   C N S 89  
GLN C    C N N 90  
GLN O    O N N 91  
GLN CB   C N N 92  
GLN CG   C N N 93  
GLN CD   C N N 94  
GLN OE1  O N N 95  
GLN NE2  N N N 96  
GLN OXT  O N N 97  
GLN H    H N N 98  
GLN H2   H N N 99  
GLN HA   H N N 100 
GLN HB2  H N N 101 
GLN HB3  H N N 102 
GLN HG2  H N N 103 
GLN HG3  H N N 104 
GLN HE21 H N N 105 
GLN HE22 H N N 106 
GLN HXT  H N N 107 
GLU N    N N N 108 
GLU CA   C N S 109 
GLU C    C N N 110 
GLU O    O N N 111 
GLU CB   C N N 112 
GLU CG   C N N 113 
GLU CD   C N N 114 
GLU OE1  O N N 115 
GLU OE2  O N N 116 
GLU OXT  O N N 117 
GLU H    H N N 118 
GLU H2   H N N 119 
GLU HA   H N N 120 
GLU HB2  H N N 121 
GLU HB3  H N N 122 
GLU HG2  H N N 123 
GLU HG3  H N N 124 
GLU HE2  H N N 125 
GLU HXT  H N N 126 
GLY N    N N N 127 
GLY CA   C N N 128 
GLY C    C N N 129 
GLY O    O N N 130 
GLY OXT  O N N 131 
GLY H    H N N 132 
GLY H2   H N N 133 
GLY HA2  H N N 134 
GLY HA3  H N N 135 
GLY HXT  H N N 136 
HIS N    N N N 137 
HIS CA   C N S 138 
HIS C    C N N 139 
HIS O    O N N 140 
HIS CB   C N N 141 
HIS CG   C Y N 142 
HIS ND1  N Y N 143 
HIS CD2  C Y N 144 
HIS CE1  C Y N 145 
HIS NE2  N Y N 146 
HIS OXT  O N N 147 
HIS H    H N N 148 
HIS H2   H N N 149 
HIS HA   H N N 150 
HIS HB2  H N N 151 
HIS HB3  H N N 152 
HIS HD1  H N N 153 
HIS HD2  H N N 154 
HIS HE1  H N N 155 
HIS HE2  H N N 156 
HIS HXT  H N N 157 
HOH O    O N N 158 
HOH H1   H N N 159 
HOH H2   H N N 160 
ILE N    N N N 161 
ILE CA   C N S 162 
ILE C    C N N 163 
ILE O    O N N 164 
ILE CB   C N S 165 
ILE CG1  C N N 166 
ILE CG2  C N N 167 
ILE CD1  C N N 168 
ILE OXT  O N N 169 
ILE H    H N N 170 
ILE H2   H N N 171 
ILE HA   H N N 172 
ILE HB   H N N 173 
ILE HG12 H N N 174 
ILE HG13 H N N 175 
ILE HG21 H N N 176 
ILE HG22 H N N 177 
ILE HG23 H N N 178 
ILE HD11 H N N 179 
ILE HD12 H N N 180 
ILE HD13 H N N 181 
ILE HXT  H N N 182 
LEU N    N N N 183 
LEU CA   C N S 184 
LEU C    C N N 185 
LEU O    O N N 186 
LEU CB   C N N 187 
LEU CG   C N N 188 
LEU CD1  C N N 189 
LEU CD2  C N N 190 
LEU OXT  O N N 191 
LEU H    H N N 192 
LEU H2   H N N 193 
LEU HA   H N N 194 
LEU HB2  H N N 195 
LEU HB3  H N N 196 
LEU HG   H N N 197 
LEU HD11 H N N 198 
LEU HD12 H N N 199 
LEU HD13 H N N 200 
LEU HD21 H N N 201 
LEU HD22 H N N 202 
LEU HD23 H N N 203 
LEU HXT  H N N 204 
LYS N    N N N 205 
LYS CA   C N S 206 
LYS C    C N N 207 
LYS O    O N N 208 
LYS CB   C N N 209 
LYS CG   C N N 210 
LYS CD   C N N 211 
LYS CE   C N N 212 
LYS NZ   N N N 213 
LYS OXT  O N N 214 
LYS H    H N N 215 
LYS H2   H N N 216 
LYS HA   H N N 217 
LYS HB2  H N N 218 
LYS HB3  H N N 219 
LYS HG2  H N N 220 
LYS HG3  H N N 221 
LYS HD2  H N N 222 
LYS HD3  H N N 223 
LYS HE2  H N N 224 
LYS HE3  H N N 225 
LYS HZ1  H N N 226 
LYS HZ2  H N N 227 
LYS HZ3  H N N 228 
LYS HXT  H N N 229 
MET N    N N N 230 
MET CA   C N S 231 
MET C    C N N 232 
MET O    O N N 233 
MET CB   C N N 234 
MET CG   C N N 235 
MET SD   S N N 236 
MET CE   C N N 237 
MET OXT  O N N 238 
MET H    H N N 239 
MET H2   H N N 240 
MET HA   H N N 241 
MET HB2  H N N 242 
MET HB3  H N N 243 
MET HG2  H N N 244 
MET HG3  H N N 245 
MET HE1  H N N 246 
MET HE2  H N N 247 
MET HE3  H N N 248 
MET HXT  H N N 249 
PHE N    N N N 250 
PHE CA   C N S 251 
PHE C    C N N 252 
PHE O    O N N 253 
PHE CB   C N N 254 
PHE CG   C Y N 255 
PHE CD1  C Y N 256 
PHE CD2  C Y N 257 
PHE CE1  C Y N 258 
PHE CE2  C Y N 259 
PHE CZ   C Y N 260 
PHE OXT  O N N 261 
PHE H    H N N 262 
PHE H2   H N N 263 
PHE HA   H N N 264 
PHE HB2  H N N 265 
PHE HB3  H N N 266 
PHE HD1  H N N 267 
PHE HD2  H N N 268 
PHE HE1  H N N 269 
PHE HE2  H N N 270 
PHE HZ   H N N 271 
PHE HXT  H N N 272 
PRO N    N N N 273 
PRO CA   C N S 274 
PRO C    C N N 275 
PRO O    O N N 276 
PRO CB   C N N 277 
PRO CG   C N N 278 
PRO CD   C N N 279 
PRO OXT  O N N 280 
PRO H    H N N 281 
PRO HA   H N N 282 
PRO HB2  H N N 283 
PRO HB3  H N N 284 
PRO HG2  H N N 285 
PRO HG3  H N N 286 
PRO HD2  H N N 287 
PRO HD3  H N N 288 
PRO HXT  H N N 289 
SER N    N N N 290 
SER CA   C N S 291 
SER C    C N N 292 
SER O    O N N 293 
SER CB   C N N 294 
SER OG   O N N 295 
SER OXT  O N N 296 
SER H    H N N 297 
SER H2   H N N 298 
SER HA   H N N 299 
SER HB2  H N N 300 
SER HB3  H N N 301 
SER HG   H N N 302 
SER HXT  H N N 303 
THR N    N N N 304 
THR CA   C N S 305 
THR C    C N N 306 
THR O    O N N 307 
THR CB   C N R 308 
THR OG1  O N N 309 
THR CG2  C N N 310 
THR OXT  O N N 311 
THR H    H N N 312 
THR H2   H N N 313 
THR HA   H N N 314 
THR HB   H N N 315 
THR HG1  H N N 316 
THR HG21 H N N 317 
THR HG22 H N N 318 
THR HG23 H N N 319 
THR HXT  H N N 320 
TRP N    N N N 321 
TRP CA   C N S 322 
TRP C    C N N 323 
TRP O    O N N 324 
TRP CB   C N N 325 
TRP CG   C Y N 326 
TRP CD1  C Y N 327 
TRP CD2  C Y N 328 
TRP NE1  N Y N 329 
TRP CE2  C Y N 330 
TRP CE3  C Y N 331 
TRP CZ2  C Y N 332 
TRP CZ3  C Y N 333 
TRP CH2  C Y N 334 
TRP OXT  O N N 335 
TRP H    H N N 336 
TRP H2   H N N 337 
TRP HA   H N N 338 
TRP HB2  H N N 339 
TRP HB3  H N N 340 
TRP HD1  H N N 341 
TRP HE1  H N N 342 
TRP HE3  H N N 343 
TRP HZ2  H N N 344 
TRP HZ3  H N N 345 
TRP HH2  H N N 346 
TRP HXT  H N N 347 
TYR N    N N N 348 
TYR CA   C N S 349 
TYR C    C N N 350 
TYR O    O N N 351 
TYR CB   C N N 352 
TYR CG   C Y N 353 
TYR CD1  C Y N 354 
TYR CD2  C Y N 355 
TYR CE1  C Y N 356 
TYR CE2  C Y N 357 
TYR CZ   C Y N 358 
TYR OH   O N N 359 
TYR OXT  O N N 360 
TYR H    H N N 361 
TYR H2   H N N 362 
TYR HA   H N N 363 
TYR HB2  H N N 364 
TYR HB3  H N N 365 
TYR HD1  H N N 366 
TYR HD2  H N N 367 
TYR HE1  H N N 368 
TYR HE2  H N N 369 
TYR HH   H N N 370 
TYR HXT  H N N 371 
VAL N    N N N 372 
VAL CA   C N S 373 
VAL C    C N N 374 
VAL O    O N N 375 
VAL CB   C N N 376 
VAL CG1  C N N 377 
VAL CG2  C N N 378 
VAL OXT  O N N 379 
VAL H    H N N 380 
VAL H2   H N N 381 
VAL HA   H N N 382 
VAL HB   H N N 383 
VAL HG11 H N N 384 
VAL HG12 H N N 385 
VAL HG13 H N N 386 
VAL HG21 H N N 387 
VAL HG22 H N N 388 
VAL HG23 H N N 389 
VAL HXT  H N N 390 
X3L C10  C Y N 391 
X3L C13  C Y N 392 
X3L C15  C N N 393 
X3L C21  C Y N 394 
X3L C22  C Y N 395 
X3L C24  C N N 396 
X3L C26  C N N 397 
X3L C28  C N N 398 
X3L C01  C N N 399 
X3L C03  C Y N 400 
X3L C04  C Y N 401 
X3L C05  C Y N 402 
X3L C06  C Y N 403 
X3L C08  C Y N 404 
X3L C11  C Y N 405 
X3L C12  C Y N 406 
X3L C14  C Y N 407 
X3L C18  C Y N 408 
X3L C19  C N N 409 
X3L C25  C N N 410 
X3L C27  C N R 411 
X3L C29  C N N 412 
X3L N02  N N N 413 
X3L N07  N N N 414 
X3L N09  N Y N 415 
X3L N16  N Y N 416 
X3L N17  N Y N 417 
X3L N20  N Y N 418 
X3L N23  N N N 419 
X3L O30  O N N 420 
X3L H101 H N N 421 
X3L H151 H N N 422 
X3L H152 H N N 423 
X3L H153 H N N 424 
X3L H211 H N N 425 
X3L H241 H N N 426 
X3L H261 H N N 427 
X3L H263 H N N 428 
X3L H262 H N N 429 
X3L H283 H N N 430 
X3L H282 H N N 431 
X3L H281 H N N 432 
X3L H011 H N N 433 
X3L H012 H N N 434 
X3L H013 H N N 435 
X3L H041 H N N 436 
X3L H051 H N N 437 
X3L H111 H N N 438 
X3L H192 H N N 439 
X3L H193 H N N 440 
X3L H191 H N N 441 
X3L H252 H N N 442 
X3L H253 H N N 443 
X3L H251 H N N 444 
X3L H271 H N N 445 
X3L H071 H N N 446 
X3L H161 H N N 447 
# 
loop_
_chem_comp_bond.comp_id 
_chem_comp_bond.atom_id_1 
_chem_comp_bond.atom_id_2 
_chem_comp_bond.value_order 
_chem_comp_bond.pdbx_aromatic_flag 
_chem_comp_bond.pdbx_stereo_config 
_chem_comp_bond.pdbx_ordinal 
ALA N   CA   sing N N 1   
ALA N   H    sing N N 2   
ALA N   H2   sing N N 3   
ALA CA  C    sing N N 4   
ALA CA  CB   sing N N 5   
ALA CA  HA   sing N N 6   
ALA C   O    doub N N 7   
ALA C   OXT  sing N N 8   
ALA CB  HB1  sing N N 9   
ALA CB  HB2  sing N N 10  
ALA CB  HB3  sing N N 11  
ALA OXT HXT  sing N N 12  
ARG N   CA   sing N N 13  
ARG N   H    sing N N 14  
ARG N   H2   sing N N 15  
ARG CA  C    sing N N 16  
ARG CA  CB   sing N N 17  
ARG CA  HA   sing N N 18  
ARG C   O    doub N N 19  
ARG C   OXT  sing N N 20  
ARG CB  CG   sing N N 21  
ARG CB  HB2  sing N N 22  
ARG CB  HB3  sing N N 23  
ARG CG  CD   sing N N 24  
ARG CG  HG2  sing N N 25  
ARG CG  HG3  sing N N 26  
ARG CD  NE   sing N N 27  
ARG CD  HD2  sing N N 28  
ARG CD  HD3  sing N N 29  
ARG NE  CZ   sing N N 30  
ARG NE  HE   sing N N 31  
ARG CZ  NH1  sing N N 32  
ARG CZ  NH2  doub N N 33  
ARG NH1 HH11 sing N N 34  
ARG NH1 HH12 sing N N 35  
ARG NH2 HH21 sing N N 36  
ARG NH2 HH22 sing N N 37  
ARG OXT HXT  sing N N 38  
ASN N   CA   sing N N 39  
ASN N   H    sing N N 40  
ASN N   H2   sing N N 41  
ASN CA  C    sing N N 42  
ASN CA  CB   sing N N 43  
ASN CA  HA   sing N N 44  
ASN C   O    doub N N 45  
ASN C   OXT  sing N N 46  
ASN CB  CG   sing N N 47  
ASN CB  HB2  sing N N 48  
ASN CB  HB3  sing N N 49  
ASN CG  OD1  doub N N 50  
ASN CG  ND2  sing N N 51  
ASN ND2 HD21 sing N N 52  
ASN ND2 HD22 sing N N 53  
ASN OXT HXT  sing N N 54  
ASP N   CA   sing N N 55  
ASP N   H    sing N N 56  
ASP N   H2   sing N N 57  
ASP CA  C    sing N N 58  
ASP CA  CB   sing N N 59  
ASP CA  HA   sing N N 60  
ASP C   O    doub N N 61  
ASP C   OXT  sing N N 62  
ASP CB  CG   sing N N 63  
ASP CB  HB2  sing N N 64  
ASP CB  HB3  sing N N 65  
ASP CG  OD1  doub N N 66  
ASP CG  OD2  sing N N 67  
ASP OD2 HD2  sing N N 68  
ASP OXT HXT  sing N N 69  
CYS N   CA   sing N N 70  
CYS N   H    sing N N 71  
CYS N   H2   sing N N 72  
CYS CA  C    sing N N 73  
CYS CA  CB   sing N N 74  
CYS CA  HA   sing N N 75  
CYS C   O    doub N N 76  
CYS C   OXT  sing N N 77  
CYS CB  SG   sing N N 78  
CYS CB  HB2  sing N N 79  
CYS CB  HB3  sing N N 80  
CYS SG  HG   sing N N 81  
CYS OXT HXT  sing N N 82  
GLN N   CA   sing N N 83  
GLN N   H    sing N N 84  
GLN N   H2   sing N N 85  
GLN CA  C    sing N N 86  
GLN CA  CB   sing N N 87  
GLN CA  HA   sing N N 88  
GLN C   O    doub N N 89  
GLN C   OXT  sing N N 90  
GLN CB  CG   sing N N 91  
GLN CB  HB2  sing N N 92  
GLN CB  HB3  sing N N 93  
GLN CG  CD   sing N N 94  
GLN CG  HG2  sing N N 95  
GLN CG  HG3  sing N N 96  
GLN CD  OE1  doub N N 97  
GLN CD  NE2  sing N N 98  
GLN NE2 HE21 sing N N 99  
GLN NE2 HE22 sing N N 100 
GLN OXT HXT  sing N N 101 
GLU N   CA   sing N N 102 
GLU N   H    sing N N 103 
GLU N   H2   sing N N 104 
GLU CA  C    sing N N 105 
GLU CA  CB   sing N N 106 
GLU CA  HA   sing N N 107 
GLU C   O    doub N N 108 
GLU C   OXT  sing N N 109 
GLU CB  CG   sing N N 110 
GLU CB  HB2  sing N N 111 
GLU CB  HB3  sing N N 112 
GLU CG  CD   sing N N 113 
GLU CG  HG2  sing N N 114 
GLU CG  HG3  sing N N 115 
GLU CD  OE1  doub N N 116 
GLU CD  OE2  sing N N 117 
GLU OE2 HE2  sing N N 118 
GLU OXT HXT  sing N N 119 
GLY N   CA   sing N N 120 
GLY N   H    sing N N 121 
GLY N   H2   sing N N 122 
GLY CA  C    sing N N 123 
GLY CA  HA2  sing N N 124 
GLY CA  HA3  sing N N 125 
GLY C   O    doub N N 126 
GLY C   OXT  sing N N 127 
GLY OXT HXT  sing N N 128 
HIS N   CA   sing N N 129 
HIS N   H    sing N N 130 
HIS N   H2   sing N N 131 
HIS CA  C    sing N N 132 
HIS CA  CB   sing N N 133 
HIS CA  HA   sing N N 134 
HIS C   O    doub N N 135 
HIS C   OXT  sing N N 136 
HIS CB  CG   sing N N 137 
HIS CB  HB2  sing N N 138 
HIS CB  HB3  sing N N 139 
HIS CG  ND1  sing Y N 140 
HIS CG  CD2  doub Y N 141 
HIS ND1 CE1  doub Y N 142 
HIS ND1 HD1  sing N N 143 
HIS CD2 NE2  sing Y N 144 
HIS CD2 HD2  sing N N 145 
HIS CE1 NE2  sing Y N 146 
HIS CE1 HE1  sing N N 147 
HIS NE2 HE2  sing N N 148 
HIS OXT HXT  sing N N 149 
HOH O   H1   sing N N 150 
HOH O   H2   sing N N 151 
ILE N   CA   sing N N 152 
ILE N   H    sing N N 153 
ILE N   H2   sing N N 154 
ILE CA  C    sing N N 155 
ILE CA  CB   sing N N 156 
ILE CA  HA   sing N N 157 
ILE C   O    doub N N 158 
ILE C   OXT  sing N N 159 
ILE CB  CG1  sing N N 160 
ILE CB  CG2  sing N N 161 
ILE CB  HB   sing N N 162 
ILE CG1 CD1  sing N N 163 
ILE CG1 HG12 sing N N 164 
ILE CG1 HG13 sing N N 165 
ILE CG2 HG21 sing N N 166 
ILE CG2 HG22 sing N N 167 
ILE CG2 HG23 sing N N 168 
ILE CD1 HD11 sing N N 169 
ILE CD1 HD12 sing N N 170 
ILE CD1 HD13 sing N N 171 
ILE OXT HXT  sing N N 172 
LEU N   CA   sing N N 173 
LEU N   H    sing N N 174 
LEU N   H2   sing N N 175 
LEU CA  C    sing N N 176 
LEU CA  CB   sing N N 177 
LEU CA  HA   sing N N 178 
LEU C   O    doub N N 179 
LEU C   OXT  sing N N 180 
LEU CB  CG   sing N N 181 
LEU CB  HB2  sing N N 182 
LEU CB  HB3  sing N N 183 
LEU CG  CD1  sing N N 184 
LEU CG  CD2  sing N N 185 
LEU CG  HG   sing N N 186 
LEU CD1 HD11 sing N N 187 
LEU CD1 HD12 sing N N 188 
LEU CD1 HD13 sing N N 189 
LEU CD2 HD21 sing N N 190 
LEU CD2 HD22 sing N N 191 
LEU CD2 HD23 sing N N 192 
LEU OXT HXT  sing N N 193 
LYS N   CA   sing N N 194 
LYS N   H    sing N N 195 
LYS N   H2   sing N N 196 
LYS CA  C    sing N N 197 
LYS CA  CB   sing N N 198 
LYS CA  HA   sing N N 199 
LYS C   O    doub N N 200 
LYS C   OXT  sing N N 201 
LYS CB  CG   sing N N 202 
LYS CB  HB2  sing N N 203 
LYS CB  HB3  sing N N 204 
LYS CG  CD   sing N N 205 
LYS CG  HG2  sing N N 206 
LYS CG  HG3  sing N N 207 
LYS CD  CE   sing N N 208 
LYS CD  HD2  sing N N 209 
LYS CD  HD3  sing N N 210 
LYS CE  NZ   sing N N 211 
LYS CE  HE2  sing N N 212 
LYS CE  HE3  sing N N 213 
LYS NZ  HZ1  sing N N 214 
LYS NZ  HZ2  sing N N 215 
LYS NZ  HZ3  sing N N 216 
LYS OXT HXT  sing N N 217 
MET N   CA   sing N N 218 
MET N   H    sing N N 219 
MET N   H2   sing N N 220 
MET CA  C    sing N N 221 
MET CA  CB   sing N N 222 
MET CA  HA   sing N N 223 
MET C   O    doub N N 224 
MET C   OXT  sing N N 225 
MET CB  CG   sing N N 226 
MET CB  HB2  sing N N 227 
MET CB  HB3  sing N N 228 
MET CG  SD   sing N N 229 
MET CG  HG2  sing N N 230 
MET CG  HG3  sing N N 231 
MET SD  CE   sing N N 232 
MET CE  HE1  sing N N 233 
MET CE  HE2  sing N N 234 
MET CE  HE3  sing N N 235 
MET OXT HXT  sing N N 236 
PHE N   CA   sing N N 237 
PHE N   H    sing N N 238 
PHE N   H2   sing N N 239 
PHE CA  C    sing N N 240 
PHE CA  CB   sing N N 241 
PHE CA  HA   sing N N 242 
PHE C   O    doub N N 243 
PHE C   OXT  sing N N 244 
PHE CB  CG   sing N N 245 
PHE CB  HB2  sing N N 246 
PHE CB  HB3  sing N N 247 
PHE CG  CD1  doub Y N 248 
PHE CG  CD2  sing Y N 249 
PHE CD1 CE1  sing Y N 250 
PHE CD1 HD1  sing N N 251 
PHE CD2 CE2  doub Y N 252 
PHE CD2 HD2  sing N N 253 
PHE CE1 CZ   doub Y N 254 
PHE CE1 HE1  sing N N 255 
PHE CE2 CZ   sing Y N 256 
PHE CE2 HE2  sing N N 257 
PHE CZ  HZ   sing N N 258 
PHE OXT HXT  sing N N 259 
PRO N   CA   sing N N 260 
PRO N   CD   sing N N 261 
PRO N   H    sing N N 262 
PRO CA  C    sing N N 263 
PRO CA  CB   sing N N 264 
PRO CA  HA   sing N N 265 
PRO C   O    doub N N 266 
PRO C   OXT  sing N N 267 
PRO CB  CG   sing N N 268 
PRO CB  HB2  sing N N 269 
PRO CB  HB3  sing N N 270 
PRO CG  CD   sing N N 271 
PRO CG  HG2  sing N N 272 
PRO CG  HG3  sing N N 273 
PRO CD  HD2  sing N N 274 
PRO CD  HD3  sing N N 275 
PRO OXT HXT  sing N N 276 
SER N   CA   sing N N 277 
SER N   H    sing N N 278 
SER N   H2   sing N N 279 
SER CA  C    sing N N 280 
SER CA  CB   sing N N 281 
SER CA  HA   sing N N 282 
SER C   O    doub N N 283 
SER C   OXT  sing N N 284 
SER CB  OG   sing N N 285 
SER CB  HB2  sing N N 286 
SER CB  HB3  sing N N 287 
SER OG  HG   sing N N 288 
SER OXT HXT  sing N N 289 
THR N   CA   sing N N 290 
THR N   H    sing N N 291 
THR N   H2   sing N N 292 
THR CA  C    sing N N 293 
THR CA  CB   sing N N 294 
THR CA  HA   sing N N 295 
THR C   O    doub N N 296 
THR C   OXT  sing N N 297 
THR CB  OG1  sing N N 298 
THR CB  CG2  sing N N 299 
THR CB  HB   sing N N 300 
THR OG1 HG1  sing N N 301 
THR CG2 HG21 sing N N 302 
THR CG2 HG22 sing N N 303 
THR CG2 HG23 sing N N 304 
THR OXT HXT  sing N N 305 
TRP N   CA   sing N N 306 
TRP N   H    sing N N 307 
TRP N   H2   sing N N 308 
TRP CA  C    sing N N 309 
TRP CA  CB   sing N N 310 
TRP CA  HA   sing N N 311 
TRP C   O    doub N N 312 
TRP C   OXT  sing N N 313 
TRP CB  CG   sing N N 314 
TRP CB  HB2  sing N N 315 
TRP CB  HB3  sing N N 316 
TRP CG  CD1  doub Y N 317 
TRP CG  CD2  sing Y N 318 
TRP CD1 NE1  sing Y N 319 
TRP CD1 HD1  sing N N 320 
TRP CD2 CE2  doub Y N 321 
TRP CD2 CE3  sing Y N 322 
TRP NE1 CE2  sing Y N 323 
TRP NE1 HE1  sing N N 324 
TRP CE2 CZ2  sing Y N 325 
TRP CE3 CZ3  doub Y N 326 
TRP CE3 HE3  sing N N 327 
TRP CZ2 CH2  doub Y N 328 
TRP CZ2 HZ2  sing N N 329 
TRP CZ3 CH2  sing Y N 330 
TRP CZ3 HZ3  sing N N 331 
TRP CH2 HH2  sing N N 332 
TRP OXT HXT  sing N N 333 
TYR N   CA   sing N N 334 
TYR N   H    sing N N 335 
TYR N   H2   sing N N 336 
TYR CA  C    sing N N 337 
TYR CA  CB   sing N N 338 
TYR CA  HA   sing N N 339 
TYR C   O    doub N N 340 
TYR C   OXT  sing N N 341 
TYR CB  CG   sing N N 342 
TYR CB  HB2  sing N N 343 
TYR CB  HB3  sing N N 344 
TYR CG  CD1  doub Y N 345 
TYR CG  CD2  sing Y N 346 
TYR CD1 CE1  sing Y N 347 
TYR CD1 HD1  sing N N 348 
TYR CD2 CE2  doub Y N 349 
TYR CD2 HD2  sing N N 350 
TYR CE1 CZ   doub Y N 351 
TYR CE1 HE1  sing N N 352 
TYR CE2 CZ   sing Y N 353 
TYR CE2 HE2  sing N N 354 
TYR CZ  OH   sing N N 355 
TYR OH  HH   sing N N 356 
TYR OXT HXT  sing N N 357 
VAL N   CA   sing N N 358 
VAL N   H    sing N N 359 
VAL N   H2   sing N N 360 
VAL CA  C    sing N N 361 
VAL CA  CB   sing N N 362 
VAL CA  HA   sing N N 363 
VAL C   O    doub N N 364 
VAL C   OXT  sing N N 365 
VAL CB  CG1  sing N N 366 
VAL CB  CG2  sing N N 367 
VAL CB  HB   sing N N 368 
VAL CG1 HG11 sing N N 369 
VAL CG1 HG12 sing N N 370 
VAL CG1 HG13 sing N N 371 
VAL CG2 HG21 sing N N 372 
VAL CG2 HG22 sing N N 373 
VAL CG2 HG23 sing N N 374 
VAL OXT HXT  sing N N 375 
X3L N17 N16  sing Y N 376 
X3L N17 C18  doub Y N 377 
X3L N16 C14  sing Y N 378 
X3L C18 C19  sing N N 379 
X3L C18 C13  sing Y N 380 
X3L C14 C15  sing N N 381 
X3L C14 C13  doub Y N 382 
X3L C13 C12  sing N N 383 
X3L C26 C24  sing N N 384 
X3L C12 C11  doub Y N 385 
X3L C12 N20  sing Y N 386 
X3L C11 C10  sing Y N 387 
X3L C24 C25  sing N N 388 
X3L C24 N23  sing N N 389 
X3L N20 C08  doub Y N 390 
X3L N23 C27  sing N N 391 
X3L N23 C22  sing N N 392 
X3L C10 N09  doub Y N 393 
X3L C27 C29  sing N N 394 
X3L C27 C28  sing N N 395 
X3L C08 N09  sing Y N 396 
X3L C08 N07  sing N N 397 
X3L C21 C22  doub Y N 398 
X3L C21 C06  sing Y N 399 
X3L C22 C03  sing Y N 400 
X3L C29 O30  doub N N 401 
X3L C29 N02  sing N N 402 
X3L C06 N07  sing N N 403 
X3L C06 C05  doub Y N 404 
X3L C03 N02  sing N N 405 
X3L C03 C04  doub Y N 406 
X3L N02 C01  sing N N 407 
X3L C05 C04  sing Y N 408 
X3L C10 H101 sing N N 409 
X3L C15 H151 sing N N 410 
X3L C15 H152 sing N N 411 
X3L C15 H153 sing N N 412 
X3L C21 H211 sing N N 413 
X3L C24 H241 sing N N 414 
X3L C26 H261 sing N N 415 
X3L C26 H263 sing N N 416 
X3L C26 H262 sing N N 417 
X3L C28 H283 sing N N 418 
X3L C28 H282 sing N N 419 
X3L C28 H281 sing N N 420 
X3L C01 H011 sing N N 421 
X3L C01 H012 sing N N 422 
X3L C01 H013 sing N N 423 
X3L C04 H041 sing N N 424 
X3L C05 H051 sing N N 425 
X3L C11 H111 sing N N 426 
X3L C19 H192 sing N N 427 
X3L C19 H193 sing N N 428 
X3L C19 H191 sing N N 429 
X3L C25 H252 sing N N 430 
X3L C25 H253 sing N N 431 
X3L C25 H251 sing N N 432 
X3L C27 H271 sing N N 433 
X3L N07 H071 sing N N 434 
X3L N16 H161 sing N N 435 
# 
_pdbx_audit_support.funding_organization   'Not funded' 
_pdbx_audit_support.country                ? 
_pdbx_audit_support.grant_number           ? 
_pdbx_audit_support.ordinal                1 
# 
_atom_sites.entry_id                    8WQO 
_atom_sites.Cartn_transf_matrix[1][1]   ? 
_atom_sites.Cartn_transf_matrix[1][2]   ? 
_atom_sites.Cartn_transf_matrix[1][3]   ? 
_atom_sites.Cartn_transf_matrix[2][1]   ? 
_atom_sites.Cartn_transf_matrix[2][2]   ? 
_atom_sites.Cartn_transf_matrix[2][3]   ? 
_atom_sites.Cartn_transf_matrix[3][1]   ? 
_atom_sites.Cartn_transf_matrix[3][2]   ? 
_atom_sites.Cartn_transf_matrix[3][3]   ? 
_atom_sites.Cartn_transf_vector[1]      ? 
_atom_sites.Cartn_transf_vector[2]      ? 
_atom_sites.Cartn_transf_vector[3]      ? 
_atom_sites.Cartn_transform_axes        ? 
_atom_sites.fract_transf_matrix[1][1]   0.00143086 
_atom_sites.fract_transf_matrix[1][2]   -0.02514485 
_atom_sites.fract_transf_matrix[1][3]   0.00871273 
_atom_sites.fract_transf_matrix[2][1]   0.02150012 
_atom_sites.fract_transf_matrix[2][2]   0.00056209 
_atom_sites.fract_transf_matrix[2][3]   -0.00190871 
_atom_sites.fract_transf_matrix[3][1]   0.00096952 
_atom_sites.fract_transf_matrix[3][2]   0.00427556 
_atom_sites.fract_transf_matrix[3][3]   0.01218001 
_atom_sites.fract_transf_vector[1]      0.309902 
_atom_sites.fract_transf_vector[2]      0.065772 
_atom_sites.fract_transf_vector[3]      0.106251 
_atom_sites.solution_primary            ? 
_atom_sites.solution_secondary          ? 
_atom_sites.solution_hydrogens          ? 
_atom_sites.special_details             ? 
# 
loop_
_atom_type.symbol 
C 
H 
N 
O 
S 
# 
loop_
_atom_site.group_PDB 
_atom_site.id 
_atom_site.type_symbol 
_atom_site.label_atom_id 
_atom_site.label_alt_id 
_atom_site.label_comp_id 
_atom_site.label_asym_id 
_atom_site.label_entity_id 
_atom_site.label_seq_id 
_atom_site.pdbx_PDB_ins_code 
_atom_site.Cartn_x 
_atom_site.Cartn_y 
_atom_site.Cartn_z 
_atom_site.occupancy 
_atom_site.B_iso_or_equiv 
_atom_site.pdbx_formal_charge 
_atom_site.auth_seq_id 
_atom_site.auth_comp_id 
_atom_site.auth_asym_id 
_atom_site.auth_atom_id 
_atom_site.pdbx_PDB_model_num 
ATOM   1    N N    . MET A 1 2   ? -19.511 -6.409  4.449   1.00 30.89 ? 43  MET A N    1 
ATOM   2    C CA   . MET A 1 2   ? -18.983 -5.227  5.123   1.00 22.01 ? 43  MET A CA   1 
ATOM   3    C C    . MET A 1 2   ? -17.482 -4.870  4.929   1.00 11.99 ? 43  MET A C    1 
ATOM   4    O O    . MET A 1 2   ? -16.615 -5.657  4.488   1.00 14.86 ? 43  MET A O    1 
ATOM   5    C CB   . MET A 1 2   ? -19.381 -5.195  6.638   1.00 24.19 ? 43  MET A CB   1 
ATOM   6    C CG   . MET A 1 2   ? -20.696 -4.471  6.965   1.00 29.60 ? 43  MET A CG   1 
ATOM   7    S SD   . MET A 1 2   ? -21.882 -5.308  8.060   1.00 48.46 ? 43  MET A SD   1 
ATOM   8    C CE   . MET A 1 2   ? -22.324 -6.776  7.105   1.00 14.12 ? 43  MET A CE   1 
ATOM   9    N N    . ASN A 1 3   ? -17.224 -3.631  5.292   1.00 13.72 ? 44  ASN A N    1 
ATOM   10   C CA   . ASN A 1 3   ? -15.884 -3.102  5.446   1.00 11.84 ? 44  ASN A CA   1 
ATOM   11   C C    . ASN A 1 3   ? -15.467 -3.220  6.900   1.00 11.96 ? 44  ASN A C    1 
ATOM   12   O O    . ASN A 1 3   ? -16.253 -2.891  7.797   1.00 13.77 ? 44  ASN A O    1 
ATOM   13   C CB   . ASN A 1 3   ? -15.844 -1.623  5.086   1.00 14.40 ? 44  ASN A CB   1 
ATOM   14   C CG   . ASN A 1 3   ? -16.144 -1.369  3.635   1.00 13.84 ? 44  ASN A CG   1 
ATOM   15   O OD1  . ASN A 1 3   ? -15.838 -2.191  2.780   1.00 15.84 ? 44  ASN A OD1  1 
ATOM   16   N ND2  . ASN A 1 3   ? -16.647 -0.179  3.338   1.00 14.46 ? 44  ASN A ND2  1 
ATOM   17   N N    . PRO A 1 4   ? -14.249 -3.667  7.151   1.00 10.91 ? 45  PRO A N    1 
ATOM   18   C CA   . PRO A 1 4   ? -13.692 -3.576  8.488   1.00 12.94 ? 45  PRO A CA   1 
ATOM   19   C C    . PRO A 1 4   ? -13.195 -2.164  8.739   1.00 12.32 ? 45  PRO A C    1 
ATOM   20   O O    . PRO A 1 4   ? -13.100 -1.354  7.807   1.00 13.11 ? 45  PRO A O    1 
ATOM   21   C CB   . PRO A 1 4   ? -12.521 -4.564  8.425   1.00 14.66 ? 45  PRO A CB   1 
ATOM   22   C CG   . PRO A 1 4   ? -12.041 -4.450  6.995   1.00 14.02 ? 45  PRO A CG   1 
ATOM   23   C CD   . PRO A 1 4   ? -13.264 -4.148  6.163   1.00 13.09 ? 45  PRO A CD   1 
ATOM   24   N N    . PRO A 1 5   ? -12.853 -1.822  9.978   1.00 13.20 ? 46  PRO A N    1 
ATOM   25   C CA   . PRO A 1 5   ? -12.121 -0.580  10.199  1.00 15.50 ? 46  PRO A CA   1 
ATOM   26   C C    . PRO A 1 5   ? -10.834 -0.580  9.403   1.00 13.81 ? 46  PRO A C    1 
ATOM   27   O O    . PRO A 1 5   ? -10.213 -1.637  9.189   1.00 16.18 ? 46  PRO A O    1 
ATOM   28   C CB   . PRO A 1 5   ? -11.851 -0.587  11.712  1.00 18.30 ? 46  PRO A CB   1 
ATOM   29   C CG   . PRO A 1 5   ? -12.171 -1.943  12.206  1.00 21.20 ? 46  PRO A CG   1 
ATOM   30   C CD   . PRO A 1 5   ? -12.783 -2.755  11.114  1.00 15.15 ? 46  PRO A CD   1 
ATOM   31   N N    . PRO A 1 6   ? -10.415 0.578   8.908   1.00 14.26 ? 47  PRO A N    1 
ATOM   32   C CA   . PRO A 1 6   ? -9.193  0.643   8.104   1.00 14.43 ? 47  PRO A CA   1 
ATOM   33   C C    . PRO A 1 6   ? -7.971  0.413   8.969   1.00 12.69 ? 47  PRO A C    1 
ATOM   34   O O    . PRO A 1 6   ? -8.039  0.530   10.205  1.00 13.34 ? 47  PRO A O    1 
ATOM   35   C CB   . PRO A 1 6   ? -9.220  2.074   7.550   1.00 18.46 ? 47  PRO A CB   1 
ATOM   36   C CG   . PRO A 1 6   ? -9.956  2.848   8.591   1.00 18.81 ? 47  PRO A CG   1 
ATOM   37   C CD   . PRO A 1 6   ? -11.012 1.910   9.115   1.00 17.38 ? 47  PRO A CD   1 
ATOM   38   N N    . PRO A 1 7   ? -6.838  0.070   8.362   1.00 11.87 ? 48  PRO A N    1 
ATOM   39   C CA   . PRO A 1 7   ? -5.621  -0.104  9.155   1.00 12.61 ? 48  PRO A CA   1 
ATOM   40   C C    . PRO A 1 7   ? -5.270  1.192   9.863   1.00 11.88 ? 48  PRO A C    1 
ATOM   41   O O    . PRO A 1 7   ? -5.506  2.288   9.356   1.00 12.40 ? 48  PRO A O    1 
ATOM   42   C CB   . PRO A 1 7   ? -4.564  -0.477  8.111   1.00 12.52 ? 48  PRO A CB   1 
ATOM   43   C CG   . PRO A 1 7   ? -5.348  -0.966  6.916   1.00 14.38 ? 48  PRO A CG   1 
ATOM   44   C CD   . PRO A 1 7   ? -6.599  -0.148  6.925   1.00 14.79 ? 48  PRO A CD   1 
ATOM   45   N N    . GLU A 1 8   ? -4.714  1.056   11.061  1.00 11.45 ? 49  GLU A N    1 
ATOM   46   C CA   . GLU A 1 8   ? -4.303  2.220   11.828  1.00 11.72 ? 49  GLU A CA   1 
ATOM   47   C C    . GLU A 1 8   ? -3.215  3.002   11.092  1.00 11.60 ? 49  GLU A C    1 
ATOM   48   O O    . GLU A 1 8   ? -2.382  2.434   10.385  1.00 11.58 ? 49  GLU A O    1 
ATOM   49   C CB   . GLU A 1 8   ? -3.850  1.739   13.203  1.00 13.45 ? 49  GLU A CB   1 
ATOM   50   C CG   . GLU A 1 8   ? -2.438  1.191   13.227  1.00 13.65 ? 49  GLU A CG   1 
ATOM   51   C CD   . GLU A 1 8   ? -2.033  0.682   14.604  1.00 13.37 ? 49  GLU A CD   1 
ATOM   52   O OE1  . GLU A 1 8   ? -2.886  0.678   15.524  1.00 16.61 ? 49  GLU A OE1  1 
ATOM   53   O OE2  . GLU A 1 8   ? -0.850  0.308   14.779  1.00 13.98 ? 49  GLU A OE2  1 
ATOM   54   N N    . THR A 1 9   ? -3.238  4.329   11.258  1.00 11.16 ? 50  THR A N    1 
ATOM   55   C CA   . THR A 1 9   ? -2.183  5.201   10.754  1.00 11.76 ? 50  THR A CA   1 
ATOM   56   C C    . THR A 1 9   ? -1.455  5.919   11.875  1.00 12.22 ? 50  THR A C    1 
ATOM   57   O O    . THR A 1 9   ? -0.519  6.675   11.608  1.00 13.52 ? 50  THR A O    1 
ATOM   58   C CB   . THR A 1 9   ? -2.722  6.214   9.735   1.00 12.87 ? 50  THR A CB   1 
ATOM   59   O OG1  . THR A 1 9   ? -3.758  6.994   10.334  1.00 17.19 ? 50  THR A OG1  1 
ATOM   60   C CG2  . THR A 1 9   ? -3.287  5.493   8.503   1.00 14.18 ? 50  THR A CG2  1 
ATOM   61   N N    . SER A 1 10  ? -1.859  5.678   13.110  1.00 11.94 ? 51  SER A N    1 
ATOM   62   C CA   . SER A 1 10  ? -1.212  6.180   14.306  1.00 12.49 ? 51  SER A CA   1 
ATOM   63   C C    . SER A 1 10  ? -1.314  5.110   15.377  1.00 11.91 ? 51  SER A C    1 
ATOM   64   O O    . SER A 1 10  ? -2.214  4.268   15.359  1.00 13.29 ? 51  SER A O    1 
ATOM   65   C CB   . SER A 1 10  ? -1.871  7.475   14.771  1.00 14.87 ? 51  SER A CB   1 
ATOM   66   O OG   . SER A 1 10  ? -3.094  7.181   15.414  1.00 24.20 ? 51  SER A OG   1 
ATOM   67   N N    . ASN A 1 11  ? -0.387  5.151   16.310  1.00 11.58 ? 52  ASN A N    1 
ATOM   68   C CA   . ASN A 1 11  ? -0.303  4.203   17.411  1.00 10.42 ? 52  ASN A CA   1 
ATOM   69   C C    . ASN A 1 11  ? 0.650   4.836   18.410  1.00 9.76  ? 52  ASN A C    1 
ATOM   70   O O    . ASN A 1 11  ? 1.869   4.688   18.283  1.00 10.30 ? 52  ASN A O    1 
ATOM   71   C CB   . ASN A 1 11  ? 0.235   2.872   16.885  1.00 11.58 ? 52  ASN A CB   1 
ATOM   72   C CG   . ASN A 1 11  ? 0.212   1.767   17.915  1.00 13.18 ? 52  ASN A CG   1 
ATOM   73   O OD1  . ASN A 1 11  ? 0.406   2.017   19.109  1.00 13.90 ? 52  ASN A OD1  1 
ATOM   74   N ND2  . ASN A 1 11  ? 0.048   0.526   17.453  1.00 14.71 ? 52  ASN A ND2  1 
ATOM   75   N N    . PRO A 1 12  ? 0.141   5.611   19.366  1.00 10.18 ? 53  PRO A N    1 
ATOM   76   C CA   . PRO A 1 12  ? 1.045   6.432   20.190  1.00 10.30 ? 53  PRO A CA   1 
ATOM   77   C C    . PRO A 1 12  ? 2.098   5.658   20.959  1.00 10.89 ? 53  PRO A C    1 
ATOM   78   O O    . PRO A 1 12  ? 3.209   6.171   21.134  1.00 14.24 ? 53  PRO A O    1 
ATOM   79   C CB   . PRO A 1 12  ? 0.088   7.213   21.100  1.00 13.04 ? 53  PRO A CB   1 
ATOM   80   C CG   . PRO A 1 12  ? -1.186  7.260   20.323  1.00 12.82 ? 53  PRO A CG   1 
ATOM   81   C CD   . PRO A 1 12  ? -1.270  5.967   19.576  1.00 11.47 ? 53  PRO A CD   1 
ATOM   82   N N    . ASN A 1 13  ? 1.807   4.445   21.415  1.00 9.75  ? 54  ASN A N    1 
ATOM   83   C CA   . ASN A 1 13  ? 2.776   3.679   22.188  1.00 11.12 ? 54  ASN A CA   1 
ATOM   84   C C    . ASN A 1 13  ? 3.734   2.862   21.327  1.00 11.35 ? 54  ASN A C    1 
ATOM   85   O O    . ASN A 1 13  ? 4.638   2.230   21.878  1.00 11.98 ? 54  ASN A O    1 
ATOM   86   C CB   . ASN A 1 13  ? 2.051   2.794   23.202  1.00 11.73 ? 54  ASN A CB   1 
ATOM   87   C CG   . ASN A 1 13  ? 1.617   3.559   24.439  1.00 10.13 ? 54  ASN A CG   1 
ATOM   88   O OD1  . ASN A 1 13  ? 2.117   4.647   24.730  1.00 11.75 ? 54  ASN A OD1  1 
ATOM   89   N ND2  . ASN A 1 13  ? 0.656   2.996   25.164  1.00 13.11 ? 54  ASN A ND2  1 
ATOM   90   N N    . LYS A 1 14  ? 3.559   2.862   19.998  1.00 10.20 ? 55  LYS A N    1 
ATOM   91   C CA   . LYS A 1 14  ? 4.519   2.289   19.062  1.00 10.74 ? 55  LYS A CA   1 
ATOM   92   C C    . LYS A 1 14  ? 5.722   3.218   18.906  1.00 10.41 ? 55  LYS A C    1 
ATOM   93   O O    . LYS A 1 14  ? 5.550   4.421   18.711  1.00 11.81 ? 55  LYS A O    1 
ATOM   94   C CB   . LYS A 1 14  ? 3.884   2.190   17.686  1.00 12.46 ? 55  LYS A CB   1 
ATOM   95   C CG   . LYS A 1 14  ? 4.631   1.304   16.689  1.00 11.86 ? 55  LYS A CG   1 
ATOM   96   C CD   . LYS A 1 14  ? 3.786   1.078   15.439  1.00 13.37 ? 55  LYS A CD   1 
ATOM   97   C CE   . LYS A 1 14  ? 4.528   0.315   14.351  1.00 13.19 ? 55  LYS A CE   1 
ATOM   98   N NZ   . LYS A 1 14  ? 5.752   0.983   13.861  1.00 14.30 ? 55  LYS A NZ   1 
ATOM   99   N N    . PRO A 1 15  ? 6.943   2.697   18.957  1.00 10.92 ? 56  PRO A N    1 
ATOM   100  C CA   . PRO A 1 15  ? 8.117   3.559   18.786  1.00 12.50 ? 56  PRO A CA   1 
ATOM   101  C C    . PRO A 1 15  ? 8.373   3.826   17.307  1.00 13.66 ? 56  PRO A C    1 
ATOM   102  O O    . PRO A 1 15  ? 8.160   2.971   16.453  1.00 13.79 ? 56  PRO A O    1 
ATOM   103  C CB   . PRO A 1 15  ? 9.253   2.720   19.385  1.00 13.74 ? 56  PRO A CB   1 
ATOM   104  C CG   . PRO A 1 15  ? 8.830   1.329   19.161  1.00 12.77 ? 56  PRO A CG   1 
ATOM   105  C CD   . PRO A 1 15  ? 7.318   1.311   19.266  1.00 12.04 ? 56  PRO A CD   1 
ATOM   106  N N    . LYS A 1 16  ? 8.843   5.041   17.032  1.00 15.97 ? 57  LYS A N    1 
ATOM   107  C CA   . LYS A 1 16  ? 8.912   5.621   15.700  1.00 16.61 ? 57  LYS A CA   1 
ATOM   108  C C    . LYS A 1 16  ? 10.346  6.049   15.442  1.00 12.45 ? 57  LYS A C    1 
ATOM   109  O O    . LYS A 1 16  ? 11.053  6.435   16.369  1.00 13.78 ? 57  LYS A O    1 
ATOM   110  C CB   . LYS A 1 16  ? 8.059   6.910   15.665  1.00 16.91 ? 57  LYS A CB   1 
ATOM   111  C CG   . LYS A 1 16  ? 6.682   6.789   16.296  1.00 17.61 ? 57  LYS A CG   1 
ATOM   112  C CD   . LYS A 1 16  ? 5.891   5.683   15.628  1.00 19.51 ? 57  LYS A CD   1 
ATOM   113  C CE   . LYS A 1 16  ? 4.401   5.831   15.878  1.00 19.16 ? 57  LYS A CE   1 
ATOM   114  N NZ   . LYS A 1 16  ? 4.043   6.107   17.304  1.00 12.37 ? 57  LYS A NZ   1 
ATOM   115  N N    . ARG A 1 17  ? 10.770  6.026   14.181  1.00 13.11 ? 58  ARG A N    1 
ATOM   116  C CA   . ARG A 1 17  ? 12.048  6.616   13.815  1.00 13.38 ? 58  ARG A CA   1 
ATOM   117  C C    . ARG A 1 17  ? 11.869  7.388   12.519  1.00 15.46 ? 58  ARG A C    1 
ATOM   118  O O    . ARG A 1 17  ? 10.998  7.073   11.701  1.00 16.60 ? 58  ARG A O    1 
ATOM   119  C CB   . ARG A 1 17  ? 13.125  5.545   13.619  1.00 16.48 ? 58  ARG A CB   1 
ATOM   120  C CG   . ARG A 1 17  ? 13.758  5.055   14.905  1.00 17.75 ? 58  ARG A CG   1 
ATOM   121  C CD   . ARG A 1 17  ? 14.572  3.779   14.656  1.00 19.01 ? 58  ARG A CD   1 
ATOM   122  N NE   . ARG A 1 17  ? 15.912  4.013   14.132  1.00 19.89 ? 58  ARG A NE   1 
ATOM   123  C CZ   . ARG A 1 17  ? 16.350  3.564   12.961  1.00 18.81 ? 58  ARG A CZ   1 
ATOM   124  N NH1  . ARG A 1 17  ? 15.555  2.915   12.122  1.00 17.69 ? 58  ARG A NH1  1 
ATOM   125  N NH2  . ARG A 1 17  ? 17.620  3.772   12.621  1.00 22.84 ? 58  ARG A NH2  1 
ATOM   126  N N    . GLN A 1 18  ? 12.687  8.415   12.348  1.00 16.97 ? 59  GLN A N    1 
ATOM   127  C CA   . GLN A 1 18  ? 12.827  9.103   11.074  1.00 17.98 ? 59  GLN A CA   1 
ATOM   128  C C    . GLN A 1 18  ? 14.191  8.732   10.518  1.00 20.43 ? 59  GLN A C    1 
ATOM   129  O O    . GLN A 1 18  ? 15.214  8.954   11.178  1.00 22.15 ? 59  GLN A O    1 
ATOM   130  C CB   . GLN A 1 18  ? 12.713  10.614  11.258  1.00 21.14 ? 59  GLN A CB   1 
ATOM   131  N N    . THR A 1 19  ? 14.206  8.139   9.330   1.00 18.42 ? 60  THR A N    1 
ATOM   132  C CA   . THR A 1 19  ? 15.452  7.773   8.681   1.00 17.33 ? 60  THR A CA   1 
ATOM   133  C C    . THR A 1 19  ? 15.441  8.335   7.271   1.00 15.53 ? 60  THR A C    1 
ATOM   134  O O    . THR A 1 19  ? 14.387  8.660   6.717   1.00 17.04 ? 60  THR A O    1 
ATOM   135  C CB   . THR A 1 19  ? 15.656  6.255   8.616   1.00 15.95 ? 60  THR A CB   1 
ATOM   136  O OG1  . THR A 1 19  ? 14.728  5.684   7.676   1.00 17.06 ? 60  THR A OG1  1 
ATOM   137  C CG2  . THR A 1 19  ? 15.406  5.641   9.987   1.00 17.75 ? 60  THR A CG2  1 
ATOM   138  N N    . ASN A 1 20  ? 16.638  8.445   6.698   1.00 17.33 ? 61  ASN A N    1 
ATOM   139  C CA   . ASN A 1 20  ? 16.750  8.908   5.322   1.00 18.63 ? 61  ASN A CA   1 
ATOM   140  C C    . ASN A 1 20  ? 16.017  7.973   4.371   1.00 14.46 ? 61  ASN A C    1 
ATOM   141  O O    . ASN A 1 20  ? 15.446  8.419   3.369   1.00 17.32 ? 61  ASN A O    1 
ATOM   142  C CB   . ASN A 1 20  ? 18.225  9.033   4.940   1.00 19.78 ? 61  ASN A CB   1 
ATOM   143  C CG   . ASN A 1 20  ? 18.454  10.046  3.843   1.00 32.96 ? 61  ASN A CG   1 
ATOM   144  O OD1  . ASN A 1 20  ? 17.883  11.138  3.867   1.00 33.39 ? 61  ASN A OD1  1 
ATOM   145  N ND2  . ASN A 1 20  ? 19.289  9.693   2.874   1.00 36.96 ? 61  ASN A ND2  1 
ATOM   146  N N    . GLN A 1 21  ? 16.041  6.671   4.654   1.00 14.35 ? 62  GLN A N    1 
ATOM   147  C CA   . GLN A 1 21  ? 15.311  5.727   3.812   1.00 13.84 ? 62  GLN A CA   1 
ATOM   148  C C    . GLN A 1 21  ? 13.804  5.965   3.869   1.00 13.01 ? 62  GLN A C    1 
ATOM   149  O O    . GLN A 1 21  ? 13.123  5.914   2.835   1.00 13.83 ? 62  GLN A O    1 
ATOM   150  C CB   . GLN A 1 21  ? 15.667  4.292   4.196   1.00 14.49 ? 62  GLN A CB   1 
ATOM   151  C CG   . GLN A 1 21  ? 17.129  3.957   3.971   1.00 19.13 ? 62  GLN A CG   1 
ATOM   152  C CD   . GLN A 1 21  ? 17.463  2.514   4.286   1.00 20.11 ? 62  GLN A CD   1 
ATOM   153  O OE1  . GLN A 1 21  ? 18.367  1.932   3.680   1.00 25.00 ? 62  GLN A OE1  1 
ATOM   154  N NE2  . GLN A 1 21  ? 16.763  1.937   5.255   1.00 24.25 ? 62  GLN A NE2  1 
ATOM   155  N N    . LEU A 1 22  ? 13.264  6.228   5.061   1.00 12.59 ? 63  LEU A N    1 
ATOM   156  C CA   . LEU A 1 22  ? 11.829  6.473   5.165   1.00 12.25 ? 63  LEU A CA   1 
ATOM   157  C C    . LEU A 1 22  ? 11.448  7.788   4.498   1.00 12.35 ? 63  LEU A C    1 
ATOM   158  O O    . LEU A 1 22  ? 10.379  7.892   3.883   1.00 12.89 ? 63  LEU A O    1 
ATOM   159  C CB   . LEU A 1 22  ? 11.418  6.468   6.639   1.00 13.75 ? 63  LEU A CB   1 
ATOM   160  C CG   . LEU A 1 22  ? 11.216  5.076   7.232   1.00 12.29 ? 63  LEU A CG   1 
ATOM   161  C CD1  . LEU A 1 22  ? 11.239  5.145   8.758   1.00 13.56 ? 63  LEU A CD1  1 
ATOM   162  C CD2  . LEU A 1 22  ? 9.942   4.430   6.718   1.00 12.22 ? 63  LEU A CD2  1 
ATOM   163  N N    . GLN A 1 23  ? 12.308  8.807   4.604   1.00 14.46 ? 64  GLN A N    1 
ATOM   164  C CA   . GLN A 1 23  ? 12.026  10.059  3.909   1.00 15.77 ? 64  GLN A CA   1 
ATOM   165  C C    . GLN A 1 23  ? 11.996  9.857   2.399   1.00 14.41 ? 64  GLN A C    1 
ATOM   166  O O    . GLN A 1 23  ? 11.138  10.425  1.711   1.00 16.43 ? 64  GLN A O    1 
ATOM   167  C CB   . GLN A 1 23  ? 13.010  11.158  4.319   1.00 19.87 ? 64  GLN A CB   1 
ATOM   168  C CG   . GLN A 1 23  ? 13.187  11.280  5.825   1.00 21.27 ? 64  GLN A CG   1 
ATOM   169  C CD   . GLN A 1 23  ? 14.204  12.339  6.215   1.00 28.54 ? 64  GLN A CD   1 
ATOM   170  O OE1  . GLN A 1 23  ? 15.398  12.189  5.968   1.00 31.77 ? 64  GLN A OE1  1 
ATOM   171  N NE2  . GLN A 1 23  ? 13.729  13.414  6.836   1.00 33.61 ? 64  GLN A NE2  1 
ATOM   172  N N    . TYR A 1 24  ? 12.903  9.025   1.875   1.00 13.54 ? 65  TYR A N    1 
ATOM   173  C CA   . TYR A 1 24  ? 12.924  8.733   0.447   1.00 14.30 ? 65  TYR A CA   1 
ATOM   174  C C    . TYR A 1 24  ? 11.692  7.930   0.033   1.00 13.87 ? 65  TYR A C    1 
ATOM   175  O O    . TYR A 1 24  ? 11.140  8.133   -1.060  1.00 14.33 ? 65  TYR A O    1 
ATOM   176  C CB   . TYR A 1 24  ? 14.210  7.973   0.128   1.00 15.55 ? 65  TYR A CB   1 
ATOM   177  C CG   . TYR A 1 24  ? 14.305  7.455   -1.287  1.00 15.89 ? 65  TYR A CG   1 
ATOM   178  C CD1  . TYR A 1 24  ? 13.777  6.224   -1.651  1.00 17.31 ? 65  TYR A CD1  1 
ATOM   179  C CD2  . TYR A 1 24  ? 14.932  8.214   -2.266  1.00 16.00 ? 65  TYR A CD2  1 
ATOM   180  C CE1  . TYR A 1 24  ? 13.874  5.773   -2.953  1.00 16.45 ? 65  TYR A CE1  1 
ATOM   181  C CE2  . TYR A 1 24  ? 15.027  7.772   -3.558  1.00 16.70 ? 65  TYR A CE2  1 
ATOM   182  C CZ   . TYR A 1 24  ? 14.502  6.555   -3.898  1.00 17.24 ? 65  TYR A CZ   1 
ATOM   183  O OH   . TYR A 1 24  ? 14.607  6.131   -5.200  1.00 17.93 ? 65  TYR A OH   1 
ATOM   184  N N    . LEU A 1 25  ? 11.238  7.014   0.895   1.00 12.93 ? 66  LEU A N    1 
ATOM   185  C CA   . LEU A 1 25  ? 10.017  6.270   0.595   1.00 12.24 ? 66  LEU A CA   1 
ATOM   186  C C    . LEU A 1 25  ? 8.830   7.204   0.417   1.00 14.55 ? 66  LEU A C    1 
ATOM   187  O O    . LEU A 1 25  ? 7.974   6.970   -0.444  1.00 14.95 ? 66  LEU A O    1 
ATOM   188  C CB   . LEU A 1 25  ? 9.749   5.242   1.691   1.00 12.86 ? 66  LEU A CB   1 
ATOM   189  C CG   . LEU A 1 25  ? 10.554  3.959   1.548   1.00 13.81 ? 66  LEU A CG   1 
ATOM   190  C CD1  . LEU A 1 25  ? 10.385  3.081   2.762   1.00 18.86 ? 66  LEU A CD1  1 
ATOM   191  C CD2  . LEU A 1 25  ? 10.137  3.201   0.293   1.00 22.98 ? 66  LEU A CD2  1 
ATOM   192  N N    . LEU A 1 26  ? 8.759   8.270   1.204   1.00 13.22 ? 67  LEU A N    1 
ATOM   193  C CA   . LEU A 1 26  ? 7.667   9.218   1.042   1.00 13.33 ? 67  LEU A CA   1 
ATOM   194  C C    . LEU A 1 26  ? 7.895   10.134  -0.152  1.00 13.67 ? 67  LEU A C    1 
ATOM   195  O O    . LEU A 1 26  ? 7.031   10.257  -1.032  1.00 14.47 ? 67  LEU A O    1 
ATOM   196  C CB   . LEU A 1 26  ? 7.501   10.052  2.310   1.00 14.14 ? 67  LEU A CB   1 
ATOM   197  C CG   . LEU A 1 26  ? 6.411   11.123  2.262   1.00 17.00 ? 67  LEU A CG   1 
ATOM   198  C CD1  . LEU A 1 26  ? 5.038   10.533  1.934   1.00 18.40 ? 67  LEU A CD1  1 
ATOM   199  C CD2  . LEU A 1 26  ? 6.367   11.882  3.578   1.00 20.78 ? 67  LEU A CD2  1 
ATOM   200  N N    . ARG A 1 27  ? 9.056   10.791  -0.195  1.00 14.85 ? 68  ARG A N    1 
ATOM   201  C CA   . ARG A 1 27  ? 9.252   11.878  -1.147  1.00 16.88 ? 68  ARG A CA   1 
ATOM   202  C C    . ARG A 1 27  ? 9.391   11.354  -2.566  1.00 16.41 ? 68  ARG A C    1 
ATOM   203  O O    . ARG A 1 27  ? 9.008   12.041  -3.521  1.00 20.69 ? 68  ARG A O    1 
ATOM   204  C CB   . ARG A 1 27  ? 10.471  12.712  -0.739  1.00 18.20 ? 68  ARG A CB   1 
ATOM   205  C CG   . ARG A 1 27  ? 10.882  13.788  -1.739  1.00 20.03 ? 68  ARG A CG   1 
ATOM   206  C CD   . ARG A 1 27  ? 12.236  14.412  -1.417  1.00 19.44 ? 68  ARG A CD   1 
ATOM   207  N NE   . ARG A 1 27  ? 13.310  13.440  -1.538  1.00 17.50 ? 68  ARG A NE   1 
ATOM   208  C CZ   . ARG A 1 27  ? 13.929  13.188  -2.680  1.00 18.03 ? 68  ARG A CZ   1 
ATOM   209  N NH1  . ARG A 1 27  ? 13.530  13.747  -3.812  1.00 18.90 ? 68  ARG A NH1  1 
ATOM   210  N NH2  . ARG A 1 27  ? 14.952  12.336  -2.692  1.00 20.31 ? 68  ARG A NH2  1 
ATOM   211  N N    . VAL A 1 28  ? 9.913   10.146  -2.727  1.00 15.64 ? 69  VAL A N    1 
ATOM   212  C CA   . VAL A 1 28  ? 10.180  9.569   -4.040  1.00 15.49 ? 69  VAL A CA   1 
ATOM   213  C C    . VAL A 1 28  ? 9.244   8.406   -4.355  1.00 15.89 ? 69  VAL A C    1 
ATOM   214  O O    . VAL A 1 28  ? 8.515   8.440   -5.348  1.00 17.72 ? 69  VAL A O    1 
ATOM   215  C CB   . VAL A 1 28  ? 11.663  9.167   -4.197  1.00 16.86 ? 69  VAL A CB   1 
ATOM   216  C CG1  . VAL A 1 28  ? 11.890  8.516   -5.553  1.00 18.14 ? 69  VAL A CG1  1 
ATOM   217  C CG2  . VAL A 1 28  ? 12.564  10.391  -4.057  1.00 18.26 ? 69  VAL A CG2  1 
ATOM   218  N N    . VAL A 1 29  ? 9.256   7.358   -3.523  1.00 15.83 ? 70  VAL A N    1 
ATOM   219  C CA   . VAL A 1 29  ? 8.585   6.120   -3.912  1.00 14.42 ? 70  VAL A CA   1 
ATOM   220  C C    . VAL A 1 29  ? 7.073   6.310   -3.893  1.00 14.81 ? 70  VAL A C    1 
ATOM   221  O O    . VAL A 1 29  ? 6.380   6.074   -4.893  1.00 16.46 ? 70  VAL A O    1 
ATOM   222  C CB   . VAL A 1 29  ? 9.020   4.951   -3.012  1.00 15.64 ? 70  VAL A CB   1 
ATOM   223  C CG1  . VAL A 1 29  ? 8.157   3.711   -3.298  1.00 17.51 ? 70  VAL A CG1  1 
ATOM   224  C CG2  . VAL A 1 29  ? 10.506  4.663   -3.150  1.00 18.28 ? 70  VAL A CG2  1 
ATOM   225  N N    . LEU A 1 30  ? 6.531   6.741   -2.757  1.00 16.39 ? 71  LEU A N    1 
ATOM   226  C CA   A LEU A 1 30  ? 5.091   6.941   -2.682  0.51 14.88 ? 71  LEU A CA   1 
ATOM   227  C CA   B LEU A 1 30  ? 5.091   6.945   -2.674  0.49 14.89 ? 71  LEU A CA   1 
ATOM   228  C C    . LEU A 1 30  ? 4.636   8.051   -3.622  1.00 16.56 ? 71  LEU A C    1 
ATOM   229  O O    . LEU A 1 30  ? 3.638   7.896   -4.334  1.00 16.65 ? 71  LEU A O    1 
ATOM   230  C CB   A LEU A 1 30  ? 4.651   7.204   -1.245  0.51 16.37 ? 71  LEU A CB   1 
ATOM   231  C CB   B LEU A 1 30  ? 4.692   7.249   -1.231  0.49 16.33 ? 71  LEU A CB   1 
ATOM   232  C CG   A LEU A 1 30  ? 3.163   7.541   -1.166  0.51 17.88 ? 71  LEU A CG   1 
ATOM   233  C CG   B LEU A 1 30  ? 3.188   7.329   -0.983  0.49 17.25 ? 71  LEU A CG   1 
ATOM   234  C CD1  A LEU A 1 30  ? 2.328   6.275   -1.013  0.51 13.14 ? 71  LEU A CD1  1 
ATOM   235  C CD1  B LEU A 1 30  ? 2.872   6.839   0.413   0.49 19.25 ? 71  LEU A CD1  1 
ATOM   236  C CD2  A LEU A 1 30  ? 2.915   8.498   -0.021  0.51 19.67 ? 71  LEU A CD2  1 
ATOM   237  C CD2  B LEU A 1 30  ? 2.671   8.743   -1.202  0.49 12.56 ? 71  LEU A CD2  1 
ATOM   238  N N    . LYS A 1 31  ? 5.361   9.172   -3.658  1.00 18.23 ? 72  LYS A N    1 
ATOM   239  C CA   . LYS A 1 31  ? 4.989   10.263  -4.555  1.00 20.85 ? 72  LYS A CA   1 
ATOM   240  C C    . LYS A 1 31  ? 4.897   9.790   -6.003  1.00 19.43 ? 72  LYS A C    1 
ATOM   241  O O    . LYS A 1 31  ? 3.943   10.132  -6.715  1.00 20.54 ? 72  LYS A O    1 
ATOM   242  C CB   . LYS A 1 31  ? 5.986   11.416  -4.429  1.00 23.38 ? 72  LYS A CB   1 
ATOM   243  N N    . THR A 1 32  ? 5.873   9.000   -6.455  1.00 20.03 ? 73  THR A N    1 
ATOM   244  C CA   . THR A 1 32  ? 5.877   8.537   -7.839  1.00 19.03 ? 73  THR A CA   1 
ATOM   245  C C    . THR A 1 32  ? 4.678   7.638   -8.113  1.00 16.50 ? 73  THR A C    1 
ATOM   246  O O    . THR A 1 32  ? 3.992   7.786   -9.136  1.00 16.46 ? 73  THR A O    1 
ATOM   247  C CB   . THR A 1 32  ? 7.181   7.792   -8.131  1.00 18.70 ? 73  THR A CB   1 
ATOM   248  O OG1  . THR A 1 32  ? 8.290   8.690   -8.004  1.00 21.60 ? 73  THR A OG1  1 
ATOM   249  C CG2  . THR A 1 32  ? 7.168   7.213   -9.539  1.00 20.45 ? 73  THR A CG2  1 
ATOM   250  N N    . LEU A 1 33  ? 4.416   6.684   -7.216  1.00 16.27 ? 74  LEU A N    1 
ATOM   251  C CA   . LEU A 1 33  ? 3.304   5.764   -7.430  1.00 15.77 ? 74  LEU A CA   1 
ATOM   252  C C    . LEU A 1 33  ? 1.967   6.489   -7.338  1.00 13.64 ? 74  LEU A C    1 
ATOM   253  O O    . LEU A 1 33  ? 1.030   6.175   -8.081  1.00 14.59 ? 74  LEU A O    1 
ATOM   254  C CB   . LEU A 1 33  ? 3.350   4.623   -6.414  1.00 16.44 ? 74  LEU A CB   1 
ATOM   255  C CG   . LEU A 1 33  ? 4.062   3.335   -6.831  1.00 20.76 ? 74  LEU A CG   1 
ATOM   256  C CD1  . LEU A 1 33  ? 5.370   3.644   -7.555  1.00 22.57 ? 74  LEU A CD1  1 
ATOM   257  C CD2  . LEU A 1 33  ? 4.300   2.443   -5.627  1.00 22.84 ? 74  LEU A CD2  1 
ATOM   258  N N    . TRP A 1 34  ? 1.871   7.470   -6.446  1.00 14.45 ? 75  TRP A N    1 
ATOM   259  C CA   . TRP A 1 34  ? 0.596   8.122   -6.164  1.00 15.16 ? 75  TRP A CA   1 
ATOM   260  C C    . TRP A 1 34  ? 0.065   8.876   -7.372  1.00 14.68 ? 75  TRP A C    1 
ATOM   261  O O    . TRP A 1 34  ? -1.158  8.959   -7.560  1.00 15.90 ? 75  TRP A O    1 
ATOM   262  C CB   . TRP A 1 34  ? 0.777   9.067   -4.978  1.00 15.87 ? 75  TRP A CB   1 
ATOM   263  C CG   . TRP A 1 34  ? -0.487  9.641   -4.443  1.00 16.46 ? 75  TRP A CG   1 
ATOM   264  C CD1  . TRP A 1 34  ? -1.078  10.816  -4.805  1.00 19.68 ? 75  TRP A CD1  1 
ATOM   265  C CD2  . TRP A 1 34  ? -1.342  9.042   -3.473  1.00 12.86 ? 75  TRP A CD2  1 
ATOM   266  N NE1  . TRP A 1 34  ? -2.238  10.997  -4.090  1.00 18.20 ? 75  TRP A NE1  1 
ATOM   267  C CE2  . TRP A 1 34  ? -2.421  9.916   -3.267  1.00 14.31 ? 75  TRP A CE2  1 
ATOM   268  C CE3  . TRP A 1 34  ? -1.296  7.847   -2.748  1.00 13.19 ? 75  TRP A CE3  1 
ATOM   269  C CZ2  . TRP A 1 34  ? -3.447  9.633   -2.369  1.00 15.86 ? 75  TRP A CZ2  1 
ATOM   270  C CZ3  . TRP A 1 34  ? -2.308  7.577   -1.851  1.00 12.94 ? 75  TRP A CZ3  1 
ATOM   271  C CH2  . TRP A 1 34  ? -3.366  8.461   -1.670  1.00 13.63 ? 75  TRP A CH2  1 
ATOM   272  N N    . LYS A 1 35  ? 0.964   9.455   -8.180  1.00 15.38 ? 76  LYS A N    1 
ATOM   273  C CA   . LYS A 1 35  ? 0.609   10.210  -9.374  1.00 16.89 ? 76  LYS A CA   1 
ATOM   274  C C    . LYS A 1 35  ? 0.334   9.336   -10.583 1.00 14.43 ? 76  LYS A C    1 
ATOM   275  O O    . LYS A 1 35  ? -0.109  9.862   -11.610 1.00 17.32 ? 76  LYS A O    1 
ATOM   276  C CB   . LYS A 1 35  ? 1.731   11.178  -9.778  1.00 24.21 ? 76  LYS A CB   1 
ATOM   277  C CG   . LYS A 1 35  ? 1.509   12.607  -9.354  1.00 30.81 ? 76  LYS A CG   1 
ATOM   278  C CD   . LYS A 1 35  ? 2.627   13.520  -9.845  1.00 31.40 ? 76  LYS A CD   1 
ATOM   279  C CE   . LYS A 1 35  ? 3.862   13.446  -8.986  1.00 25.72 ? 76  LYS A CE   1 
ATOM   280  N NZ   . LYS A 1 35  ? 4.787   14.573  -9.323  1.00 23.15 ? 76  LYS A NZ   1 
ATOM   281  N N    . HIS A 1 36  ? 0.595   8.041   -10.497 1.00 14.18 ? 77  HIS A N    1 
ATOM   282  C CA   . HIS A 1 36  ? 0.498   7.168   -11.655 1.00 13.82 ? 77  HIS A CA   1 
ATOM   283  C C    . HIS A 1 36  ? -0.960  6.992   -12.095 1.00 12.83 ? 77  HIS A C    1 
ATOM   284  O O    . HIS A 1 36  ? -1.888  7.043   -11.287 1.00 11.96 ? 77  HIS A O    1 
ATOM   285  C CB   . HIS A 1 36  ? 1.122   5.818   -11.299 1.00 14.80 ? 77  HIS A CB   1 
ATOM   286  C CG   . HIS A 1 36  ? 1.402   4.938   -12.472 1.00 13.62 ? 77  HIS A CG   1 
ATOM   287  N ND1  . HIS A 1 36  ? 0.431   4.171   -13.085 1.00 14.40 ? 77  HIS A ND1  1 
ATOM   288  C CD2  . HIS A 1 36  ? 2.549   4.705   -13.151 1.00 18.41 ? 77  HIS A CD2  1 
ATOM   289  C CE1  . HIS A 1 36  ? 0.971   3.503   -14.089 1.00 14.98 ? 77  HIS A CE1  1 
ATOM   290  N NE2  . HIS A 1 36  ? 2.255   3.811   -14.151 1.00 15.92 ? 77  HIS A NE2  1 
ATOM   291  N N    . GLN A 1 37  ? -1.154  6.778   -13.403 1.00 12.32 ? 78  GLN A N    1 
ATOM   292  C CA   A GLN A 1 37  ? -2.497  6.626   -13.955 0.00 12.01 ? 78  GLN A CA   1 
ATOM   293  C CA   B GLN A 1 37  ? -2.503  6.631   -13.951 1.00 11.82 ? 78  GLN A CA   1 
ATOM   294  C C    . GLN A 1 37  ? -3.221  5.396   -13.417 1.00 10.77 ? 78  GLN A C    1 
ATOM   295  O O    . GLN A 1 37  ? -4.451  5.319   -13.521 1.00 11.17 ? 78  GLN A O    1 
ATOM   296  C CB   A GLN A 1 37  ? -2.421  6.541   -15.480 0.00 14.74 ? 78  GLN A CB   1 
ATOM   297  C CB   B GLN A 1 37  ? -2.462  6.599   -15.479 1.00 14.76 ? 78  GLN A CB   1 
ATOM   298  C CG   A GLN A 1 37  ? -1.959  7.819   -16.155 0.00 15.17 ? 78  GLN A CG   1 
ATOM   299  C CG   B GLN A 1 37  ? -1.777  5.374   -16.048 1.00 15.48 ? 78  GLN A CG   1 
ATOM   300  N N    . PHE A 1 38  ? -2.494  4.430   -12.856 1.00 11.54 ? 79  PHE A N    1 
ATOM   301  C CA   . PHE A 1 38  ? -3.094  3.228   -12.290 1.00 10.38 ? 79  PHE A CA   1 
ATOM   302  C C    . PHE A 1 38  ? -3.142  3.255   -10.767 1.00 11.46 ? 79  PHE A C    1 
ATOM   303  O O    . PHE A 1 38  ? -3.474  2.236   -10.146 1.00 11.31 ? 79  PHE A O    1 
ATOM   304  C CB   . PHE A 1 38  ? -2.317  1.988   -12.728 1.00 12.62 ? 79  PHE A CB   1 
ATOM   305  C CG   . PHE A 1 38  ? -2.378  1.714   -14.197 1.00 13.23 ? 79  PHE A CG   1 
ATOM   306  C CD1  . PHE A 1 38  ? -3.411  2.204   -14.992 1.00 12.67 ? 79  PHE A CD1  1 
ATOM   307  C CD2  . PHE A 1 38  ? -1.392  0.945   -14.791 1.00 13.90 ? 79  PHE A CD2  1 
ATOM   308  C CE1  . PHE A 1 38  ? -3.448  1.924   -16.357 1.00 13.59 ? 79  PHE A CE1  1 
ATOM   309  C CE2  . PHE A 1 38  ? -1.426  0.677   -16.139 1.00 17.29 ? 79  PHE A CE2  1 
ATOM   310  C CZ   . PHE A 1 38  ? -2.456  1.164   -16.923 1.00 16.42 ? 79  PHE A CZ   1 
ATOM   311  N N    . ALA A 1 39  ? -2.822  4.391   -10.144 1.00 10.39 ? 80  ALA A N    1 
ATOM   312  C CA   . ALA A 1 39  ? -2.791  4.446   -8.687  1.00 11.00 ? 80  ALA A CA   1 
ATOM   313  C C    . ALA A 1 39  ? -4.182  4.411   -8.069  1.00 10.91 ? 80  ALA A C    1 
ATOM   314  O O    . ALA A 1 39  ? -4.323  3.947   -6.932  1.00 10.20 ? 80  ALA A O    1 
ATOM   315  C CB   . ALA A 1 39  ? -2.059  5.708   -8.231  1.00 12.91 ? 80  ALA A CB   1 
ATOM   316  N N    . TRP A 1 40  ? -5.201  4.906   -8.776  1.00 10.06 ? 81  TRP A N    1 
ATOM   317  C CA   . TRP A 1 40  ? -6.474  5.223   -8.131  1.00 10.33 ? 81  TRP A CA   1 
ATOM   318  C C    . TRP A 1 40  ? -7.086  4.088   -7.311  1.00 9.26  ? 81  TRP A C    1 
ATOM   319  O O    . TRP A 1 40  ? -7.602  4.376   -6.221  1.00 10.60 ? 81  TRP A O    1 
ATOM   320  C CB   . TRP A 1 40  ? -7.455  5.842   -9.146  1.00 11.22 ? 81  TRP A CB   1 
ATOM   321  C CG   . TRP A 1 40  ? -7.845  4.943   -10.275 1.00 9.44  ? 81  TRP A CG   1 
ATOM   322  C CD1  . TRP A 1 40  ? -7.219  4.808   -11.480 1.00 11.05 ? 81  TRP A CD1  1 
ATOM   323  C CD2  . TRP A 1 40  ? -8.935  4.021   -10.289 1.00 10.40 ? 81  TRP A CD2  1 
ATOM   324  N NE1  . TRP A 1 40  ? -7.863  3.860   -12.245 1.00 10.03 ? 81  TRP A NE1  1 
ATOM   325  C CE2  . TRP A 1 40  ? -8.924  3.370   -11.534 1.00 10.76 ? 81  TRP A CE2  1 
ATOM   326  C CE3  . TRP A 1 40  ? -9.924  3.684   -9.362  1.00 11.11 ? 81  TRP A CE3  1 
ATOM   327  C CZ2  . TRP A 1 40  ? -9.867  2.404   -11.872 1.00 11.36 ? 81  TRP A CZ2  1 
ATOM   328  C CZ3  . TRP A 1 40  ? -10.855 2.726   -9.704  1.00 11.76 ? 81  TRP A CZ3  1 
ATOM   329  C CH2  . TRP A 1 40  ? -10.820 2.099   -10.941 1.00 11.76 ? 81  TRP A CH2  1 
ATOM   330  N N    . PRO A 1 41  ? -7.084  2.820   -7.741  1.00 8.71  ? 82  PRO A N    1 
ATOM   331  C CA   . PRO A 1 41  ? -7.722  1.787   -6.904  1.00 8.96  ? 82  PRO A CA   1 
ATOM   332  C C    . PRO A 1 41  ? -6.992  1.573   -5.600  1.00 9.69  ? 82  PRO A C    1 
ATOM   333  O O    . PRO A 1 41  ? -7.574  1.044   -4.643  1.00 10.19 ? 82  PRO A O    1 
ATOM   334  C CB   . PRO A 1 41  ? -7.655  0.513   -7.758  1.00 10.07 ? 82  PRO A CB   1 
ATOM   335  C CG   . PRO A 1 41  ? -7.371  0.981   -9.146  1.00 9.88  ? 82  PRO A CG   1 
ATOM   336  C CD   . PRO A 1 41  ? -6.548  2.238   -8.981  1.00 10.42 ? 82  PRO A CD   1 
ATOM   337  N N    . PHE A 1 42  ? -5.725  1.971   -5.538  1.00 9.60  ? 83  PHE A N    1 
ATOM   338  C CA   . PHE A 1 42  ? -4.853  1.715   -4.404  1.00 9.55  ? 83  PHE A CA   1 
ATOM   339  C C    . PHE A 1 42  ? -4.685  2.926   -3.498  1.00 9.75  ? 83  PHE A C    1 
ATOM   340  O O    . PHE A 1 42  ? -3.927  2.859   -2.528  1.00 10.74 ? 83  PHE A O    1 
ATOM   341  C CB   . PHE A 1 42  ? -3.500  1.199   -4.912  1.00 11.45 ? 83  PHE A CB   1 
ATOM   342  C CG   . PHE A 1 42  ? -3.633  0.018   -5.820  1.00 9.49  ? 83  PHE A CG   1 
ATOM   343  C CD1  . PHE A 1 42  ? -3.788  -1.254  -5.297  1.00 10.89 ? 83  PHE A CD1  1 
ATOM   344  C CD2  . PHE A 1 42  ? -3.650  0.177   -7.194  1.00 10.09 ? 83  PHE A CD2  1 
ATOM   345  C CE1  . PHE A 1 42  ? -3.930  -2.347  -6.125  1.00 11.75 ? 83  PHE A CE1  1 
ATOM   346  C CE2  . PHE A 1 42  ? -3.808  -0.921  -8.028  1.00 11.68 ? 83  PHE A CE2  1 
ATOM   347  C CZ   . PHE A 1 42  ? -3.950  -2.175  -7.494  1.00 11.23 ? 83  PHE A CZ   1 
ATOM   348  N N    . GLN A 1 43  ? -5.402  4.016   -3.750  1.00 10.47 ? 84  GLN A N    1 
ATOM   349  C CA   . GLN A 1 43  ? -5.209  5.239   -2.986  1.00 10.73 ? 84  GLN A CA   1 
ATOM   350  C C    . GLN A 1 43  ? -6.013  5.267   -1.696  1.00 10.28 ? 84  GLN A C    1 
ATOM   351  O O    . GLN A 1 43  ? -5.891  6.226   -0.928  1.00 10.92 ? 84  GLN A O    1 
ATOM   352  C CB   . GLN A 1 43  ? -5.532  6.455   -3.853  1.00 10.63 ? 84  GLN A CB   1 
ATOM   353  C CG   . GLN A 1 43  ? -4.413  6.831   -4.802  1.00 11.96 ? 84  GLN A CG   1 
ATOM   354  C CD   . GLN A 1 43  ? -4.811  7.896   -5.796  1.00 13.39 ? 84  GLN A CD   1 
ATOM   355  O OE1  . GLN A 1 43  ? -5.994  8.113   -6.069  1.00 14.85 ? 84  GLN A OE1  1 
ATOM   356  N NE2  . GLN A 1 43  ? -3.823  8.646   -6.266  1.00 14.06 ? 84  GLN A NE2  1 
ATOM   357  N N    . GLN A 1 44  ? -6.808  4.238   -1.432  1.00 10.38 ? 85  GLN A N    1 
ATOM   358  C CA   . GLN A 1 44  ? -7.610  4.140   -0.223  1.00 10.12 ? 85  GLN A CA   1 
ATOM   359  C C    . GLN A 1 44  ? -7.946  2.675   -0.015  1.00 9.31  ? 85  GLN A C    1 
ATOM   360  O O    . GLN A 1 44  ? -7.820  1.870   -0.947  1.00 9.46  ? 85  GLN A O    1 
ATOM   361  C CB   . GLN A 1 44  ? -8.892  4.977   -0.347  1.00 11.07 ? 85  GLN A CB   1 
ATOM   362  C CG   . GLN A 1 44  ? -9.805  4.572   -1.513  1.00 12.67 ? 85  GLN A CG   1 
ATOM   363  C CD   . GLN A 1 44  ? -9.272  5.005   -2.866  1.00 11.30 ? 85  GLN A CD   1 
ATOM   364  O OE1  . GLN A 1 44  ? -8.903  6.163   -3.049  1.00 13.31 ? 85  GLN A OE1  1 
ATOM   365  N NE2  . GLN A 1 44  ? -9.234  4.077   -3.825  1.00 12.70 ? 85  GLN A NE2  1 
ATOM   366  N N    . PRO A 1 45  ? -8.404  2.300   1.177   1.00 10.06 ? 86  PRO A N    1 
ATOM   367  C CA   . PRO A 1 45  ? -8.809  0.907   1.396   1.00 10.63 ? 86  PRO A CA   1 
ATOM   368  C C    . PRO A 1 45  ? -9.870  0.467   0.393   1.00 11.45 ? 86  PRO A C    1 
ATOM   369  O O    . PRO A 1 45  ? -10.694 1.257   -0.079  1.00 11.94 ? 86  PRO A O    1 
ATOM   370  C CB   . PRO A 1 45  ? -9.377  0.932   2.819   1.00 11.92 ? 86  PRO A CB   1 
ATOM   371  C CG   . PRO A 1 45  ? -8.648  2.061   3.486   1.00 11.73 ? 86  PRO A CG   1 
ATOM   372  C CD   . PRO A 1 45  ? -8.459  3.101   2.415   1.00 13.03 ? 86  PRO A CD   1 
ATOM   373  N N    . VAL A 1 46  ? -9.845  -0.824  0.066   1.00 9.75  ? 87  VAL A N    1 
ATOM   374  C CA   . VAL A 1 46  ? -10.901 -1.390  -0.756  1.00 11.21 ? 87  VAL A CA   1 
ATOM   375  C C    . VAL A 1 46  ? -12.236 -1.191  -0.055  1.00 10.76 ? 87  VAL A C    1 
ATOM   376  O O    . VAL A 1 46  ? -12.417 -1.573  1.108   1.00 11.05 ? 87  VAL A O    1 
ATOM   377  C CB   . VAL A 1 46  ? -10.627 -2.878  -1.022  1.00 10.97 ? 87  VAL A CB   1 
ATOM   378  C CG1  . VAL A 1 46  ? -11.831 -3.551  -1.678  1.00 12.96 ? 87  VAL A CG1  1 
ATOM   379  C CG2  . VAL A 1 46  ? -9.387  -3.045  -1.868  1.00 12.25 ? 87  VAL A CG2  1 
ATOM   380  N N    . ASP A 1 47  ? -13.178 -0.583  -0.763  1.00 12.28 ? 88  ASP A N    1 
ATOM   381  C CA   . ASP A 1 47  ? -14.514 -0.316  -0.235  1.00 11.76 ? 88  ASP A CA   1 
ATOM   382  C C    . ASP A 1 47  ? -15.420 -1.436  -0.735  1.00 11.99 ? 88  ASP A C    1 
ATOM   383  O O    . ASP A 1 47  ? -16.025 -1.347  -1.805  1.00 13.14 ? 88  ASP A O    1 
ATOM   384  C CB   . ASP A 1 47  ? -15.006 1.052   -0.693  1.00 14.58 ? 88  ASP A CB   1 
ATOM   385  C CG   . ASP A 1 47  ? -16.311 1.460   -0.027  1.00 16.99 ? 88  ASP A CG   1 
ATOM   386  O OD1  . ASP A 1 47  ? -17.048 0.568   0.454   1.00 15.95 ? 88  ASP A OD1  1 
ATOM   387  O OD2  . ASP A 1 47  ? -16.615 2.675   -0.003  1.00 19.69 ? 88  ASP A OD2  1 
ATOM   388  N N    . ALA A 1 48  ? -15.510 -2.502  0.064   1.00 11.70 ? 89  ALA A N    1 
ATOM   389  C CA   . ALA A 1 48  ? -16.295 -3.668  -0.316  1.00 12.34 ? 89  ALA A CA   1 
ATOM   390  C C    . ALA A 1 48  ? -17.785 -3.360  -0.368  1.00 11.14 ? 89  ALA A C    1 
ATOM   391  O O    . ALA A 1 48  ? -18.511 -3.973  -1.162  1.00 13.75 ? 89  ALA A O    1 
ATOM   392  C CB   . ALA A 1 48  ? -16.024 -4.820  0.656   1.00 13.20 ? 89  ALA A CB   1 
ATOM   393  N N    . VAL A 1 49  ? -18.265 -2.447  0.476   1.00 12.20 ? 90  VAL A N    1 
ATOM   394  C CA   . VAL A 1 49  ? -19.664 -2.026  0.399   1.00 13.09 ? 90  VAL A CA   1 
ATOM   395  C C    . VAL A 1 49  ? -19.954 -1.390  -0.951  1.00 15.61 ? 90  VAL A C    1 
ATOM   396  O O    . VAL A 1 49  ? -20.900 -1.773  -1.650  1.00 16.56 ? 90  VAL A O    1 
ATOM   397  C CB   . VAL A 1 49  ? -20.014 -1.078  1.558   1.00 14.77 ? 90  VAL A CB   1 
ATOM   398  C CG1  . VAL A 1 49  ? -21.450 -0.574  1.415   1.00 17.09 ? 90  VAL A CG1  1 
ATOM   399  C CG2  . VAL A 1 49  ? -19.837 -1.786  2.897   1.00 16.38 ? 90  VAL A CG2  1 
ATOM   400  N N    . LYS A 1 50  ? -19.140 -0.408  -1.341  1.00 15.94 ? 91  LYS A N    1 
ATOM   401  C CA   . LYS A 1 50  ? -19.363 0.266   -2.612  1.00 16.34 ? 91  LYS A CA   1 
ATOM   402  C C    . LYS A 1 50  ? -19.269 -0.708  -3.773  1.00 16.09 ? 91  LYS A C    1 
ATOM   403  O O    . LYS A 1 50  ? -20.074 -0.651  -4.707  1.00 18.15 ? 91  LYS A O    1 
ATOM   404  C CB   . LYS A 1 50  ? -18.349 1.399   -2.778  1.00 17.35 ? 91  LYS A CB   1 
ATOM   405  C CG   . LYS A 1 50  ? -18.440 2.086   -4.131  1.00 19.83 ? 91  LYS A CG   1 
ATOM   406  N N    . LEU A 1 51  ? -18.286 -1.604  -3.743  1.00 14.50 ? 92  LEU A N    1 
ATOM   407  C CA   . LEU A 1 51  ? -18.080 -2.538  -4.837  1.00 14.65 ? 92  LEU A CA   1 
ATOM   408  C C    . LEU A 1 51  ? -19.000 -3.742  -4.759  1.00 15.36 ? 92  LEU A C    1 
ATOM   409  O O    . LEU A 1 51  ? -19.013 -4.549  -5.686  1.00 15.15 ? 92  LEU A O    1 
ATOM   410  C CB   . LEU A 1 51  ? -16.628 -3.007  -4.850  1.00 14.70 ? 92  LEU A CB   1 
ATOM   411  C CG   . LEU A 1 51  ? -15.606 -1.896  -5.088  1.00 16.68 ? 92  LEU A CG   1 
ATOM   412  C CD1  . LEU A 1 51  ? -14.215 -2.368  -4.706  1.00 17.09 ? 92  LEU A CD1  1 
ATOM   413  C CD2  . LEU A 1 51  ? -15.656 -1.455  -6.535  1.00 19.02 ? 92  LEU A CD2  1 
ATOM   414  N N    . ASN A 1 52  ? -19.758 -3.877  -3.676  1.00 14.66 ? 93  ASN A N    1 
ATOM   415  C CA   . ASN A 1 52  ? -20.622 -5.038  -3.463  1.00 15.01 ? 93  ASN A CA   1 
ATOM   416  C C    . ASN A 1 52  ? -19.815 -6.334  -3.538  1.00 14.31 ? 93  ASN A C    1 
ATOM   417  O O    . ASN A 1 52  ? -20.152 -7.271  -4.268  1.00 15.39 ? 93  ASN A O    1 
ATOM   418  C CB   . ASN A 1 52  ? -21.804 -5.059  -4.438  1.00 18.72 ? 93  ASN A CB   1 
ATOM   419  C CG   . ASN A 1 52  ? -22.935 -5.953  -3.964  1.00 22.63 ? 93  ASN A CG   1 
ATOM   420  O OD1  . ASN A 1 52  ? -23.260 -5.982  -2.774  1.00 25.20 ? 93  ASN A OD1  1 
ATOM   421  N ND2  . ASN A 1 52  ? -23.518 -6.711  -4.885  1.00 26.19 ? 93  ASN A ND2  1 
ATOM   422  N N    . LEU A 1 53  ? -18.711 -6.362  -2.791  1.00 13.18 ? 94  LEU A N    1 
ATOM   423  C CA   . LEU A 1 53  ? -17.838 -7.528  -2.711  1.00 12.12 ? 94  LEU A CA   1 
ATOM   424  C C    . LEU A 1 53  ? -17.741 -7.987  -1.264  1.00 10.55 ? 94  LEU A C    1 
ATOM   425  O O    . LEU A 1 53  ? -16.695 -7.821  -0.618  1.00 11.60 ? 94  LEU A O    1 
ATOM   426  C CB   . LEU A 1 53  ? -16.451 -7.269  -3.297  1.00 13.79 ? 94  LEU A CB   1 
ATOM   427  C CG   . LEU A 1 53  ? -16.426 -6.859  -4.761  1.00 13.64 ? 94  LEU A CG   1 
ATOM   428  C CD1  . LEU A 1 53  ? -15.032 -6.389  -5.113  1.00 16.74 ? 94  LEU A CD1  1 
ATOM   429  C CD2  . LEU A 1 53  ? -16.838 -8.040  -5.621  1.00 17.86 ? 94  LEU A CD2  1 
ATOM   430  N N    . PRO A 1 54  ? -18.815 -8.569  -0.723  1.00 10.70 ? 95  PRO A N    1 
ATOM   431  C CA   . PRO A 1 54  ? -18.743 -9.095  0.643   1.00 11.01 ? 95  PRO A CA   1 
ATOM   432  C C    . PRO A 1 54  ? -17.678 -10.149 0.821   1.00 11.64 ? 95  PRO A C    1 
ATOM   433  O O    . PRO A 1 54  ? -17.264 -10.406 1.956   1.00 13.15 ? 95  PRO A O    1 
ATOM   434  C CB   . PRO A 1 54  ? -20.154 -9.645  0.885   1.00 11.79 ? 95  PRO A CB   1 
ATOM   435  C CG   . PRO A 1 54  ? -20.714 -9.899  -0.502  1.00 11.85 ? 95  PRO A CG   1 
ATOM   436  C CD   . PRO A 1 54  ? -20.141 -8.789  -1.341  1.00 11.33 ? 95  PRO A CD   1 
ATOM   437  N N    . ASP A 1 55  ? -17.208 -10.757 -0.263  1.00 10.15 ? 96  ASP A N    1 
ATOM   438  C CA   . ASP A 1 55  ? -16.149 -11.750 -0.188  1.00 10.58 ? 96  ASP A CA   1 
ATOM   439  C C    . ASP A 1 55  ? -14.755 -11.159 0.024   1.00 9.74  ? 96  ASP A C    1 
ATOM   440  O O    . ASP A 1 55  ? -13.865 -11.893 0.446   1.00 10.93 ? 96  ASP A O    1 
ATOM   441  C CB   . ASP A 1 55  ? -16.135 -12.584 -1.467  1.00 12.91 ? 96  ASP A CB   1 
ATOM   442  C CG   . ASP A 1 55  ? -16.078 -11.728 -2.724  1.00 13.06 ? 96  ASP A CG   1 
ATOM   443  O OD1  . ASP A 1 55  ? -16.945 -10.835 -2.890  1.00 14.90 ? 96  ASP A OD1  1 
ATOM   444  O OD2  . ASP A 1 55  ? -15.164 -11.942 -3.554  1.00 17.22 ? 96  ASP A OD2  1 
ATOM   445  N N    . TYR A 1 56  ? -14.533 -9.872  -0.270  1.00 9.92  ? 97  TYR A N    1 
ATOM   446  C CA   . TYR A 1 56  ? -13.161 -9.372  -0.317  1.00 9.03  ? 97  TYR A CA   1 
ATOM   447  C C    . TYR A 1 56  ? -12.449 -9.564  1.016   1.00 9.19  ? 97  TYR A C    1 
ATOM   448  O O    . TYR A 1 56  ? -11.351 -10.124 1.069   1.00 9.90  ? 97  TYR A O    1 
ATOM   449  C CB   . TYR A 1 56  ? -13.104 -7.907  -0.749  1.00 9.83  ? 97  TYR A CB   1 
ATOM   450  C CG   . TYR A 1 56  ? -11.664 -7.437  -0.811  1.00 9.02  ? 97  TYR A CG   1 
ATOM   451  C CD1  . TYR A 1 56  ? -10.867 -7.743  -1.909  1.00 9.81  ? 97  TYR A CD1  1 
ATOM   452  C CD2  . TYR A 1 56  ? -11.081 -6.752  0.241   1.00 9.90  ? 97  TYR A CD2  1 
ATOM   453  C CE1  . TYR A 1 56  ? -9.547  -7.356  -1.964  1.00 9.52  ? 97  TYR A CE1  1 
ATOM   454  C CE2  . TYR A 1 56  ? -9.759  -6.364  0.200   1.00 9.83  ? 97  TYR A CE2  1 
ATOM   455  C CZ   . TYR A 1 56  ? -8.995  -6.671  -0.902  1.00 9.61  ? 97  TYR A CZ   1 
ATOM   456  O OH   . TYR A 1 56  ? -7.679  -6.274  -0.932  1.00 10.12 ? 97  TYR A OH   1 
ATOM   457  N N    . TYR A 1 57  ? -13.042 -9.073  2.105   1.00 9.21  ? 98  TYR A N    1 
ATOM   458  C CA   . TYR A 1 57  ? -12.394 -9.160  3.403   1.00 9.83  ? 98  TYR A CA   1 
ATOM   459  C C    . TYR A 1 57  ? -12.588 -10.521 4.057   1.00 10.35 ? 98  TYR A C    1 
ATOM   460  O O    . TYR A 1 57  ? -12.082 -10.750 5.156   1.00 10.79 ? 98  TYR A O    1 
ATOM   461  C CB   . TYR A 1 57  ? -12.854 -8.001  4.290   1.00 10.59 ? 98  TYR A CB   1 
ATOM   462  C CG   . TYR A 1 57  ? -12.318 -6.663  3.832   1.00 9.40  ? 98  TYR A CG   1 
ATOM   463  C CD1  . TYR A 1 57  ? -10.982 -6.338  4.008   1.00 11.06 ? 98  TYR A CD1  1 
ATOM   464  C CD2  . TYR A 1 57  ? -13.147 -5.723  3.233   1.00 10.38 ? 98  TYR A CD2  1 
ATOM   465  C CE1  . TYR A 1 57  ? -10.479 -5.114  3.594   1.00 9.87  ? 98  TYR A CE1  1 
ATOM   466  C CE2  . TYR A 1 57  ? -12.664 -4.490  2.827   1.00 9.96  ? 98  TYR A CE2  1 
ATOM   467  C CZ   . TYR A 1 57  ? -11.317 -4.196  3.007   1.00 9.70  ? 98  TYR A CZ   1 
ATOM   468  O OH   . TYR A 1 57  ? -10.805 -2.971  2.615   1.00 11.19 ? 98  TYR A OH   1 
ATOM   469  N N    . LYS A 1 58  ? -13.277 -11.449 3.392   1.00 10.99 ? 99  LYS A N    1 
ATOM   470  C CA   . LYS A 1 58  ? -13.209 -12.854 3.787   1.00 11.70 ? 99  LYS A CA   1 
ATOM   471  C C    . LYS A 1 58  ? -11.949 -13.508 3.241   1.00 12.32 ? 99  LYS A C    1 
ATOM   472  O O    . LYS A 1 58  ? -11.412 -14.430 3.864   1.00 15.52 ? 99  LYS A O    1 
ATOM   473  C CB   . LYS A 1 58  ? -14.455 -13.590 3.282   1.00 12.61 ? 99  LYS A CB   1 
ATOM   474  C CG   . LYS A 1 58  ? -15.754 -12.942 3.705   1.00 12.21 ? 99  LYS A CG   1 
ATOM   475  C CD   . LYS A 1 58  ? -16.905 -13.932 3.777   1.00 12.89 ? 99  LYS A CD   1 
ATOM   476  C CE   . LYS A 1 58  ? -18.203 -13.215 4.150   1.00 13.94 ? 99  LYS A CE   1 
ATOM   477  N NZ   . LYS A 1 58  ? -18.173 -12.738 5.554   1.00 15.65 ? 99  LYS A NZ   1 
ATOM   478  N N    . ILE A 1 59  ? -11.463 -13.039 2.096   1.00 11.86 ? 100 ILE A N    1 
ATOM   479  C CA   A ILE A 1 59  ? -10.234 -13.563 1.516   0.25 13.68 ? 100 ILE A CA   1 
ATOM   480  C CA   B ILE A 1 59  ? -10.234 -13.542 1.484   0.75 13.68 ? 100 ILE A CA   1 
ATOM   481  C C    . ILE A 1 59  ? -9.007  -12.819 2.025   1.00 13.11 ? 100 ILE A C    1 
ATOM   482  O O    . ILE A 1 59  ? -7.975  -13.441 2.301   1.00 15.24 ? 100 ILE A O    1 
ATOM   483  C CB   A ILE A 1 59  ? -10.329 -13.537 -0.021  0.25 12.74 ? 100 ILE A CB   1 
ATOM   484  C CB   B ILE A 1 59  ? -10.330 -13.402 -0.051  0.75 12.64 ? 100 ILE A CB   1 
ATOM   485  C CG1  A ILE A 1 59  ? -11.405 -14.516 -0.489  0.25 14.74 ? 100 ILE A CG1  1 
ATOM   486  C CG1  B ILE A 1 59  ? -11.462 -14.254 -0.645  0.75 14.92 ? 100 ILE A CG1  1 
ATOM   487  C CG2  A ILE A 1 59  ? -8.981  -13.864 -0.647  0.25 13.88 ? 100 ILE A CG2  1 
ATOM   488  C CG2  B ILE A 1 59  ? -8.990  -13.714 -0.699  0.75 13.76 ? 100 ILE A CG2  1 
ATOM   489  C CD1  A ILE A 1 59  ? -11.861 -14.291 -1.906  0.25 15.64 ? 100 ILE A CD1  1 
ATOM   490  C CD1  B ILE A 1 59  ? -11.216 -15.754 -0.581  0.75 15.59 ? 100 ILE A CD1  1 
ATOM   491  N N    . ILE A 1 60  ? -9.095  -11.502 2.170   1.00 10.81 ? 101 ILE A N    1 
ATOM   492  C CA   . ILE A 1 60  ? -7.958  -10.655 2.499   1.00 10.28 ? 101 ILE A CA   1 
ATOM   493  C C    . ILE A 1 60  ? -8.072  -10.259 3.968   1.00 11.30 ? 101 ILE A C    1 
ATOM   494  O O    . ILE A 1 60  ? -8.934  -9.455  4.346   1.00 12.06 ? 101 ILE A O    1 
ATOM   495  C CB   . ILE A 1 60  ? -7.914  -9.435  1.572   1.00 10.95 ? 101 ILE A CB   1 
ATOM   496  C CG1  . ILE A 1 60  ? -7.688  -9.867  0.115   1.00 10.68 ? 101 ILE A CG1  1 
ATOM   497  C CG2  . ILE A 1 60  ? -6.846  -8.454  2.034   1.00 11.85 ? 101 ILE A CG2  1 
ATOM   498  C CD1  . ILE A 1 60  ? -6.481  -10.738 -0.105  1.00 11.31 ? 101 ILE A CD1  1 
ATOM   499  N N    . LYS A 1 61  ? -7.208  -10.832 4.798   1.00 10.93 ? 102 LYS A N    1 
ATOM   500  C CA   . LYS A 1 61  ? -7.244  -10.624 6.236   1.00 11.35 ? 102 LYS A CA   1 
ATOM   501  C C    . LYS A 1 61  ? -6.219  -9.615  6.725   1.00 11.76 ? 102 LYS A C    1 
ATOM   502  O O    . LYS A 1 61  ? -6.278  -9.219  7.893   1.00 12.21 ? 102 LYS A O    1 
ATOM   503  C CB   . LYS A 1 61  ? -7.065  -11.947 6.987   1.00 14.57 ? 102 LYS A CB   1 
ATOM   504  C CG   . LYS A 1 61  ? -8.100  -12.978 6.660   1.00 17.00 ? 102 LYS A CG   1 
ATOM   505  C CD   . LYS A 1 61  ? -9.477  -12.440 6.970   1.00 16.20 ? 102 LYS A CD   1 
ATOM   506  C CE   . LYS A 1 61  ? -10.519 -13.519 6.889   1.00 17.20 ? 102 LYS A CE   1 
ATOM   507  N NZ   . LYS A 1 61  ? -11.852 -12.917 6.983   1.00 14.38 ? 102 LYS A NZ   1 
ATOM   508  N N    . THR A 1 62  ? -5.285  -9.200  5.872   1.00 11.20 ? 103 THR A N    1 
ATOM   509  C CA   A THR A 1 62  ? -4.317  -8.152  6.179   0.73 12.22 ? 103 THR A CA   1 
ATOM   510  C CA   B THR A 1 62  ? -4.329  -8.136  6.191   0.27 12.24 ? 103 THR A CA   1 
ATOM   511  C C    . THR A 1 62  ? -4.394  -7.099  5.080   1.00 10.55 ? 103 THR A C    1 
ATOM   512  O O    . THR A 1 62  ? -3.515  -7.021  4.215   1.00 10.91 ? 103 THR A O    1 
ATOM   513  C CB   A THR A 1 62  ? -2.911  -8.744  6.266   0.73 12.96 ? 103 THR A CB   1 
ATOM   514  C CB   B THR A 1 62  ? -2.910  -8.661  6.421   0.27 13.05 ? 103 THR A CB   1 
ATOM   515  O OG1  A THR A 1 62  ? -2.950  -9.916  7.093   0.73 15.32 ? 103 THR A OG1  1 
ATOM   516  O OG1  B THR A 1 62  ? -2.461  -9.373  5.266   0.27 15.13 ? 103 THR A OG1  1 
ATOM   517  C CG2  A THR A 1 62  ? -1.954  -7.727  6.863   0.73 14.32 ? 103 THR A CG2  1 
ATOM   518  C CG2  B THR A 1 62  ? -2.871  -9.568  7.642   0.27 13.40 ? 103 THR A CG2  1 
ATOM   519  N N    . PRO A 1 63  ? -5.439  -6.287  5.070   1.00 11.14 ? 104 PRO A N    1 
ATOM   520  C CA   . PRO A 1 63  ? -5.581  -5.281  4.011   1.00 10.87 ? 104 PRO A CA   1 
ATOM   521  C C    . PRO A 1 63  ? -4.496  -4.225  4.089   1.00 10.17 ? 104 PRO A C    1 
ATOM   522  O O    . PRO A 1 63  ? -3.995  -3.891  5.166   1.00 10.19 ? 104 PRO A O    1 
ATOM   523  C CB   . PRO A 1 63  ? -6.946  -4.645  4.292   1.00 15.18 ? 104 PRO A CB   1 
ATOM   524  C CG   . PRO A 1 63  ? -7.548  -5.393  5.423   1.00 14.05 ? 104 PRO A CG   1 
ATOM   525  C CD   . PRO A 1 63  ? -6.542  -6.276  6.040   1.00 12.06 ? 104 PRO A CD   1 
ATOM   526  N N    . MET A 1 64  ? -4.148  -3.672  2.931   1.00 9.80  ? 105 MET A N    1 
ATOM   527  C CA   . MET A 1 64  ? -3.247  -2.531  2.962   1.00 9.33  ? 105 MET A CA   1 
ATOM   528  C C    . MET A 1 64  ? -3.440  -1.791  1.643   1.00 9.15  ? 105 MET A C    1 
ATOM   529  O O    . MET A 1 64  ? -3.808  -2.399  0.623   1.00 11.11 ? 105 MET A O    1 
ATOM   530  C CB   . MET A 1 64  ? -1.797  -3.003  3.094   1.00 10.05 ? 105 MET A CB   1 
ATOM   531  C CG   . MET A 1 64  ? -0.713  -1.951  3.224   1.00 10.48 ? 105 MET A CG   1 
ATOM   532  S SD   . MET A 1 64  ? -1.125  -0.704  4.499   1.00 10.50 ? 105 MET A SD   1 
ATOM   533  C CE   . MET A 1 64  ? -1.274  -1.770  5.898   1.00 12.47 ? 105 MET A CE   1 
ATOM   534  N N    . ASP A 1 65  ? -3.191  -0.483  1.670   1.00 9.87  ? 106 ASP A N    1 
ATOM   535  C CA   . ASP A 1 65  ? -3.392  0.370   0.510   1.00 9.35  ? 106 ASP A CA   1 
ATOM   536  C C    . ASP A 1 65  ? -2.426  1.544   0.623   1.00 9.59  ? 106 ASP A C    1 
ATOM   537  O O    . ASP A 1 65  ? -1.864  1.803   1.689   1.00 9.81  ? 106 ASP A O    1 
ATOM   538  C CB   . ASP A 1 65  ? -4.833  0.892   0.489   1.00 11.23 ? 106 ASP A CB   1 
ATOM   539  C CG   . ASP A 1 65  ? -5.134  1.771   1.698   1.00 11.01 ? 106 ASP A CG   1 
ATOM   540  O OD1  . ASP A 1 65  ? -5.398  1.232   2.804   1.00 10.83 ? 106 ASP A OD1  1 
ATOM   541  O OD2  . ASP A 1 65  ? -5.048  3.011   1.557   1.00 11.26 ? 106 ASP A OD2  1 
ATOM   542  N N    . MET A 1 66  ? -2.240  2.269   -0.485  1.00 10.32 ? 107 MET A N    1 
ATOM   543  C CA   . MET A 1 66  ? -1.310  3.397   -0.479  1.00 9.88  ? 107 MET A CA   1 
ATOM   544  C C    . MET A 1 66  ? -1.806  4.599   0.300   1.00 10.51 ? 107 MET A C    1 
ATOM   545  O O    . MET A 1 66  ? -0.986  5.420   0.729   1.00 11.90 ? 107 MET A O    1 
ATOM   546  C CB   . MET A 1 66  ? -0.880  3.847   -1.872  1.00 11.24 ? 107 MET A CB   1 
ATOM   547  C CG   . MET A 1 66  ? -0.264  2.802   -2.737  1.00 13.63 ? 107 MET A CG   1 
ATOM   548  S SD   . MET A 1 66  ? 0.723   3.580   -4.037  1.00 14.73 ? 107 MET A SD   1 
ATOM   549  C CE   . MET A 1 66  ? -0.585  4.226   -5.052  1.00 13.20 ? 107 MET A CE   1 
ATOM   550  N N    . GLY A 1 67  ? -3.114  4.776   0.450   1.00 10.37 ? 108 GLY A N    1 
ATOM   551  C CA   . GLY A 1 67  ? -3.564  5.863   1.304   1.00 12.55 ? 108 GLY A CA   1 
ATOM   552  C C    . GLY A 1 67  ? -3.112  5.663   2.737   1.00 10.61 ? 108 GLY A C    1 
ATOM   553  O O    . GLY A 1 67  ? -2.647  6.601   3.399   1.00 12.21 ? 108 GLY A O    1 
ATOM   554  N N    . THR A 1 68  ? -3.243  4.432   3.230   1.00 10.94 ? 109 THR A N    1 
ATOM   555  C CA   . THR A 1 68  ? -2.750  4.080   4.554   1.00 10.43 ? 109 THR A CA   1 
ATOM   556  C C    . THR A 1 68  ? -1.245  4.270   4.644   1.00 9.92  ? 109 THR A C    1 
ATOM   557  O O    . THR A 1 68  ? -0.748  4.863   5.607   1.00 10.41 ? 109 THR A O    1 
ATOM   558  C CB   . THR A 1 68  ? -3.135  2.638   4.872   1.00 10.64 ? 109 THR A CB   1 
ATOM   559  O OG1  . THR A 1 68  ? -4.560  2.546   4.932   1.00 11.26 ? 109 THR A OG1  1 
ATOM   560  C CG2  . THR A 1 68  ? -2.538  2.178   6.196   1.00 11.09 ? 109 THR A CG2  1 
ATOM   561  N N    . ILE A 1 69  ? -0.501  3.778   3.648   1.00 9.53  ? 110 ILE A N    1 
ATOM   562  C CA   . ILE A 1 69  ? 0.954   3.919   3.668   1.00 9.56  ? 110 ILE A CA   1 
ATOM   563  C C    . ILE A 1 69  ? 1.355   5.389   3.680   1.00 9.94  ? 110 ILE A C    1 
ATOM   564  O O    . ILE A 1 69  ? 2.273   5.797   4.412   1.00 10.61 ? 110 ILE A O    1 
ATOM   565  C CB   . ILE A 1 69  ? 1.583   3.186   2.471   1.00 9.92  ? 110 ILE A CB   1 
ATOM   566  C CG1  . ILE A 1 69  ? 1.346   1.683   2.591   1.00 10.08 ? 110 ILE A CG1  1 
ATOM   567  C CG2  . ILE A 1 69  ? 3.064   3.519   2.380   1.00 11.35 ? 110 ILE A CG2  1 
ATOM   568  C CD1  . ILE A 1 69  ? 1.673   0.882   1.350   1.00 11.34 ? 110 ILE A CD1  1 
ATOM   569  N N    . LYS A 1 70  ? 0.718   6.197   2.832   1.00 10.86 ? 111 LYS A N    1 
ATOM   570  C CA   . LYS A 1 70  ? 1.005   7.626   2.775   1.00 11.89 ? 111 LYS A CA   1 
ATOM   571  C C    . LYS A 1 70  ? 0.805   8.277   4.134   1.00 12.88 ? 111 LYS A C    1 
ATOM   572  O O    . LYS A 1 70  ? 1.643   9.066   4.597   1.00 12.85 ? 111 LYS A O    1 
ATOM   573  C CB   . LYS A 1 70  ? 0.079   8.280   1.746   1.00 14.14 ? 111 LYS A CB   1 
ATOM   574  C CG   . LYS A 1 70  ? 0.411   9.725   1.399   1.00 15.44 ? 111 LYS A CG   1 
ATOM   575  C CD   . LYS A 1 70  ? -0.491  10.219  0.277   1.00 15.46 ? 111 LYS A CD   1 
ATOM   576  C CE   . LYS A 1 70  ? -0.316  11.709  0.028   1.00 20.39 ? 111 LYS A CE   1 
ATOM   577  N NZ   . LYS A 1 70  ? -1.200  12.521  0.909   1.00 29.25 ? 111 LYS A NZ   1 
ATOM   578  N N    . LYS A 1 71  ? -0.327  7.995   4.770   1.00 12.19 ? 112 LYS A N    1 
ATOM   579  C CA   . LYS A 1 71  ? -0.584  8.562   6.088   1.00 13.14 ? 112 LYS A CA   1 
ATOM   580  C C    . LYS A 1 71  ? 0.427   8.062   7.116   1.00 11.67 ? 112 LYS A C    1 
ATOM   581  O O    . LYS A 1 71  ? 0.886   8.832   7.970   1.00 12.97 ? 112 LYS A O    1 
ATOM   582  C CB   . LYS A 1 71  ? -2.002  8.200   6.524   1.00 14.91 ? 112 LYS A CB   1 
ATOM   583  C CG   . LYS A 1 71  ? -3.090  9.104   5.971   1.00 19.78 ? 112 LYS A CG   1 
ATOM   584  C CD   . LYS A 1 71  ? -4.463  8.524   6.296   1.00 23.14 ? 112 LYS A CD   1 
ATOM   585  C CE   . LYS A 1 71  ? -5.590  9.226   5.549   1.00 34.06 ? 112 LYS A CE   1 
ATOM   586  N NZ   . LYS A 1 71  ? -5.405  10.703  5.528   1.00 38.76 ? 112 LYS A NZ   1 
ATOM   587  N N    . ARG A 1 72  ? 0.787   6.778   7.057   1.00 11.39 ? 113 ARG A N    1 
ATOM   588  C CA   . ARG A 1 72  ? 1.804   6.248   7.959   1.00 10.75 ? 113 ARG A CA   1 
ATOM   589  C C    . ARG A 1 72  ? 3.133   6.969   7.783   1.00 11.51 ? 113 ARG A C    1 
ATOM   590  O O    . ARG A 1 72  ? 3.787   7.333   8.773   1.00 11.98 ? 113 ARG A O    1 
ATOM   591  C CB   . ARG A 1 72  ? 1.955   4.744   7.761   1.00 9.98  ? 113 ARG A CB   1 
ATOM   592  C CG   . ARG A 1 72  ? 0.794   3.941   8.317   1.00 10.38 ? 113 ARG A CG   1 
ATOM   593  C CD   . ARG A 1 72  ? 0.949   2.444   8.096   1.00 9.99  ? 113 ARG A CD   1 
ATOM   594  N NE   . ARG A 1 72  ? -0.133  1.745   8.781   1.00 10.19 ? 113 ARG A NE   1 
ATOM   595  C CZ   . ARG A 1 72  ? -0.161  0.442   9.004   1.00 10.72 ? 113 ARG A CZ   1 
ATOM   596  N NH1  . ARG A 1 72  ? 0.790   -0.358  8.552   1.00 11.58 ? 113 ARG A NH1  1 
ATOM   597  N NH2  . ARG A 1 72  ? -1.159  -0.070  9.730   1.00 10.62 ? 113 ARG A NH2  1 
ATOM   598  N N    . LEU A 1 73  ? 3.539   7.211   6.537   1.00 10.77 ? 114 LEU A N    1 
ATOM   599  C CA   . LEU A 1 73  ? 4.789   7.920   6.290   1.00 11.58 ? 114 LEU A CA   1 
ATOM   600  C C    . LEU A 1 73  ? 4.700   9.365   6.764   1.00 12.44 ? 114 LEU A C    1 
ATOM   601  O O    . LEU A 1 73  ? 5.614   9.870   7.434   1.00 14.47 ? 114 LEU A O    1 
ATOM   602  C CB   . LEU A 1 73  ? 5.132   7.863   4.801   1.00 11.88 ? 114 LEU A CB   1 
ATOM   603  C CG   . LEU A 1 73  ? 5.619   6.510   4.271   1.00 10.99 ? 114 LEU A CG   1 
ATOM   604  C CD1  . LEU A 1 73  ? 5.571   6.470   2.756   1.00 11.50 ? 114 LEU A CD1  1 
ATOM   605  C CD2  . LEU A 1 73  ? 7.013   6.206   4.795   1.00 12.71 ? 114 LEU A CD2  1 
ATOM   606  N N    . GLU A 1 74  ? 3.601   10.047  6.434   1.00 12.93 ? 115 GLU A N    1 
ATOM   607  C CA   . GLU A 1 74  ? 3.426   11.438  6.844   1.00 13.62 ? 115 GLU A CA   1 
ATOM   608  C C    . GLU A 1 74  ? 3.317   11.589  8.349   1.00 14.57 ? 115 GLU A C    1 
ATOM   609  O O    . GLU A 1 74  ? 3.733   12.617  8.898   1.00 18.27 ? 115 GLU A O    1 
ATOM   610  C CB   . GLU A 1 74  ? 2.181   12.022  6.183   1.00 16.11 ? 115 GLU A CB   1 
ATOM   611  C CG   . GLU A 1 74  ? 2.300   12.185  4.682   1.00 15.80 ? 115 GLU A CG   1 
ATOM   612  C CD   . GLU A 1 74  ? 0.985   12.560  4.029   1.00 21.61 ? 115 GLU A CD   1 
ATOM   613  O OE1  . GLU A 1 74  ? -0.050  12.540  4.725   1.00 25.18 ? 115 GLU A OE1  1 
ATOM   614  O OE2  . GLU A 1 74  ? 0.999   12.910  2.829   1.00 26.83 ? 115 GLU A OE2  1 
ATOM   615  N N    . ASN A 1 75  ? 2.740   10.604  9.023   1.00 14.81 ? 116 ASN A N    1 
ATOM   616  C CA   . ASN A 1 75  ? 2.515   10.658  10.459  1.00 14.66 ? 116 ASN A CA   1 
ATOM   617  C C    . ASN A 1 75  ? 3.651   10.042  11.257  1.00 13.67 ? 116 ASN A C    1 
ATOM   618  O O    . ASN A 1 75  ? 3.521   9.911   12.478  1.00 17.07 ? 116 ASN A O    1 
ATOM   619  C CB   . ASN A 1 75  ? 1.228   9.904   10.827  1.00 17.48 ? 116 ASN A CB   1 
ATOM   620  C CG   . ASN A 1 75  ? -0.023  10.499  10.206  1.00 21.82 ? 116 ASN A CG   1 
ATOM   621  O OD1  . ASN A 1 75  ? 0.025   11.500  9.489   1.00 24.91 ? 116 ASN A OD1  1 
ATOM   622  N ND2  . ASN A 1 75  ? -1.154  9.837   10.433  1.00 24.83 ? 116 ASN A ND2  1 
ATOM   623  N N    . ASN A 1 76  ? 4.740   9.629   10.615  1.00 14.12 ? 117 ASN A N    1 
ATOM   624  C CA   . ASN A 1 76  ? 5.877   9.015   11.300  1.00 15.40 ? 117 ASN A CA   1 
ATOM   625  C C    . ASN A 1 76  ? 5.465   7.792   12.122  1.00 13.96 ? 117 ASN A C    1 
ATOM   626  O O    . ASN A 1 76  ? 5.669   7.712   13.340  1.00 15.70 ? 117 ASN A O    1 
ATOM   627  C CB   . ASN A 1 76  ? 6.672   10.028  12.131  1.00 17.33 ? 117 ASN A CB   1 
ATOM   628  C CG   . ASN A 1 76  ? 7.119   11.212  11.312  1.00 25.68 ? 117 ASN A CG   1 
ATOM   629  O OD1  . ASN A 1 76  ? 7.717   11.046  10.247  1.00 29.28 ? 117 ASN A OD1  1 
ATOM   630  N ND2  . ASN A 1 76  ? 6.848   12.414  11.803  1.00 30.95 ? 117 ASN A ND2  1 
ATOM   631  N N    . TYR A 1 77  ? 4.899   6.819   11.424  1.00 13.46 ? 118 TYR A N    1 
ATOM   632  C CA   . TYR A 1 77  ? 4.407   5.614   12.067  1.00 11.29 ? 118 TYR A CA   1 
ATOM   633  C C    . TYR A 1 77  ? 5.453   4.517   12.151  1.00 11.33 ? 118 TYR A C    1 
ATOM   634  O O    . TYR A 1 77  ? 5.382   3.663   13.044  1.00 11.80 ? 118 TYR A O    1 
ATOM   635  C CB   . TYR A 1 77  ? 3.207   5.116   11.257  1.00 12.86 ? 118 TYR A CB   1 
ATOM   636  C CG   . TYR A 1 77  ? 2.601   3.815   11.702  1.00 10.93 ? 118 TYR A CG   1 
ATOM   637  C CD1  . TYR A 1 77  ? 1.616   3.800   12.680  1.00 11.12 ? 118 TYR A CD1  1 
ATOM   638  C CD2  . TYR A 1 77  ? 2.954   2.616   11.103  1.00 10.90 ? 118 TYR A CD2  1 
ATOM   639  C CE1  . TYR A 1 77  ? 1.029   2.622   13.079  1.00 12.30 ? 118 TYR A CE1  1 
ATOM   640  C CE2  . TYR A 1 77  ? 2.373   1.442   11.485  1.00 11.47 ? 118 TYR A CE2  1 
ATOM   641  C CZ   . TYR A 1 77  ? 1.417   1.443   12.479  1.00 11.40 ? 118 TYR A CZ   1 
ATOM   642  O OH   . TYR A 1 77  ? 0.843   0.251   12.854  1.00 12.96 ? 118 TYR A OH   1 
ATOM   643  N N    . TYR A 1 78  ? 6.416   4.509   11.244  1.00 10.43 ? 119 TYR A N    1 
ATOM   644  C CA   . TYR A 1 78  ? 7.297   3.369   11.072  1.00 10.67 ? 119 TYR A CA   1 
ATOM   645  C C    . TYR A 1 78  ? 8.577   3.470   11.897  1.00 12.38 ? 119 TYR A C    1 
ATOM   646  O O    . TYR A 1 78  ? 9.109   4.556   12.148  1.00 12.81 ? 119 TYR A O    1 
ATOM   647  C CB   . TYR A 1 78  ? 7.700   3.255   9.611   1.00 11.15 ? 119 TYR A CB   1 
ATOM   648  C CG   . TYR A 1 78  ? 6.567   2.936   8.655   1.00 10.17 ? 119 TYR A CG   1 
ATOM   649  C CD1  . TYR A 1 78  ? 5.959   1.684   8.659   1.00 11.14 ? 119 TYR A CD1  1 
ATOM   650  C CD2  . TYR A 1 78  ? 6.145   3.860   7.705   1.00 11.10 ? 119 TYR A CD2  1 
ATOM   651  C CE1  . TYR A 1 78  ? 4.946   1.367   7.752   1.00 10.49 ? 119 TYR A CE1  1 
ATOM   652  C CE2  . TYR A 1 78  ? 5.142   3.547   6.796   1.00 11.28 ? 119 TYR A CE2  1 
ATOM   653  C CZ   . TYR A 1 78  ? 4.543   2.310   6.830   1.00 9.87  ? 119 TYR A CZ   1 
ATOM   654  O OH   . TYR A 1 78  ? 3.552   2.021   5.905   1.00 10.60 ? 119 TYR A OH   1 
ATOM   655  N N    . TRP A 1 79  ? 9.095   2.295   12.255  1.00 10.79 ? 120 TRP A N    1 
ATOM   656  C CA   . TRP A 1 79  ? 10.412  2.177   12.876  1.00 10.85 ? 120 TRP A CA   1 
ATOM   657  C C    . TRP A 1 79  ? 11.534  2.174   11.847  1.00 10.69 ? 120 TRP A C    1 
ATOM   658  O O    . TRP A 1 79  ? 12.619  2.707   12.112  1.00 11.68 ? 120 TRP A O    1 
ATOM   659  C CB   . TRP A 1 79  ? 10.459  0.903   13.714  1.00 11.74 ? 120 TRP A CB   1 
ATOM   660  C CG   . TRP A 1 79  ? 11.766  0.605   14.389  1.00 11.28 ? 120 TRP A CG   1 
ATOM   661  C CD1  . TRP A 1 79  ? 12.705  -0.311  14.003  1.00 13.07 ? 120 TRP A CD1  1 
ATOM   662  C CD2  . TRP A 1 79  ? 12.271  1.215   15.578  1.00 10.17 ? 120 TRP A CD2  1 
ATOM   663  N NE1  . TRP A 1 79  ? 13.758  -0.314  14.889  1.00 13.51 ? 120 TRP A NE1  1 
ATOM   664  C CE2  . TRP A 1 79  ? 13.515  0.617   15.863  1.00 12.34 ? 120 TRP A CE2  1 
ATOM   665  C CE3  . TRP A 1 79  ? 11.788  2.203   16.437  1.00 11.60 ? 120 TRP A CE3  1 
ATOM   666  C CZ2  . TRP A 1 79  ? 14.282  0.976   16.965  1.00 14.52 ? 120 TRP A CZ2  1 
ATOM   667  C CZ3  . TRP A 1 79  ? 12.557  2.564   17.522  1.00 11.60 ? 120 TRP A CZ3  1 
ATOM   668  C CH2  . TRP A 1 79  ? 13.790  1.954   17.779  1.00 12.65 ? 120 TRP A CH2  1 
ATOM   669  N N    . ASN A 1 80  ? 11.314  1.559   10.692  1.00 11.14 ? 121 ASN A N    1 
ATOM   670  C CA   . ASN A 1 80  ? 12.339  1.512   9.661   1.00 11.34 ? 121 ASN A CA   1 
ATOM   671  C C    . ASN A 1 80  ? 11.695  1.348   8.292   1.00 10.88 ? 121 ASN A C    1 
ATOM   672  O O    . ASN A 1 80  ? 10.482  1.146   8.160   1.00 11.59 ? 121 ASN A O    1 
ATOM   673  C CB   . ASN A 1 80  ? 13.413  0.440   9.923   1.00 12.54 ? 121 ASN A CB   1 
ATOM   674  C CG   . ASN A 1 80  ? 12.845  -0.959  10.022  1.00 13.50 ? 121 ASN A CG   1 
ATOM   675  O OD1  . ASN A 1 80  ? 11.820  -1.280  9.414   1.00 15.13 ? 121 ASN A OD1  1 
ATOM   676  N ND2  . ASN A 1 80  ? 13.560  -1.831  10.740  1.00 13.92 ? 121 ASN A ND2  1 
ATOM   677  N N    . ALA A 1 81  ? 12.539  1.451   7.266   1.00 11.54 ? 122 ALA A N    1 
ATOM   678  C CA   . ALA A 1 81  ? 12.072  1.384   5.887   1.00 12.74 ? 122 ALA A CA   1 
ATOM   679  C C    . ALA A 1 81  ? 11.499  0.015   5.562   1.00 11.55 ? 122 ALA A C    1 
ATOM   680  O O    . ALA A 1 81  ? 10.545  -0.095  4.783   1.00 12.34 ? 122 ALA A O    1 
ATOM   681  C CB   . ALA A 1 81  ? 13.226  1.712   4.941   1.00 14.43 ? 122 ALA A CB   1 
ATOM   682  N N    . GLN A 1 82  ? 12.086  -1.046  6.115   1.00 13.42 ? 123 GLN A N    1 
ATOM   683  C CA   . GLN A 1 82  ? 11.610  -2.391  5.814   1.00 13.42 ? 123 GLN A CA   1 
ATOM   684  C C    . GLN A 1 82  ? 10.155  -2.573  6.218   1.00 13.90 ? 123 GLN A C    1 
ATOM   685  O O    . GLN A 1 82  ? 9.406   -3.288  5.544   1.00 12.52 ? 123 GLN A O    1 
ATOM   686  C CB   . GLN A 1 82  ? 12.499  -3.423  6.510   1.00 16.65 ? 123 GLN A CB   1 
ATOM   687  C CG   . GLN A 1 82  ? 12.308  -4.844  6.019   1.00 29.45 ? 123 GLN A CG   1 
ATOM   688  N N    . GLU A 1 83  ? 9.744   -1.943  7.313   1.00 11.87 ? 124 GLU A N    1 
ATOM   689  C CA   . GLU A 1 83  ? 8.361   -2.024  7.753   1.00 12.50 ? 124 GLU A CA   1 
ATOM   690  C C    . GLU A 1 83  ? 7.421   -1.438  6.703   1.00 11.02 ? 124 GLU A C    1 
ATOM   691  O O    . GLU A 1 83  ? 6.336   -1.976  6.442   1.00 11.60 ? 124 GLU A O    1 
ATOM   692  C CB   . GLU A 1 83  ? 8.243   -1.264  9.071   1.00 12.83 ? 124 GLU A CB   1 
ATOM   693  C CG   . GLU A 1 83  ? 6.994   -1.580  9.827   1.00 15.42 ? 124 GLU A CG   1 
ATOM   694  C CD   . GLU A 1 83  ? 6.815   -0.749  11.081  1.00 16.23 ? 124 GLU A CD   1 
ATOM   695  O OE1  . GLU A 1 83  ? 5.681   -0.723  11.591  1.00 17.69 ? 124 GLU A OE1  1 
ATOM   696  O OE2  . GLU A 1 83  ? 7.789   -0.132  11.569  1.00 14.87 ? 124 GLU A OE2  1 
ATOM   697  N N    . CYS A 1 84  ? 7.821   -0.324  6.099   1.00 10.45 ? 125 CYS A N    1 
ATOM   698  C CA   . CYS A 1 84  ? 7.008   0.301   5.066   1.00 11.19 ? 125 CYS A CA   1 
ATOM   699  C C    . CYS A 1 84  ? 7.022   -0.532  3.786   1.00 10.31 ? 125 CYS A C    1 
ATOM   700  O O    . CYS A 1 84  ? 5.981   -0.718  3.139   1.00 10.46 ? 125 CYS A O    1 
ATOM   701  C CB   . CYS A 1 84  ? 7.546   1.710   4.817   1.00 11.78 ? 125 CYS A CB   1 
ATOM   702  S SG   . CYS A 1 84  ? 6.742   2.568   3.484   1.00 13.17 ? 125 CYS A SG   1 
ATOM   703  N N    . ILE A 1 85  ? 8.196   -1.029  3.397   1.00 10.08 ? 126 ILE A N    1 
ATOM   704  C CA   . ILE A 1 85  ? 8.292   -1.897  2.230   1.00 10.41 ? 126 ILE A CA   1 
ATOM   705  C C    . ILE A 1 85  ? 7.388   -3.114  2.388   1.00 10.50 ? 126 ILE A C    1 
ATOM   706  O O    . ILE A 1 85  ? 6.727   -3.546  1.431   1.00 10.73 ? 126 ILE A O    1 
ATOM   707  C CB   . ILE A 1 85  ? 9.763   -2.264  1.956   1.00 11.91 ? 126 ILE A CB   1 
ATOM   708  C CG1  . ILE A 1 85  ? 10.510  -1.037  1.444   1.00 12.90 ? 126 ILE A CG1  1 
ATOM   709  C CG2  . ILE A 1 85  ? 9.866   -3.382  0.946   1.00 13.90 ? 126 ILE A CG2  1 
ATOM   710  C CD1  . ILE A 1 85  ? 12.017  -1.108  1.573   1.00 16.35 ? 126 ILE A CD1  1 
ATOM   711  N N    . GLN A 1 86  ? 7.316   -3.665  3.597   1.00 10.62 ? 127 GLN A N    1 
ATOM   712  C CA   . GLN A 1 86  ? 6.396   -4.772  3.831   1.00 10.80 ? 127 GLN A CA   1 
ATOM   713  C C    . GLN A 1 86  ? 4.950   -4.384  3.544   1.00 10.62 ? 127 GLN A C    1 
ATOM   714  O O    . GLN A 1 86  ? 4.185   -5.193  3.004   1.00 11.09 ? 127 GLN A O    1 
ATOM   715  C CB   . GLN A 1 86  ? 6.559   -5.300  5.257   1.00 13.14 ? 127 GLN A CB   1 
ATOM   716  C CG   . GLN A 1 86  ? 7.946   -5.879  5.521   1.00 21.40 ? 127 GLN A CG   1 
ATOM   717  C CD   . GLN A 1 86  ? 8.159   -6.342  6.952   1.00 28.21 ? 127 GLN A CD   1 
ATOM   718  O OE1  . GLN A 1 86  ? 7.622   -5.764  7.899   1.00 28.48 ? 127 GLN A OE1  1 
ATOM   719  N NE2  . GLN A 1 86  ? 8.963   -7.387  7.115   1.00 31.06 ? 127 GLN A NE2  1 
ATOM   720  N N    . ASP A 1 87  ? 4.552   -3.156  3.899   1.00 9.95  ? 128 ASP A N    1 
ATOM   721  C CA   . ASP A 1 87  ? 3.188   -2.717  3.614   1.00 9.56  ? 128 ASP A CA   1 
ATOM   722  C C    . ASP A 1 87  ? 2.920   -2.674  2.108   1.00 9.77  ? 128 ASP A C    1 
ATOM   723  O O    . ASP A 1 87  ? 1.849   -3.093  1.648   1.00 9.22  ? 128 ASP A O    1 
ATOM   724  C CB   . ASP A 1 87  ? 2.921   -1.345  4.241   1.00 9.96  ? 128 ASP A CB   1 
ATOM   725  C CG   . ASP A 1 87  ? 2.628   -1.413  5.741   1.00 11.82 ? 128 ASP A CG   1 
ATOM   726  O OD1  . ASP A 1 87  ? 2.344   -2.515  6.257   1.00 11.58 ? 128 ASP A OD1  1 
ATOM   727  O OD2  . ASP A 1 87  ? 2.636   -0.337  6.377   1.00 11.41 ? 128 ASP A OD2  1 
ATOM   728  N N    . PHE A 1 88  ? 3.867   -2.137  1.322   1.00 9.24  ? 129 PHE A N    1 
ATOM   729  C CA   . PHE A 1 88  ? 3.715   -2.155  -0.131  1.00 9.83  ? 129 PHE A CA   1 
ATOM   730  C C    . PHE A 1 88  ? 3.562   -3.576  -0.643  1.00 9.10  ? 129 PHE A C    1 
ATOM   731  O O    . PHE A 1 88  ? 2.702   -3.857  -1.483  1.00 9.83  ? 129 PHE A O    1 
ATOM   732  C CB   . PHE A 1 88  ? 4.918   -1.487  -0.805  1.00 10.65 ? 129 PHE A CB   1 
ATOM   733  C CG   . PHE A 1 88  ? 4.836   0.008   -0.873  1.00 10.85 ? 129 PHE A CG   1 
ATOM   734  C CD1  . PHE A 1 88  ? 4.083   0.629   -1.856  1.00 12.37 ? 129 PHE A CD1  1 
ATOM   735  C CD2  . PHE A 1 88  ? 5.546   0.794   0.010   1.00 11.92 ? 129 PHE A CD2  1 
ATOM   736  C CE1  . PHE A 1 88  ? 4.014   2.003   -1.940  1.00 13.40 ? 129 PHE A CE1  1 
ATOM   737  C CE2  . PHE A 1 88  ? 5.487   2.171   -0.072  1.00 13.63 ? 129 PHE A CE2  1 
ATOM   738  C CZ   . PHE A 1 88  ? 4.720   2.775   -1.049  1.00 15.28 ? 129 PHE A CZ   1 
ATOM   739  N N    . ASN A 1 89  ? 4.388   -4.496  -0.146  1.00 10.65 ? 130 ASN A N    1 
ATOM   740  C CA   . ASN A 1 89  ? 4.316   -5.866  -0.628  1.00 10.83 ? 130 ASN A CA   1 
ATOM   741  C C    . ASN A 1 89  ? 3.010   -6.537  -0.229  1.00 10.61 ? 130 ASN A C    1 
ATOM   742  O O    . ASN A 1 89  ? 2.456   -7.320  -1.008  1.00 11.32 ? 130 ASN A O    1 
ATOM   743  C CB   . ASN A 1 89  ? 5.532   -6.647  -0.157  1.00 13.94 ? 130 ASN A CB   1 
ATOM   744  C CG   . ASN A 1 89  ? 6.737   -6.377  -1.020  1.00 17.88 ? 130 ASN A CG   1 
ATOM   745  O OD1  . ASN A 1 89  ? 7.835   -6.150  -0.525  1.00 22.65 ? 130 ASN A OD1  1 
ATOM   746  N ND2  . ASN A 1 89  ? 6.535   -6.401  -2.329  1.00 19.22 ? 130 ASN A ND2  1 
ATOM   747  N N    . THR A 1 90  ? 2.484   -6.225  0.959   1.00 9.96  ? 131 THR A N    1 
ATOM   748  C CA   . THR A 1 90  ? 1.175   -6.737  1.343   1.00 10.76 ? 131 THR A CA   1 
ATOM   749  C C    . THR A 1 90  ? 0.112   -6.249  0.377   1.00 8.83  ? 131 THR A C    1 
ATOM   750  O O    . THR A 1 90  ? -0.759  -7.019  -0.048  1.00 9.81  ? 131 THR A O    1 
ATOM   751  C CB   . THR A 1 90  ? 0.852   -6.303  2.776   1.00 10.49 ? 131 THR A CB   1 
ATOM   752  O OG1  . THR A 1 90  ? 1.762   -6.939  3.676   1.00 12.56 ? 131 THR A OG1  1 
ATOM   753  C CG2  . THR A 1 90  ? -0.565  -6.671  3.161   1.00 12.54 ? 131 THR A CG2  1 
ATOM   754  N N    . MET A 1 91  ? 0.151   -4.964  0.046   1.00 8.73  ? 132 MET A N    1 
ATOM   755  C CA   . MET A 1 91  ? -0.817  -4.407  -0.891  1.00 9.19  ? 132 MET A CA   1 
ATOM   756  C C    . MET A 1 91  ? -0.779  -5.158  -2.225  1.00 9.11  ? 132 MET A C    1 
ATOM   757  O O    . MET A 1 91  ? -1.824  -5.539  -2.772  1.00 9.32  ? 132 MET A O    1 
ATOM   758  C CB   . MET A 1 91  ? -0.471  -2.947  -1.145  1.00 10.08 ? 132 MET A CB   1 
ATOM   759  C CG   . MET A 1 91  ? -1.400  -2.269  -2.122  1.00 10.93 ? 132 MET A CG   1 
ATOM   760  S SD   . MET A 1 91  ? -1.060  -0.522  -2.320  1.00 10.76 ? 132 MET A SD   1 
ATOM   761  C CE   . MET A 1 91  ? 0.293   -0.685  -3.459  1.00 14.95 ? 132 MET A CE   1 
ATOM   762  N N    . PHE A 1 92  ? 0.416   -5.333  -2.799  1.00 9.27  ? 133 PHE A N    1 
ATOM   763  C CA   . PHE A 1 92  ? 0.515   -6.001  -4.102  1.00 9.62  ? 133 PHE A CA   1 
ATOM   764  C C    . PHE A 1 92  ? 0.058   -7.448  -4.005  1.00 9.80  ? 133 PHE A C    1 
ATOM   765  O O    . PHE A 1 92  ? -0.738  -7.926  -4.825  1.00 10.22 ? 133 PHE A O    1 
ATOM   766  C CB   . PHE A 1 92  ? 1.942   -5.948  -4.657  1.00 11.40 ? 133 PHE A CB   1 
ATOM   767  C CG   . PHE A 1 92  ? 2.438   -4.564  -4.963  1.00 9.95  ? 133 PHE A CG   1 
ATOM   768  C CD1  . PHE A 1 92  ? 1.682   -3.690  -5.718  1.00 12.85 ? 133 PHE A CD1  1 
ATOM   769  C CD2  . PHE A 1 92  ? 3.672   -4.138  -4.506  1.00 12.94 ? 133 PHE A CD2  1 
ATOM   770  C CE1  . PHE A 1 92  ? 2.143   -2.415  -5.996  1.00 15.81 ? 133 PHE A CE1  1 
ATOM   771  C CE2  . PHE A 1 92  ? 4.126   -2.857  -4.787  1.00 13.35 ? 133 PHE A CE2  1 
ATOM   772  C CZ   . PHE A 1 92  ? 3.359   -2.009  -5.529  1.00 15.50 ? 133 PHE A CZ   1 
ATOM   773  N N    . THR A 1 93  ? 0.529   -8.155  -2.976  1.00 9.91  ? 134 THR A N    1 
ATOM   774  C CA   . THR A 1 93  ? 0.192   -9.562  -2.825  1.00 11.17 ? 134 THR A CA   1 
ATOM   775  C C    . THR A 1 93  ? -1.301  -9.767  -2.621  1.00 9.85  ? 134 THR A C    1 
ATOM   776  O O    . THR A 1 93  ? -1.879  -10.717 -3.161  1.00 10.69 ? 134 THR A O    1 
ATOM   777  C CB   . THR A 1 93  ? 0.997   -10.172 -1.682  1.00 13.30 ? 134 THR A CB   1 
ATOM   778  O OG1  . THR A 1 93  ? 2.385   -10.103 -2.014  1.00 16.89 ? 134 THR A OG1  1 
ATOM   779  C CG2  . THR A 1 93  ? 0.616   -11.625 -1.465  1.00 17.20 ? 134 THR A CG2  1 
ATOM   780  N N    . ASN A 1 94  ? -1.940  -8.907  -1.815  1.00 9.65  ? 135 ASN A N    1 
ATOM   781  C CA   . ASN A 1 94  ? -3.381  -9.013  -1.659  1.00 9.43  ? 135 ASN A CA   1 
ATOM   782  C C    . ASN A 1 94  ? -4.059  -8.975  -3.016  1.00 8.91  ? 135 ASN A C    1 
ATOM   783  O O    . ASN A 1 94  ? -5.018  -9.716  -3.262  1.00 9.62  ? 135 ASN A O    1 
ATOM   784  C CB   . ASN A 1 94  ? -3.922  -7.863  -0.806  1.00 10.28 ? 135 ASN A CB   1 
ATOM   785  C CG   . ASN A 1 94  ? -3.559  -7.984  0.654   1.00 10.63 ? 135 ASN A CG   1 
ATOM   786  O OD1  . ASN A 1 94  ? -3.151  -9.046  1.128   1.00 10.43 ? 135 ASN A OD1  1 
ATOM   787  N ND2  . ASN A 1 94  ? -3.751  -6.896  1.391   1.00 10.60 ? 135 ASN A ND2  1 
ATOM   788  N N    . CYS A 1 95  ? -3.575  -8.116  -3.914  1.00 9.43  ? 136 CYS A N    1 
ATOM   789  C CA   . CYS A 1 95  ? -4.287  -7.947  -5.166  1.00 8.84  ? 136 CYS A CA   1 
ATOM   790  C C    . CYS A 1 95  ? -4.073  -9.197  -6.022  1.00 9.67  ? 136 CYS A C    1 
ATOM   791  O O    . CYS A 1 95  ? -5.009  -9.686  -6.666  1.00 10.06 ? 136 CYS A O    1 
ATOM   792  C CB   . CYS A 1 95  ? -3.852  -6.635  -5.835  1.00 11.24 ? 136 CYS A CB   1 
ATOM   793  S SG   . CYS A 1 95  ? -4.408  -6.352  -7.504  1.00 11.08 ? 136 CYS A SG   1 
ATOM   794  N N    . TYR A 1 96  ? -2.870  -9.784  -5.958  1.00 8.86  ? 137 TYR A N    1 
ATOM   795  C CA   . TYR A 1 96  ? -2.620  -11.004 -6.730  1.00 10.07 ? 137 TYR A CA   1 
ATOM   796  C C    . TYR A 1 96  ? -3.403  -12.188 -6.172  1.00 11.41 ? 137 TYR A C    1 
ATOM   797  O O    . TYR A 1 96  ? -3.861  -13.051 -6.941  1.00 13.16 ? 137 TYR A O    1 
ATOM   798  C CB   . TYR A 1 96  ? -1.119  -11.311 -6.786  1.00 10.49 ? 137 TYR A CB   1 
ATOM   799  C CG   . TYR A 1 96  ? -0.290  -10.164 -7.317  1.00 10.59 ? 137 TYR A CG   1 
ATOM   800  C CD1  . TYR A 1 96  ? -0.763  -9.347  -8.333  1.00 11.50 ? 137 TYR A CD1  1 
ATOM   801  C CD2  . TYR A 1 96  ? 0.963   -9.893  -6.795  1.00 11.38 ? 137 TYR A CD2  1 
ATOM   802  C CE1  . TYR A 1 96  ? -0.018  -8.303  -8.814  1.00 12.74 ? 137 TYR A CE1  1 
ATOM   803  C CE2  . TYR A 1 96  ? 1.716   -8.849  -7.267  1.00 11.69 ? 137 TYR A CE2  1 
ATOM   804  C CZ   . TYR A 1 96  ? 1.221   -8.051  -8.276  1.00 11.70 ? 137 TYR A CZ   1 
ATOM   805  O OH   . TYR A 1 96  ? 1.952   -6.995  -8.774  1.00 13.36 ? 137 TYR A OH   1 
ATOM   806  N N    . ILE A 1 97  ? -3.582  -12.244 -4.853  1.00 11.29 ? 138 ILE A N    1 
ATOM   807  C CA   . ILE A 1 97  ? -4.356  -13.317 -4.242  1.00 12.18 ? 138 ILE A CA   1 
ATOM   808  C C    . ILE A 1 97  ? -5.823  -13.198 -4.614  1.00 10.96 ? 138 ILE A C    1 
ATOM   809  O O    . ILE A 1 97  ? -6.447  -14.167 -5.060  1.00 12.95 ? 138 ILE A O    1 
ATOM   810  C CB   . ILE A 1 97  ? -4.172  -13.303 -2.715  1.00 11.80 ? 138 ILE A CB   1 
ATOM   811  C CG1  . ILE A 1 97  ? -2.744  -13.721 -2.358  1.00 12.93 ? 138 ILE A CG1  1 
ATOM   812  C CG2  . ILE A 1 97  ? -5.220  -14.194 -2.033  1.00 14.65 ? 138 ILE A CG2  1 
ATOM   813  C CD1  . ILE A 1 97  ? -2.374  -13.514 -0.899  1.00 17.43 ? 138 ILE A CD1  1 
ATOM   814  N N    . TYR A 1 98  ? -6.405  -12.013 -4.422  1.00 10.60 ? 139 TYR A N    1 
ATOM   815  C CA   . TYR A 1 98  ? -7.848  -11.874 -4.588  1.00 10.82 ? 139 TYR A CA   1 
ATOM   816  C C    . TYR A 1 98  ? -8.286  -11.999 -6.048  1.00 11.48 ? 139 TYR A C    1 
ATOM   817  O O    . TYR A 1 98  ? -9.379  -12.517 -6.326  1.00 11.96 ? 139 TYR A O    1 
ATOM   818  C CB   . TYR A 1 98  ? -8.337  -10.560 -3.968  1.00 10.06 ? 139 TYR A CB   1 
ATOM   819  C CG   . TYR A 1 98  ? -9.821  -10.369 -4.154  1.00 10.39 ? 139 TYR A CG   1 
ATOM   820  C CD1  . TYR A 1 98  ? -10.726 -11.075 -3.374  1.00 10.84 ? 139 TYR A CD1  1 
ATOM   821  C CD2  . TYR A 1 98  ? -10.324 -9.514  -5.126  1.00 11.03 ? 139 TYR A CD2  1 
ATOM   822  C CE1  . TYR A 1 98  ? -12.087 -10.933 -3.561  1.00 11.06 ? 139 TYR A CE1  1 
ATOM   823  C CE2  . TYR A 1 98  ? -11.682 -9.356  -5.316  1.00 11.32 ? 139 TYR A CE2  1 
ATOM   824  C CZ   . TYR A 1 98  ? -12.558 -10.067 -4.535  1.00 10.37 ? 139 TYR A CZ   1 
ATOM   825  O OH   . TYR A 1 98  ? -13.917 -9.914  -4.746  1.00 12.11 ? 139 TYR A OH   1 
ATOM   826  N N    . ASN A 1 99  ? -7.458  -11.558 -6.986  1.00 10.67 ? 140 ASN A N    1 
ATOM   827  C CA   . ASN A 1 99  ? -7.812  -11.496 -8.390  1.00 10.70 ? 140 ASN A CA   1 
ATOM   828  C C    . ASN A 1 99  ? -7.111  -12.624 -9.137  1.00 12.93 ? 140 ASN A C    1 
ATOM   829  O O    . ASN A 1 99  ? -6.557  -13.545 -8.531  1.00 15.55 ? 140 ASN A O    1 
ATOM   830  C CB   . ASN A 1 99  ? -7.521  -10.093 -8.924  1.00 10.73 ? 140 ASN A CB   1 
ATOM   831  C CG   . ASN A 1 99  ? -8.219  -9.022  -8.113  1.00 10.58 ? 140 ASN A CG   1 
ATOM   832  O OD1  . ASN A 1 99  ? -9.419  -8.788  -8.288  1.00 11.53 ? 140 ASN A OD1  1 
ATOM   833  N ND2  . ASN A 1 99  ? -7.483  -8.379  -7.206  1.00 10.11 ? 140 ASN A ND2  1 
ATOM   834  N N    . LYS A 1 100 ? -7.176  -12.583 -10.465 1.00 14.03 ? 141 LYS A N    1 
ATOM   835  C CA   . LYS A 1 100 ? -6.586  -13.605 -11.311 1.00 14.41 ? 141 LYS A CA   1 
ATOM   836  C C    . LYS A 1 100 ? -5.616  -12.968 -12.293 1.00 13.31 ? 141 LYS A C    1 
ATOM   837  O O    . LYS A 1 100 ? -5.770  -11.795 -12.655 1.00 12.54 ? 141 LYS A O    1 
ATOM   838  C CB   . LYS A 1 100 ? -7.662  -14.357 -12.107 1.00 19.08 ? 141 LYS A CB   1 
ATOM   839  C CG   . LYS A 1 100 ? -8.694  -15.055 -11.236 1.00 25.50 ? 141 LYS A CG   1 
ATOM   840  C CD   . LYS A 1 100 ? -9.784  -15.707 -12.072 1.00 30.84 ? 141 LYS A CD   1 
ATOM   841  N N    . PRO A 1 101 ? -4.615  -13.715 -12.754 1.00 15.10 ? 142 PRO A N    1 
ATOM   842  C CA   . PRO A 1 101 ? -3.669  -13.147 -13.715 1.00 15.56 ? 142 PRO A CA   1 
ATOM   843  C C    . PRO A 1 101 ? -4.402  -12.611 -14.933 1.00 15.72 ? 142 PRO A C    1 
ATOM   844  O O    . PRO A 1 101 ? -5.370  -13.207 -15.415 1.00 16.95 ? 142 PRO A O    1 
ATOM   845  C CB   . PRO A 1 101 ? -2.775  -14.336 -14.075 1.00 19.83 ? 142 PRO A CB   1 
ATOM   846  C CG   . PRO A 1 101 ? -2.826  -15.211 -12.868 1.00 19.20 ? 142 PRO A CG   1 
ATOM   847  C CD   . PRO A 1 101 ? -4.230  -15.076 -12.336 1.00 17.27 ? 142 PRO A CD   1 
ATOM   848  N N    . GLY A 1 102 ? -3.938  -11.466 -15.420 1.00 16.75 ? 143 GLY A N    1 
ATOM   849  C CA   . GLY A 1 102 ? -4.529  -10.835 -16.570 1.00 20.54 ? 143 GLY A CA   1 
ATOM   850  C C    . GLY A 1 102 ? -5.712  -9.945  -16.269 1.00 17.14 ? 143 GLY A C    1 
ATOM   851  O O    . GLY A 1 102 ? -6.176  -9.238  -17.170 1.00 17.95 ? 143 GLY A O    1 
ATOM   852  N N    . ASP A 1 103 ? -6.228  -9.952  -15.041 1.00 15.42 ? 144 ASP A N    1 
ATOM   853  C CA   . ASP A 1 103 ? -7.303  -9.020  -14.731 1.00 12.55 ? 144 ASP A CA   1 
ATOM   854  C C    . ASP A 1 103 ? -6.771  -7.592  -14.781 1.00 12.54 ? 144 ASP A C    1 
ATOM   855  O O    . ASP A 1 103 ? -5.602  -7.333  -14.489 1.00 11.76 ? 144 ASP A O    1 
ATOM   856  C CB   . ASP A 1 103 ? -7.868  -9.231  -13.324 1.00 13.57 ? 144 ASP A CB   1 
ATOM   857  C CG   . ASP A 1 103 ? -8.747  -10.470 -13.176 1.00 14.31 ? 144 ASP A CG   1 
ATOM   858  O OD1  . ASP A 1 103 ? -9.045  -10.808 -12.010 1.00 15.83 ? 144 ASP A OD1  1 
ATOM   859  O OD2  . ASP A 1 103 ? -9.119  -11.126 -14.177 1.00 17.01 ? 144 ASP A OD2  1 
ATOM   860  N N    . ASP A 1 104 ? -7.650  -6.653  -15.133 1.00 11.53 ? 145 ASP A N    1 
ATOM   861  C CA   . ASP A 1 104 ? -7.251  -5.252  -15.225 1.00 11.12 ? 145 ASP A CA   1 
ATOM   862  C C    . ASP A 1 104 ? -6.584  -4.777  -13.931 1.00 10.71 ? 145 ASP A C    1 
ATOM   863  O O    . ASP A 1 104 ? -5.545  -4.110  -13.966 1.00 10.81 ? 145 ASP A O    1 
ATOM   864  C CB   . ASP A 1 104 ? -8.476  -4.394  -15.527 1.00 11.56 ? 145 ASP A CB   1 
ATOM   865  C CG   . ASP A 1 104 ? -8.847  -4.385  -17.008 1.00 12.57 ? 145 ASP A CG   1 
ATOM   866  O OD1  . ASP A 1 104 ? -10.016 -4.046  -17.313 1.00 15.15 ? 145 ASP A OD1  1 
ATOM   867  O OD2  . ASP A 1 104 ? -8.018  -4.792  -17.853 1.00 13.99 ? 145 ASP A OD2  1 
ATOM   868  N N    . ILE A 1 105 ? -7.168  -5.111  -12.774 1.00 10.74 ? 146 ILE A N    1 
ATOM   869  C CA   . ILE A 1 105 ? -6.587  -4.649  -11.514 1.00 9.86  ? 146 ILE A CA   1 
ATOM   870  C C    . ILE A 1 105 ? -5.200  -5.240  -11.295 1.00 9.07  ? 146 ILE A C    1 
ATOM   871  O O    . ILE A 1 105 ? -4.329  -4.588  -10.699 1.00 10.07 ? 146 ILE A O    1 
ATOM   872  C CB   . ILE A 1 105 ? -7.544  -4.948  -10.344 1.00 11.17 ? 146 ILE A CB   1 
ATOM   873  C CG1  . ILE A 1 105 ? -7.129  -4.184  -9.089  1.00 10.30 ? 146 ILE A CG1  1 
ATOM   874  C CG2  . ILE A 1 105 ? -7.593  -6.446  -10.064 1.00 12.49 ? 146 ILE A CG2  1 
ATOM   875  C CD1  . ILE A 1 105 ? -7.410  -2.709  -9.165  1.00 12.73 ? 146 ILE A CD1  1 
ATOM   876  N N    . VAL A 1 106 ? -4.974  -6.474  -11.756 1.00 10.16 ? 147 VAL A N    1 
ATOM   877  C CA   . VAL A 1 106 ? -3.663  -7.099  -11.613 1.00 10.14 ? 147 VAL A CA   1 
ATOM   878  C C    . VAL A 1 106 ? -2.644  -6.442  -12.533 1.00 10.36 ? 147 VAL A C    1 
ATOM   879  O O    . VAL A 1 106 ? -1.489  -6.216  -12.146 1.00 10.78 ? 147 VAL A O    1 
ATOM   880  C CB   . VAL A 1 106 ? -3.776  -8.614  -11.854 1.00 10.87 ? 147 VAL A CB   1 
ATOM   881  C CG1  . VAL A 1 106 ? -2.403  -9.254  -11.962 1.00 12.94 ? 147 VAL A CG1  1 
ATOM   882  C CG2  . VAL A 1 106 ? -4.587  -9.260  -10.733 1.00 12.52 ? 147 VAL A CG2  1 
ATOM   883  N N    . LEU A 1 107 ? -3.043  -6.135  -13.769 1.00 10.59 ? 148 LEU A N    1 
ATOM   884  C CA   . LEU A 1 107 ? -2.163  -5.376  -14.650 1.00 10.88 ? 148 LEU A CA   1 
ATOM   885  C C    . LEU A 1 107 ? -1.763  -4.059  -14.009 1.00 10.14 ? 148 LEU A C    1 
ATOM   886  O O    . LEU A 1 107 ? -0.622  -3.611  -14.145 1.00 10.66 ? 148 LEU A O    1 
ATOM   887  C CB   . LEU A 1 107 ? -2.850  -5.131  -15.992 1.00 11.68 ? 148 LEU A CB   1 
ATOM   888  C CG   . LEU A 1 107 ? -3.195  -6.398  -16.783 1.00 12.74 ? 148 LEU A CG   1 
ATOM   889  C CD1  . LEU A 1 107 ? -4.026  -6.024  -17.997 1.00 14.07 ? 148 LEU A CD1  1 
ATOM   890  C CD2  . LEU A 1 107 ? -1.939  -7.148  -17.201 1.00 17.20 ? 148 LEU A CD2  1 
ATOM   891  N N    . MET A 1 108 ? -2.692  -3.426  -13.303 1.00 9.81  ? 149 MET A N    1 
ATOM   892  C CA   . MET A 1 108 ? -2.403  -2.146  -12.678 1.00 10.09 ? 149 MET A CA   1 
ATOM   893  C C    . MET A 1 108 ? -1.401  -2.343  -11.546 1.00 9.77  ? 149 MET A C    1 
ATOM   894  O O    . MET A 1 108 ? -0.403  -1.623  -11.452 1.00 9.54  ? 149 MET A O    1 
ATOM   895  C CB   . MET A 1 108 ? -3.708  -1.584  -12.121 1.00 9.27  ? 149 MET A CB   1 
ATOM   896  C CG   . MET A 1 108 ? -4.593  -0.926  -13.182 1.00 10.79 ? 149 MET A CG   1 
ATOM   897  S SD   . MET A 1 108 ? -6.320  -0.832  -12.725 1.00 12.31 ? 149 MET A SD   1 
ATOM   898  C CE   . MET A 1 108 ? -6.248  0.904   -12.374 1.00 13.94 ? 149 MET A CE   1 
ATOM   899  N N    . ALA A 1 109 ? -1.654  -3.332  -10.681 1.00 9.24  ? 150 ALA A N    1 
ATOM   900  C CA   . ALA A 1 109 ? -0.727  -3.625  -9.591  1.00 9.47  ? 150 ALA A CA   1 
ATOM   901  C C    . ALA A 1 109 ? 0.653   -3.987  -10.124 1.00 9.28  ? 150 ALA A C    1 
ATOM   902  O O    . ALA A 1 109 ? 1.672   -3.556  -9.572  1.00 10.16 ? 150 ALA A O    1 
ATOM   903  C CB   . ALA A 1 109 ? -1.278  -4.750  -8.717  1.00 10.81 ? 150 ALA A CB   1 
ATOM   904  N N    . GLU A 1 110 ? 0.714   -4.800  -11.184 1.00 9.53  ? 151 GLU A N    1 
ATOM   905  C CA   . GLU A 1 110 ? 2.006   -5.182  -11.752 1.00 10.70 ? 151 GLU A CA   1 
ATOM   906  C C    . GLU A 1 110 ? 2.785   -3.982  -12.269 1.00 11.27 ? 151 GLU A C    1 
ATOM   907  O O    . GLU A 1 110 ? 4.010   -3.909  -12.097 1.00 11.91 ? 151 GLU A O    1 
ATOM   908  C CB   . GLU A 1 110 ? 1.840   -6.284  -12.813 1.00 13.18 ? 151 GLU A CB   1 
ATOM   909  C CG   . GLU A 1 110 ? 1.270   -7.583  -12.273 1.00 13.85 ? 151 GLU A CG   1 
ATOM   910  C CD   . GLU A 1 110 ? 0.998   -8.635  -13.332 1.00 16.87 ? 151 GLU A CD   1 
ATOM   911  O OE1  . GLU A 1 110 ? 1.278   -9.829  -13.078 1.00 19.63 ? 151 GLU A OE1  1 
ATOM   912  O OE2  . GLU A 1 110 ? 0.394   -8.295  -14.373 1.00 20.57 ? 151 GLU A OE2  1 
ATOM   913  N N    . ALA A 1 111 ? 2.101   -3.028  -12.897 1.00 10.74 ? 152 ALA A N    1 
ATOM   914  C CA   . ALA A 1 111 ? 2.793   -1.835  -13.364 1.00 12.13 ? 152 ALA A CA   1 
ATOM   915  C C    . ALA A 1 111 ? 3.301   -1.008  -12.196 1.00 12.20 ? 152 ALA A C    1 
ATOM   916  O O    . ALA A 1 111 ? 4.411   -0.468  -12.243 1.00 12.22 ? 152 ALA A O    1 
ATOM   917  C CB   . ALA A 1 111 ? 1.867   -1.003  -14.246 1.00 13.51 ? 152 ALA A CB   1 
ATOM   918  N N    . LEU A 1 112 ? 2.499   -0.883  -11.141 1.00 10.61 ? 153 LEU A N    1 
ATOM   919  C CA   . LEU A 1 112 ? 2.941   -0.123  -9.979  1.00 10.84 ? 153 LEU A CA   1 
ATOM   920  C C    . LEU A 1 112 ? 4.089   -0.831  -9.275  1.00 10.05 ? 153 LEU A C    1 
ATOM   921  O O    . LEU A 1 112 ? 5.019   -0.180  -8.796  1.00 11.51 ? 153 LEU A O    1 
ATOM   922  C CB   . LEU A 1 112 ? 1.770   0.031   -9.018  1.00 11.28 ? 153 LEU A CB   1 
ATOM   923  C CG   . LEU A 1 112 ? 0.650   0.959   -9.504  1.00 11.32 ? 153 LEU A CG   1 
ATOM   924  C CD1  . LEU A 1 112 ? -0.509  0.936   -8.532  1.00 15.38 ? 153 LEU A CD1  1 
ATOM   925  C CD2  . LEU A 1 112 ? 1.096   2.379   -9.723  1.00 14.05 ? 153 LEU A CD2  1 
ATOM   926  N N    . GLU A 1 113 ? 4.027   -2.161  -9.182  1.00 10.74 ? 154 GLU A N    1 
ATOM   927  C CA   . GLU A 1 113 ? 5.095   -2.911  -8.530  1.00 11.11 ? 154 GLU A CA   1 
ATOM   928  C C    . GLU A 1 113 ? 6.406   -2.777  -9.287  1.00 11.78 ? 154 GLU A C    1 
ATOM   929  O O    . GLU A 1 113 ? 7.480   -2.652  -8.681  1.00 11.86 ? 154 GLU A O    1 
ATOM   930  C CB   . GLU A 1 113 ? 4.715   -4.382  -8.384  1.00 11.48 ? 154 GLU A CB   1 
ATOM   931  C CG   . GLU A 1 113 ? 5.774   -5.184  -7.641  1.00 13.79 ? 154 GLU A CG   1 
ATOM   932  C CD   . GLU A 1 113 ? 5.475   -6.672  -7.560  1.00 16.62 ? 154 GLU A CD   1 
ATOM   933  O OE1  . GLU A 1 113 ? 4.596   -7.168  -8.296  1.00 18.27 ? 154 GLU A OE1  1 
ATOM   934  O OE2  . GLU A 1 113 ? 6.173   -7.367  -6.793  1.00 20.59 ? 154 GLU A OE2  1 
ATOM   935  N N    . LYS A 1 114 ? 6.345   -2.800  -10.611 1.00 11.25 ? 155 LYS A N    1 
ATOM   936  C CA   . LYS A 1 114 ? 7.554   -2.626  -11.404 1.00 12.26 ? 155 LYS A CA   1 
ATOM   937  C C    . LYS A 1 114 ? 8.196   -1.282  -11.106 1.00 12.13 ? 155 LYS A C    1 
ATOM   938  O O    . LYS A 1 114 ? 9.416   -1.189  -10.908 1.00 13.54 ? 155 LYS A O    1 
ATOM   939  C CB   . LYS A 1 114 ? 7.219   -2.740  -12.893 1.00 13.73 ? 155 LYS A CB   1 
ATOM   940  C CG   . LYS A 1 114 ? 8.430   -2.581  -13.793 1.00 15.87 ? 155 LYS A CG   1 
ATOM   941  C CD   . LYS A 1 114 ? 8.093   -2.804  -15.256 1.00 20.15 ? 155 LYS A CD   1 
ATOM   942  C CE   . LYS A 1 114 ? 9.273   -2.440  -16.149 1.00 24.99 ? 155 LYS A CE   1 
ATOM   943  N NZ   . LYS A 1 114 ? 8.969   -2.672  -17.588 1.00 32.85 ? 155 LYS A NZ   1 
ATOM   944  N N    . LEU A 1 115 ? 7.386   -0.227  -11.054 1.00 11.99 ? 156 LEU A N    1 
ATOM   945  C CA   . LEU A 1 115 ? 7.903   1.100   -10.755 1.00 13.47 ? 156 LEU A CA   1 
ATOM   946  C C    . LEU A 1 115 ? 8.414   1.169   -9.320  1.00 11.83 ? 156 LEU A C    1 
ATOM   947  O O    . LEU A 1 115 ? 9.476   1.751   -9.057  1.00 14.45 ? 156 LEU A O    1 
ATOM   948  C CB   . LEU A 1 115 ? 6.801   2.128   -11.009 1.00 15.02 ? 156 LEU A CB   1 
ATOM   949  C CG   . LEU A 1 115 ? 7.009   3.624   -10.806 1.00 23.79 ? 156 LEU A CG   1 
ATOM   950  C CD1  . LEU A 1 115 ? 8.185   4.119   -11.631 1.00 25.90 ? 156 LEU A CD1  1 
ATOM   951  C CD2  . LEU A 1 115 ? 5.741   4.360   -11.207 1.00 23.54 ? 156 LEU A CD2  1 
ATOM   952  N N    . PHE A 1 116 ? 7.688   0.554   -8.385  1.00 11.26 ? 157 PHE A N    1 
ATOM   953  C CA   . PHE A 1 116 ? 8.126   0.507   -6.999  1.00 11.83 ? 157 PHE A CA   1 
ATOM   954  C C    . PHE A 1 116 ? 9.516   -0.094  -6.894  1.00 13.27 ? 157 PHE A C    1 
ATOM   955  O O    . PHE A 1 116 ? 10.407  0.471   -6.246  1.00 13.89 ? 157 PHE A O    1 
ATOM   956  C CB   . PHE A 1 116 ? 7.113   -0.319  -6.210  1.00 11.49 ? 157 PHE A CB   1 
ATOM   957  C CG   . PHE A 1 116 ? 7.516   -0.613  -4.795  1.00 12.02 ? 157 PHE A CG   1 
ATOM   958  C CD1  . PHE A 1 116 ? 7.462   0.359   -3.817  1.00 13.49 ? 157 PHE A CD1  1 
ATOM   959  C CD2  . PHE A 1 116 ? 7.915   -1.881  -4.443  1.00 13.57 ? 157 PHE A CD2  1 
ATOM   960  C CE1  . PHE A 1 116 ? 7.815   0.065   -2.519  1.00 13.51 ? 157 PHE A CE1  1 
ATOM   961  C CE2  . PHE A 1 116 ? 8.258   -2.176  -3.140  1.00 16.76 ? 157 PHE A CE2  1 
ATOM   962  C CZ   . PHE A 1 116 ? 8.201   -1.196  -2.188  1.00 14.44 ? 157 PHE A CZ   1 
ATOM   963  N N    . LEU A 1 117 ? 9.724   -1.240  -7.532  1.00 12.79 ? 158 LEU A N    1 
ATOM   964  C CA   . LEU A 1 117 ? 11.019  -1.896  -7.417  1.00 16.14 ? 158 LEU A CA   1 
ATOM   965  C C    . LEU A 1 117 ? 12.121  -1.090  -8.098  1.00 16.94 ? 158 LEU A C    1 
ATOM   966  O O    . LEU A 1 117 ? 13.270  -1.100  -7.634  1.00 17.44 ? 158 LEU A O    1 
ATOM   967  C CB   . LEU A 1 117 ? 10.933  -3.319  -7.958  1.00 19.13 ? 158 LEU A CB   1 
ATOM   968  C CG   . LEU A 1 117 ? 10.062  -4.240  -7.093  1.00 18.71 ? 158 LEU A CG   1 
ATOM   969  C CD1  . LEU A 1 117 ? 9.851   -5.579  -7.759  1.00 20.21 ? 158 LEU A CD1  1 
ATOM   970  C CD2  . LEU A 1 117 ? 10.614  -4.406  -5.679  1.00 21.23 ? 158 LEU A CD2  1 
ATOM   971  N N    . GLN A 1 118 ? 11.797  -0.359  -9.167  1.00 15.88 ? 159 GLN A N    1 
ATOM   972  C CA   . GLN A 1 118 ? 12.793  0.519   -9.776  1.00 18.78 ? 159 GLN A CA   1 
ATOM   973  C C    . GLN A 1 118 ? 13.224  1.603   -8.800  1.00 17.94 ? 159 GLN A C    1 
ATOM   974  O O    . GLN A 1 118 ? 14.413  1.938   -8.708  1.00 18.56 ? 159 GLN A O    1 
ATOM   975  C CB   . GLN A 1 118 ? 12.227  1.163   -11.040 1.00 21.20 ? 159 GLN A CB   1 
ATOM   976  C CG   . GLN A 1 118 ? 12.135  0.242   -12.238 1.00 25.21 ? 159 GLN A CG   1 
ATOM   977  C CD   . GLN A 1 118 ? 11.749  0.975   -13.508 1.00 31.23 ? 159 GLN A CD   1 
ATOM   978  O OE1  . GLN A 1 118 ? 11.281  2.114   -13.469 1.00 29.74 ? 159 GLN A OE1  1 
ATOM   979  N NE2  . GLN A 1 118 ? 11.921  0.313   -14.644 1.00 34.14 ? 159 GLN A NE2  1 
ATOM   980  N N    . LYS A 1 119 ? 12.271  2.171   -8.063  1.00 18.38 ? 160 LYS A N    1 
ATOM   981  C CA   . LYS A 1 119 ? 12.609  3.255   -7.149  1.00 18.85 ? 160 LYS A CA   1 
ATOM   982  C C    . LYS A 1 119 ? 13.366  2.751   -5.929  1.00 19.47 ? 160 LYS A C    1 
ATOM   983  O O    . LYS A 1 119 ? 14.254  3.441   -5.411  1.00 18.63 ? 160 LYS A O    1 
ATOM   984  C CB   . LYS A 1 119 ? 11.349  4.002   -6.732  1.00 19.21 ? 160 LYS A CB   1 
ATOM   985  C CG   . LYS A 1 119 ? 10.695  4.700   -7.887  1.00 18.21 ? 160 LYS A CG   1 
ATOM   986  C CD   . LYS A 1 119 ? 11.711  5.646   -8.502  1.00 21.28 ? 160 LYS A CD   1 
ATOM   987  C CE   . LYS A 1 119 ? 11.061  6.832   -9.166  1.00 25.24 ? 160 LYS A CE   1 
ATOM   988  N NZ   . LYS A 1 119 ? 12.058  7.555   -10.011 1.00 21.92 ? 160 LYS A NZ   1 
ATOM   989  N N    . ILE A 1 120 ? 13.041  1.556   -5.443  1.00 16.49 ? 161 ILE A N    1 
ATOM   990  C CA   . ILE A 1 120 ? 13.751  1.091   -4.260  1.00 20.61 ? 161 ILE A CA   1 
ATOM   991  C C    . ILE A 1 120 ? 15.105  0.503   -4.618  1.00 24.79 ? 161 ILE A C    1 
ATOM   992  O O    . ILE A 1 120 ? 15.997  0.454   -3.763  1.00 23.90 ? 161 ILE A O    1 
ATOM   993  C CB   . ILE A 1 120 ? 12.893  0.202   -3.342  1.00 29.31 ? 161 ILE A CB   1 
ATOM   994  C CG1  . ILE A 1 120 ? 12.531  -1.107  -4.037  1.00 26.03 ? 161 ILE A CG1  1 
ATOM   995  C CG2  . ILE A 1 120 ? 11.656  0.958   -2.853  1.00 26.13 ? 161 ILE A CG2  1 
ATOM   996  C CD1  . ILE A 1 120 ? 12.069  -2.195  -3.091  1.00 27.39 ? 161 ILE A CD1  1 
ATOM   997  N N    . ASN A 1 121 ? 15.302  0.106   -5.876  1.00 25.90 ? 162 ASN A N    1 
ATOM   998  C CA   . ASN A 1 121 ? 16.548  -0.549  -6.242  1.00 34.46 ? 162 ASN A CA   1 
ATOM   999  C C    . ASN A 1 121 ? 17.759  0.305   -5.887  1.00 39.31 ? 162 ASN A C    1 
ATOM   1000 O O    . ASN A 1 121 ? 18.872  -0.226  -5.805  1.00 47.84 ? 162 ASN A O    1 
ATOM   1001 C CB   . ASN A 1 121 ? 16.533  -0.930  -7.722  1.00 33.63 ? 162 ASN A CB   1 
ATOM   1002 C CG   . ASN A 1 121 ? 17.772  -1.683  -8.135  1.00 41.73 ? 162 ASN A CG   1 
ATOM   1003 O OD1  . ASN A 1 121 ? 17.810  -2.912  -8.064  1.00 45.23 ? 162 ASN A OD1  1 
ATOM   1004 N ND2  . ASN A 1 121 ? 18.794  -0.958  -8.569  1.00 44.25 ? 162 ASN A ND2  1 
ATOM   1005 N N    . GLU A 1 122 ? 17.570  1.616   -5.655  1.00 34.52 ? 163 GLU A N    1 
ATOM   1006 C CA   . GLU A 1 122 ? 18.621  2.452   -5.075  1.00 44.38 ? 163 GLU A CA   1 
ATOM   1007 C C    . GLU A 1 122 ? 18.037  3.423   -4.034  1.00 36.36 ? 163 GLU A C    1 
ATOM   1008 O O    . GLU A 1 122 ? 17.989  4.636   -4.220  1.00 34.95 ? 163 GLU A O    1 
ATOM   1009 C CB   . GLU A 1 122 ? 19.462  3.158   -6.147  1.00 54.23 ? 163 GLU A CB   1 
ATOM   1010 C CG   . GLU A 1 122 ? 20.608  4.005   -5.584  1.00 52.98 ? 163 GLU A CG   1 
ATOM   1011 C CD   . GLU A 1 122 ? 21.499  4.617   -6.660  1.00 53.37 ? 163 GLU A CD   1 
ATOM   1012 O OE1  . GLU A 1 122 ? 20.973  5.205   -7.632  1.00 43.90 ? 163 GLU A OE1  1 
ATOM   1013 O OE2  . GLU A 1 122 ? 22.739  4.511   -6.528  1.00 53.69 ? 163 GLU A OE2  1 
ATOM   1014 N N    . LEU A 1 123 ? 17.584  2.875   -2.902  1.00 37.53 ? 164 LEU A N    1 
ATOM   1015 C CA   . LEU A 1 123 ? 17.317  3.710   -1.740  1.00 34.07 ? 164 LEU A CA   1 
ATOM   1016 C C    . LEU A 1 123 ? 18.616  4.365   -1.276  1.00 35.08 ? 164 LEU A C    1 
ATOM   1017 O O    . LEU A 1 123 ? 19.706  3.838   -1.518  1.00 42.37 ? 164 LEU A O    1 
ATOM   1018 C CB   . LEU A 1 123 ? 16.798  2.883   -0.566  1.00 38.36 ? 164 LEU A CB   1 
ATOM   1019 C CG   . LEU A 1 123 ? 15.561  2.000   -0.566  1.00 38.89 ? 164 LEU A CG   1 
ATOM   1020 C CD1  . LEU A 1 123 ? 15.482  1.296   0.785   1.00 30.16 ? 164 LEU A CD1  1 
ATOM   1021 C CD2  . LEU A 1 123 ? 14.325  2.844   -0.797  1.00 37.86 ? 164 LEU A CD2  1 
ATOM   1022 N N    . PRO A 1 124 ? 18.528  5.511   -0.586  1.00 31.53 ? 165 PRO A N    1 
ATOM   1023 C CA   . PRO A 1 124 ? 19.695  6.146   0.038   1.00 33.08 ? 165 PRO A CA   1 
ATOM   1024 C C    . PRO A 1 124 ? 20.173  5.365   1.261   1.00 36.53 ? 165 PRO A C    1 
ATOM   1025 O O    . PRO A 1 124 ? 19.920  4.162   1.355   1.00 35.18 ? 165 PRO A O    1 
ATOM   1026 C CB   . PRO A 1 124 ? 19.168  7.517   0.476   1.00 34.65 ? 165 PRO A CB   1 
ATOM   1027 C CG   . PRO A 1 124 ? 17.694  7.391   0.498   1.00 30.10 ? 165 PRO A CG   1 
ATOM   1028 C CD   . PRO A 1 124 ? 17.320  6.344   -0.499  1.00 28.07 ? 165 PRO A CD   1 
HETATM 1029 C C10  . X3L B 2 .   ? -14.935 1.368   -8.897  1.00 18.80 ? 201 X3L A C10  1 
HETATM 1030 C C13  . X3L B 2 .   ? -14.107 -1.844  -10.754 1.00 19.41 ? 201 X3L A C13  1 
HETATM 1031 C C15  . X3L B 2 .   ? -11.551 -1.938  -11.266 1.00 20.73 ? 201 X3L A C15  1 
HETATM 1032 C C21  . X3L B 2 .   ? -11.413 -2.114  -7.146  1.00 11.42 ? 201 X3L A C21  1 
HETATM 1033 C C22  . X3L B 2 .   ? -10.505 -3.137  -6.757  1.00 11.24 ? 201 X3L A C22  1 
HETATM 1034 C C24  . X3L B 2 .   ? -11.658 -4.736  -8.264  1.00 12.37 ? 201 X3L A C24  1 
HETATM 1035 C C26  . X3L B 2 .   ? -11.167 -5.854  -9.190  1.00 16.88 ? 201 X3L A C26  1 
HETATM 1036 C C28  . X3L B 2 .   ? -11.218 -5.484  -5.030  1.00 13.48 ? 201 X3L A C28  1 
HETATM 1037 C C01  . X3L B 2 .   ? -7.217  -3.498  -5.086  1.00 10.36 ? 201 X3L A C01  1 
HETATM 1038 C C03  . X3L B 2 .   ? -9.508  -2.855  -5.872  1.00 10.81 ? 201 X3L A C03  1 
HETATM 1039 C C04  . X3L B 2 .   ? -9.335  -1.549  -5.352  1.00 11.82 ? 201 X3L A C04  1 
HETATM 1040 C C05  . X3L B 2 .   ? -10.226 -0.552  -5.738  1.00 12.93 ? 201 X3L A C05  1 
HETATM 1041 C C06  . X3L B 2 .   ? -11.251 -0.830  -6.625  1.00 12.60 ? 201 X3L A C06  1 
HETATM 1042 C C08  . X3L B 2 .   ? -13.111 0.312   -8.003  1.00 16.86 ? 201 X3L A C08  1 
HETATM 1043 C C11  . X3L B 2 .   ? -15.011 0.345   -9.825  1.00 16.03 ? 201 X3L A C11  1 
HETATM 1044 C C12  . X3L B 2 .   ? -14.086 -0.683  -9.784  1.00 19.55 ? 201 X3L A C12  1 
HETATM 1045 C C14  . X3L B 2 .   ? -13.011 -2.388  -11.388 1.00 16.64 ? 201 X3L A C14  1 
HETATM 1046 C C18  . X3L B 2 .   ? -15.234 -2.563  -11.150 1.00 21.14 ? 201 X3L A C18  1 
HETATM 1047 C C19  . X3L B 2 .   ? -16.675 -2.320  -10.692 1.00 21.10 ? 201 X3L A C19  1 
HETATM 1048 C C25  . X3L B 2 .   ? -13.062 -4.993  -7.700  1.00 16.50 ? 201 X3L A C25  1 
HETATM 1049 C C27  . X3L B 2 .   ? -10.294 -5.486  -6.260  1.00 11.88 ? 201 X3L A C27  1 
HETATM 1050 C C29  . X3L B 2 .   ? -8.834  -5.268  -5.745  1.00 10.29 ? 201 X3L A C29  1 
HETATM 1051 N N02  . X3L B 2 .   ? -8.540  -3.893  -5.534  1.00 9.75  ? 201 X3L A N02  1 
HETATM 1052 N N07  . X3L B 2 .   ? -12.095 0.321   -6.955  1.00 15.59 ? 201 X3L A N07  1 
HETATM 1053 N N09  . X3L B 2 .   ? -13.968 1.307   -7.999  1.00 16.84 ? 201 X3L A N09  1 
HETATM 1054 N N16  . X3L B 2 .   ? -13.453 -3.375  -12.130 1.00 20.71 ? 201 X3L A N16  1 
HETATM 1055 N N17  . X3L B 2 .   ? -14.818 -3.511  -12.004 1.00 23.27 ? 201 X3L A N17  1 
HETATM 1056 N N20  . X3L B 2 .   ? -13.148 -0.663  -8.859  1.00 16.59 ? 201 X3L A N20  1 
HETATM 1057 N N23  . X3L B 2 .   ? -10.638 -4.493  -7.228  1.00 11.23 ? 201 X3L A N23  1 
HETATM 1058 O O30  . X3L B 2 .   ? -8.024  -6.108  -5.510  1.00 11.21 ? 201 X3L A O30  1 
HETATM 1059 H H101 . X3L B 2 .   ? -15.541 2.074   -8.905  1.00 22.63 ? 201 X3L A H101 1 
HETATM 1060 H H151 . X3L B 2 .   ? -10.986 -2.531  -11.787 1.00 24.95 ? 201 X3L A H151 1 
HETATM 1061 H H152 . X3L B 2 .   ? -11.279 -1.968  -10.335 1.00 24.95 ? 201 X3L A H152 1 
HETATM 1062 H H153 . X3L B 2 .   ? -11.462 -1.032  -11.600 1.00 24.95 ? 201 X3L A H153 1 
HETATM 1063 H H211 . X3L B 2 .   ? -12.106 -2.298  -7.739  1.00 13.77 ? 201 X3L A H211 1 
HETATM 1064 H H241 . X3L B 2 .   ? -11.745 -3.910  -8.766  1.00 14.91 ? 201 X3L A H241 1 
HETATM 1065 H H261 . X3L B 2 .   ? -10.424 -6.317  -8.771  1.00 20.32 ? 201 X3L A H261 1 
HETATM 1066 H H263 . X3L B 2 .   ? -10.876 -5.472  -10.033 1.00 20.32 ? 201 X3L A H263 1 
HETATM 1067 H H262 . X3L B 2 .   ? -11.890 -6.481  -9.350  1.00 20.32 ? 201 X3L A H262 1 
HETATM 1068 H H283 . X3L B 2 .   ? -11.700 -6.325  -4.986  1.00 16.25 ? 201 X3L A H283 1 
HETATM 1069 H H282 . X3L B 2 .   ? -11.850 -4.752  -5.101  1.00 16.25 ? 201 X3L A H282 1 
HETATM 1070 H H281 . X3L B 2 .   ? -10.685 -5.375  -4.226  1.00 16.25 ? 201 X3L A H281 1 
HETATM 1071 H H011 . X3L B 2 .   ? -6.599  -4.235  -5.213  1.00 12.50 ? 201 X3L A H011 1 
HETATM 1072 H H012 . X3L B 2 .   ? -7.251  -3.264  -4.145  1.00 12.50 ? 201 X3L A H012 1 
HETATM 1073 H H013 . X3L B 2 .   ? -6.917  -2.731  -5.599  1.00 12.50 ? 201 X3L A H013 1 
HETATM 1074 H H041 . X3L B 2 .   ? -8.638  -1.360  -4.766  1.00 14.25 ? 201 X3L A H041 1 
HETATM 1075 H H051 . X3L B 2 .   ? -10.134 0.307   -5.394  1.00 15.58 ? 201 X3L A H051 1 
HETATM 1076 H H111 . X3L B 2 .   ? -15.679 0.348   -10.472 1.00 19.30 ? 201 X3L A H111 1 
HETATM 1077 H H192 . X3L B 2 .   ? -17.192 -3.133  -10.803 1.00 25.39 ? 201 X3L A H192 1 
HETATM 1078 H H193 . X3L B 2 .   ? -17.068 -1.612  -11.226 1.00 25.39 ? 201 X3L A H193 1 
HETATM 1079 H H191 . X3L B 2 .   ? -16.677 -2.060  -9.757  1.00 25.39 ? 201 X3L A H191 1 
HETATM 1080 H H252 . X3L B 2 .   ? -13.176 -5.942  -7.537  1.00 19.87 ? 201 X3L A H252 1 
HETATM 1081 H H253 . X3L B 2 .   ? -13.728 -4.694  -8.340  1.00 19.87 ? 201 X3L A H253 1 
HETATM 1082 H H251 . X3L B 2 .   ? -13.171 -4.506  -6.869  1.00 19.87 ? 201 X3L A H251 1 
HETATM 1083 H H271 . X3L B 2 .   ? -10.417 -6.348  -6.687  1.00 14.33 ? 201 X3L A H271 1 
HETATM 1084 H H071 . X3L B 2 .   ? -11.984 1.045   -6.504  1.00 18.77 ? 201 X3L A H071 1 
HETATM 1085 H H161 . X3L B 2 .   ? -12.958 -3.871  -12.629 1.00 24.92 ? 201 X3L A H161 1 
HETATM 1086 O O    . HOH C 3 .   ? 3.214   11.329  14.424  1.00 15.57 ? 301 HOH A O    1 
HETATM 1087 O O    . HOH C 3 .   ? 5.158   12.628  13.672  1.00 27.59 ? 302 HOH A O    1 
HETATM 1088 O O    . HOH C 3 .   ? 3.786   -2.140  10.660  1.00 23.49 ? 303 HOH A O    1 
HETATM 1089 O O    . HOH C 3 .   ? 1.455   -7.215  -16.419 1.00 20.92 ? 304 HOH A O    1 
HETATM 1090 O O    . HOH C 3 .   ? -1.116  12.463  7.063   1.00 28.75 ? 305 HOH A O    1 
HETATM 1091 O O    . HOH C 3 .   ? 6.994   13.642  -10.332 1.00 24.63 ? 306 HOH A O    1 
HETATM 1092 O O    . HOH C 3 .   ? -6.449  -6.434  -3.234  1.00 10.02 ? 307 HOH A O    1 
HETATM 1093 O O    . HOH C 3 .   ? -0.754  2.967   21.279  1.00 15.59 ? 308 HOH A O    1 
HETATM 1094 O O    . HOH C 3 .   ? -9.691  8.312   -1.732  1.00 28.15 ? 309 HOH A O    1 
HETATM 1095 O O    . HOH C 3 .   ? -6.823  8.658   -0.493  1.00 29.12 ? 310 HOH A O    1 
HETATM 1096 O O    . HOH C 3 .   ? 3.582   -10.132 -11.786 1.00 25.17 ? 311 HOH A O    1 
HETATM 1097 O O    . HOH C 3 .   ? -13.729 -14.067 -4.285  1.00 21.18 ? 312 HOH A O    1 
HETATM 1098 O O    . HOH C 3 .   ? 7.733   0.432   15.743  1.00 16.14 ? 313 HOH A O    1 
HETATM 1099 O O    . HOH C 3 .   ? -12.066 -5.193  -13.513 1.00 21.92 ? 314 HOH A O    1 
HETATM 1100 O O    . HOH C 3 .   ? 1.585   -2.158  11.940  1.00 24.14 ? 315 HOH A O    1 
HETATM 1101 O O    . HOH C 3 .   ? -8.297  -4.148  -20.442 1.00 14.44 ? 316 HOH A O    1 
HETATM 1102 O O    . HOH C 3 .   ? -3.783  -4.557  7.756   1.00 20.93 ? 317 HOH A O    1 
HETATM 1103 O O    . HOH C 3 .   ? -2.822  9.292   -9.646  1.00 22.29 ? 318 HOH A O    1 
HETATM 1104 O O    . HOH C 3 .   ? 6.967   3.572   22.002  1.00 15.08 ? 319 HOH A O    1 
HETATM 1105 O O    . HOH C 3 .   ? -5.255  -2.469  -1.649  1.00 13.85 ? 320 HOH A O    1 
HETATM 1106 O O    . HOH C 3 .   ? -3.966  2.953   16.928  1.00 29.33 ? 321 HOH A O    1 
HETATM 1107 O O    . HOH C 3 .   ? -9.582  -16.403 4.027   1.00 28.72 ? 322 HOH A O    1 
HETATM 1108 O O    . HOH C 3 .   ? -7.813  -12.547 -16.348 1.00 24.55 ? 323 HOH A O    1 
HETATM 1109 O O    . HOH C 3 .   ? -7.546  -7.353  -18.563 1.00 19.86 ? 324 HOH A O    1 
HETATM 1110 O O    . HOH C 3 .   ? -6.674  9.273   -8.413  1.00 31.55 ? 325 HOH A O    1 
HETATM 1111 O O    . HOH C 3 .   ? -10.895 -13.158 -14.339 1.00 35.10 ? 326 HOH A O    1 
HETATM 1112 O O    . HOH C 3 .   ? 5.026   -9.627  -5.849  1.00 23.70 ? 327 HOH A O    1 
HETATM 1113 O O    . HOH C 3 .   ? 7.803   -6.627  -4.761  1.00 26.37 ? 328 HOH A O    1 
HETATM 1114 O O    . HOH C 3 .   ? -6.093  3.481   6.963   1.00 16.10 ? 329 HOH A O    1 
HETATM 1115 O O    . HOH C 3 .   ? -11.555 2.754   -5.885  1.00 22.58 ? 330 HOH A O    1 
HETATM 1116 O O    . HOH C 3 .   ? -8.625  2.330   12.157  1.00 26.06 ? 331 HOH A O    1 
HETATM 1117 O O    . HOH C 3 .   ? 15.885  2.523   -10.925 1.00 26.61 ? 332 HOH A O    1 
HETATM 1118 O O    . HOH C 3 .   ? -12.109 3.363   0.919   1.00 16.01 ? 333 HOH A O    1 
HETATM 1119 O O    . HOH C 3 .   ? 11.090  -3.855  9.954   1.00 26.76 ? 334 HOH A O    1 
HETATM 1120 O O    . HOH C 3 .   ? -8.609  -3.012  7.441   1.00 15.42 ? 335 HOH A O    1 
HETATM 1121 O O    . HOH C 3 .   ? 4.226   2.582   -15.617 1.00 24.65 ? 336 HOH A O    1 
HETATM 1122 O O    . HOH C 3 .   ? 4.367   -3.000  8.064   1.00 16.55 ? 337 HOH A O    1 
HETATM 1123 O O    . HOH C 3 .   ? -4.198  -10.368 3.374   1.00 13.68 ? 338 HOH A O    1 
HETATM 1124 O O    . HOH C 3 .   ? -17.761 -4.454  -8.142  1.00 26.08 ? 339 HOH A O    1 
HETATM 1125 O O    . HOH C 3 .   ? -23.023 -3.421  -1.031  1.00 20.60 ? 340 HOH A O    1 
HETATM 1126 O O    . HOH C 3 .   ? -1.472  -10.242 -15.244 1.00 19.04 ? 341 HOH A O    1 
HETATM 1127 O O    . HOH C 3 .   ? -6.759  4.609   10.162  1.00 28.84 ? 342 HOH A O    1 
HETATM 1128 O O    . HOH C 3 .   ? 3.239   14.087  1.728   1.00 35.65 ? 343 HOH A O    1 
HETATM 1129 O O    . HOH C 3 .   ? -8.680  7.491   -5.458  1.00 18.49 ? 344 HOH A O    1 
HETATM 1130 O O    . HOH C 3 .   ? -10.962 -12.333 -10.726 1.00 25.87 ? 345 HOH A O    1 
HETATM 1131 O O    . HOH C 3 .   ? 5.105   14.638  7.593   1.00 34.09 ? 346 HOH A O    1 
HETATM 1132 O O    . HOH C 3 .   ? -10.375 -8.629  -10.936 1.00 15.74 ? 347 HOH A O    1 
HETATM 1133 O O    . HOH C 3 .   ? 4.764   8.843   -11.577 1.00 22.45 ? 348 HOH A O    1 
HETATM 1134 O O    . HOH C 3 .   ? -5.843  -4.705  0.426   1.00 13.05 ? 349 HOH A O    1 
HETATM 1135 O O    . HOH C 3 .   ? -17.349 -4.680  9.611   1.00 19.50 ? 350 HOH A O    1 
HETATM 1136 O O    . HOH C 3 .   ? 14.407  -3.334  -6.442  1.00 25.94 ? 351 HOH A O    1 
HETATM 1137 O O    . HOH C 3 .   ? -9.851  1.335   -3.077  1.00 14.87 ? 352 HOH A O    1 
HETATM 1138 O O    . HOH C 3 .   ? 5.396   0.260   -14.743 1.00 17.27 ? 353 HOH A O    1 
HETATM 1139 O O    . HOH C 3 .   ? -11.859 -2.840  -15.600 1.00 19.56 ? 354 HOH A O    1 
HETATM 1140 O O    . HOH C 3 .   ? 14.358  12.190  0.729   1.00 26.52 ? 355 HOH A O    1 
HETATM 1141 O O    . HOH C 3 .   ? -14.237 -10.201 -7.505  1.00 24.50 ? 356 HOH A O    1 
HETATM 1142 O O    . HOH C 3 .   ? 1.805   -5.259  5.911   1.00 18.98 ? 357 HOH A O    1 
HETATM 1143 O O    . HOH C 3 .   ? -6.482  -1.263  3.458   1.00 12.12 ? 358 HOH A O    1 
HETATM 1144 O O    . HOH C 3 .   ? -4.439  -4.596  -3.110  1.00 13.48 ? 359 HOH A O    1 
HETATM 1145 O O    . HOH C 3 .   ? 1.049   -4.430  -16.242 1.00 17.40 ? 360 HOH A O    1 
HETATM 1146 O O    . HOH C 3 .   ? -3.283  -13.193 -9.683  1.00 20.90 ? 361 HOH A O    1 
HETATM 1147 O O    . HOH C 3 .   ? 1.245   11.815  -13.118 1.00 26.26 ? 362 HOH A O    1 
HETATM 1148 O O    . HOH C 3 .   ? -14.080 1.244   7.341   1.00 26.73 ? 363 HOH A O    1 
HETATM 1149 O O    . HOH C 3 .   ? -6.832  -15.834 1.353   1.00 28.69 ? 364 HOH A O    1 
HETATM 1150 O O    . HOH C 3 .   ? -6.985  -0.452  -2.309  1.00 11.86 ? 365 HOH A O    1 
HETATM 1151 O O    . HOH C 3 .   ? -11.435 -0.502  5.697   1.00 14.42 ? 366 HOH A O    1 
HETATM 1152 O O    . HOH C 3 .   ? 5.506   -6.290  -11.803 1.00 21.43 ? 367 HOH A O    1 
HETATM 1153 O O    . HOH C 3 .   ? 15.130  2.884   7.604   1.00 16.34 ? 368 HOH A O    1 
HETATM 1154 O O    . HOH C 3 .   ? -13.153 -0.360  3.557   1.00 14.66 ? 369 HOH A O    1 
HETATM 1155 O O    . HOH C 3 .   ? 11.270  -3.180  -11.692 1.00 18.85 ? 370 HOH A O    1 
HETATM 1156 O O    . HOH C 3 .   ? -0.428  -12.089 -13.176 1.00 20.83 ? 371 HOH A O    1 
HETATM 1157 O O    . HOH C 3 .   ? 1.083   -9.695  3.658   1.00 26.71 ? 372 HOH A O    1 
HETATM 1158 O O    . HOH C 3 .   ? 18.776  8.210   8.561   1.00 25.09 ? 373 HOH A O    1 
HETATM 1159 O O    . HOH C 3 .   ? -10.811 -14.306 -4.637  1.00 22.38 ? 374 HOH A O    1 
HETATM 1160 O O    . HOH C 3 .   ? 7.029   12.337  7.581   1.00 29.95 ? 375 HOH A O    1 
HETATM 1161 O O    . HOH C 3 .   ? -4.682  7.111   -10.720 1.00 14.56 ? 376 HOH A O    1 
HETATM 1162 O O    . HOH C 3 .   ? -5.363  -12.900 4.109   1.00 20.54 ? 377 HOH A O    1 
HETATM 1163 O O    . HOH C 3 .   ? -12.528 0.695   -3.233  1.00 16.02 ? 378 HOH A O    1 
HETATM 1164 O O    . HOH C 3 .   ? -6.062  7.668   -13.741 1.00 23.02 ? 379 HOH A O    1 
HETATM 1165 O O    . HOH C 3 .   ? 8.635   9.419   5.559   1.00 21.64 ? 380 HOH A O    1 
HETATM 1166 O O    . HOH C 3 .   ? -0.646  -10.394 1.439   1.00 19.86 ? 381 HOH A O    1 
HETATM 1167 O O    . HOH C 3 .   ? -10.081 -7.697  -16.231 1.00 18.55 ? 382 HOH A O    1 
HETATM 1168 O O    . HOH C 3 .   ? 1.076   -3.237  8.722   1.00 22.57 ? 383 HOH A O    1 
HETATM 1169 O O    . HOH C 3 .   ? 4.856   -9.900  -9.121  1.00 27.75 ? 384 HOH A O    1 
HETATM 1170 O O    . HOH C 3 .   ? 17.791  8.021   12.022  1.00 29.33 ? 385 HOH A O    1 
HETATM 1171 O O    . HOH C 3 .   ? -6.133  -15.982 -15.352 1.00 29.62 ? 386 HOH A O    1 
HETATM 1172 O O    . HOH C 3 .   ? -19.334 2.770   0.951   1.00 26.64 ? 387 HOH A O    1 
HETATM 1173 O O    . HOH C 3 .   ? 8.813   -6.694  2.136   1.00 23.74 ? 388 HOH A O    1 
HETATM 1174 O O    . HOH C 3 .   ? -3.475  9.227   2.530   1.00 24.38 ? 389 HOH A O    1 
HETATM 1175 O O    . HOH C 3 .   ? -9.812  -6.267  -12.625 1.00 14.35 ? 390 HOH A O    1 
HETATM 1176 O O    . HOH C 3 .   ? -2.252  10.051  -13.541 1.00 27.43 ? 391 HOH A O    1 
HETATM 1177 O O    . HOH C 3 .   ? 16.644  1.656   9.752   1.00 22.39 ? 392 HOH A O    1 
HETATM 1178 O O    . HOH C 3 .   ? -7.541  -2.267  1.067   1.00 15.75 ? 393 HOH A O    1 
HETATM 1179 O O    . HOH C 3 .   ? -20.396 -7.041  -7.148  1.00 26.78 ? 394 HOH A O    1 
HETATM 1180 O O    . HOH C 3 .   ? -11.736 -10.507 -8.591  1.00 24.94 ? 395 HOH A O    1 
HETATM 1181 O O    . HOH C 3 .   ? -15.647 -7.808  2.324   1.00 12.73 ? 396 HOH A O    1 
HETATM 1182 O O    . HOH C 3 .   ? -5.169  5.470   13.107  1.00 18.87 ? 397 HOH A O    1 
HETATM 1183 O O    . HOH C 3 .   ? -19.129 -11.384 -4.747  1.00 24.00 ? 398 HOH A O    1 
HETATM 1184 O O    . HOH C 3 .   ? -2.598  11.817  3.500   1.00 29.73 ? 399 HOH A O    1 
HETATM 1185 O O    . HOH C 3 .   ? 4.800   -8.023  3.386   1.00 21.35 ? 400 HOH A O    1 
HETATM 1186 O O    . HOH C 3 .   ? 14.909  7.717   -7.642  1.00 23.33 ? 401 HOH A O    1 
HETATM 1187 O O    . HOH C 3 .   ? 7.917   6.587   9.814   1.00 25.13 ? 402 HOH A O    1 
HETATM 1188 O O    . HOH C 3 .   ? -4.451  -1.682  12.096  1.00 25.81 ? 403 HOH A O    1 
HETATM 1189 O O    . HOH C 3 .   ? 14.790  -1.042  7.308   1.00 18.59 ? 404 HOH A O    1 
HETATM 1190 O O    . HOH C 3 .   ? 9.041   -5.553  -18.250 1.00 44.22 ? 405 HOH A O    1 
HETATM 1191 O O    . HOH C 3 .   ? -2.791  -1.723  17.247  1.00 30.87 ? 406 HOH A O    1 
HETATM 1192 O O    . HOH C 3 .   ? 14.439  8.952   14.671  1.00 25.82 ? 407 HOH A O    1 
HETATM 1193 O O    . HOH C 3 .   ? -19.385 -1.965  6.439   1.00 19.09 ? 408 HOH A O    1 
HETATM 1194 O O    . HOH C 3 .   ? 10.049  12.939  2.857   1.00 25.29 ? 409 HOH A O    1 
HETATM 1195 O O    . HOH C 3 .   ? -11.065 -6.384  -18.817 1.00 17.86 ? 410 HOH A O    1 
HETATM 1196 O O    . HOH C 3 .   ? 18.782  3.909   9.890   1.00 30.55 ? 411 HOH A O    1 
HETATM 1197 O O    . HOH C 3 .   ? -0.744  -2.028  18.791  1.00 29.07 ? 412 HOH A O    1 
HETATM 1198 O O    . HOH C 3 .   ? -21.448 -9.967  -4.473  1.00 23.26 ? 413 HOH A O    1 
HETATM 1199 O O    . HOH C 3 .   ? -4.050  11.281  -7.682  1.00 28.36 ? 414 HOH A O    1 
HETATM 1200 O O    . HOH C 3 .   ? 2.282   12.383  -5.630  1.00 24.06 ? 415 HOH A O    1 
HETATM 1201 O O    . HOH C 3 .   ? -23.272 -0.677  -3.147  1.00 32.77 ? 416 HOH A O    1 
HETATM 1202 O O    . HOH C 3 .   ? -12.241 -12.441 -7.273  1.00 30.23 ? 417 HOH A O    1 
HETATM 1203 O O    . HOH C 3 .   ? 16.302  -0.820  11.480  1.00 23.41 ? 418 HOH A O    1 
HETATM 1204 O O    . HOH C 3 .   ? -1.757  12.389  -11.430 1.00 36.58 ? 419 HOH A O    1 
HETATM 1205 O O    . HOH C 3 .   ? 8.325   -8.405  -8.665  1.00 23.72 ? 420 HOH A O    1 
HETATM 1206 O O    . HOH C 3 .   ? 1.238   7.213   -15.271 1.00 22.74 ? 421 HOH A O    1 
HETATM 1207 O O    . HOH C 3 .   ? -9.052  -1.879  4.905   1.00 13.20 ? 422 HOH A O    1 
HETATM 1208 O O    . HOH C 3 .   ? 10.514  -5.437  -1.952  1.00 28.90 ? 423 HOH A O    1 
HETATM 1209 O O    . HOH C 3 .   ? 11.204  15.657  -4.662  1.00 28.55 ? 424 HOH A O    1 
HETATM 1210 O O    . HOH C 3 .   ? -23.639 -9.266  -3.050  1.00 29.23 ? 425 HOH A O    1 
HETATM 1211 O O    . HOH C 3 .   ? -8.683  -10.555 -18.569 1.00 26.91 ? 426 HOH A O    1 
HETATM 1212 O O    . HOH C 3 .   ? -16.716 1.904   5.727   1.00 31.13 ? 427 HOH A O    1 
HETATM 1213 O O    . HOH C 3 .   ? 17.964  6.398   14.617  1.00 32.16 ? 428 HOH A O    1 
HETATM 1214 O O    . HOH C 3 .   ? -16.039 3.740   2.944   1.00 32.64 ? 429 HOH A O    1 
HETATM 1215 O O    . HOH C 3 .   ? -25.663 -6.741  -0.803  1.00 25.66 ? 430 HOH A O    1 
HETATM 1216 O O    . HOH C 3 .   ? 8.620   7.370   19.218  1.00 19.32 ? 431 HOH A O    1 
HETATM 1217 O O    . HOH C 3 .   ? -15.131 -12.394 -6.750  1.00 35.41 ? 432 HOH A O    1 
HETATM 1218 O O    . HOH C 3 .   ? 8.493   8.570   8.115   1.00 29.50 ? 433 HOH A O    1 
HETATM 1219 O O    . HOH C 3 .   ? -10.016 -14.944 -8.369  1.00 30.78 ? 434 HOH A O    1 
HETATM 1220 O O    . HOH C 3 .   ? -13.968 4.489   -0.734  1.00 33.97 ? 435 HOH A O    1 
HETATM 1221 O O    . HOH C 3 .   ? 13.762  -5.132  10.697  1.00 30.99 ? 436 HOH A O    1 
HETATM 1222 O O    . HOH C 3 .   ? 16.233  -2.166  13.581  1.00 32.62 ? 437 HOH A O    1 
HETATM 1223 O O    . HOH C 3 .   ? 1.895   2.064   -17.074 1.00 32.04 ? 438 HOH A O    1 
HETATM 1224 O O    . HOH C 3 .   ? 16.829  -1.583  15.754  1.00 24.46 ? 439 HOH A O    1 
HETATM 1225 O O    . HOH C 3 .   ? 2.834   9.268   -13.470 1.00 22.74 ? 440 HOH A O    1 
HETATM 1226 O O    . HOH C 3 .   ? -10.843 5.812   -6.750  1.00 23.70 ? 441 HOH A O    1 
HETATM 1227 O O    . HOH C 3 .   ? 16.600  15.525  -2.421  1.00 23.60 ? 442 HOH A O    1 
HETATM 1228 O O    . HOH C 3 .   ? 8.076   1.402   -15.024 1.00 27.38 ? 443 HOH A O    1 
HETATM 1229 O O    . HOH C 3 .   ? 15.871  -3.496  8.352   1.00 33.75 ? 444 HOH A O    1 
HETATM 1230 O O    . HOH C 3 .   ? 4.108   -4.133  -15.944 1.00 24.02 ? 445 HOH A O    1 
HETATM 1231 O O    . HOH C 3 .   ? -2.692  -14.181 -18.013 1.00 34.06 ? 446 HOH A O    1 
HETATM 1232 O O    . HOH C 3 .   ? 13.859  -3.707  -10.416 1.00 29.52 ? 447 HOH A O    1 
HETATM 1233 O O    . HOH C 3 .   ? 14.889  5.090   -10.907 1.00 28.58 ? 448 HOH A O    1 
HETATM 1234 O O    . HOH C 3 .   ? 19.280  6.377   10.257  1.00 33.23 ? 449 HOH A O    1 
HETATM 1235 O O    . HOH C 3 .   ? -13.556 2.233   3.082   1.00 21.31 ? 450 HOH A O    1 
HETATM 1236 O O    . HOH C 3 .   ? 6.142   -5.796  -14.836 1.00 29.83 ? 451 HOH A O    1 
HETATM 1237 O O    . HOH C 3 .   ? -6.777  6.306   2.924   1.00 28.81 ? 452 HOH A O    1 
HETATM 1238 O O    . HOH C 3 .   ? -1.608  12.856  -8.126  1.00 32.74 ? 453 HOH A O    1 
HETATM 1239 O O    . HOH C 3 .   ? 12.663  14.039  2.416   1.00 34.73 ? 454 HOH A O    1 
HETATM 1240 O O    . HOH C 3 .   ? -22.557 -3.712  4.044   1.00 16.18 ? 455 HOH A O    1 
HETATM 1241 O O    . HOH C 3 .   ? 7.268   -8.869  2.482   1.00 28.11 ? 456 HOH A O    1 
HETATM 1242 O O    . HOH C 3 .   ? -12.169 2.235   5.591   1.00 24.45 ? 457 HOH A O    1 
HETATM 1243 O O    . HOH C 3 .   ? -0.390  -5.093  7.908   1.00 29.54 ? 458 HOH A O    1 
HETATM 1244 O O    . HOH C 3 .   ? -1.060  -12.815 -10.748 1.00 23.73 ? 459 HOH A O    1 
HETATM 1245 O O    . HOH C 3 .   ? 8.211   14.563  1.434   1.00 32.73 ? 460 HOH A O    1 
HETATM 1246 O O    . HOH C 3 .   ? -4.650  6.645   19.313  1.00 30.20 ? 461 HOH A O    1 
HETATM 1247 O O    . HOH C 3 .   ? -22.757 -0.404  -8.227  1.00 31.05 ? 462 HOH A O    1 
HETATM 1248 O O    . HOH C 3 .   ? 24.024  2.392   1.116   1.00 30.09 ? 463 HOH A O    1 
HETATM 1249 O O    . HOH C 3 .   ? 4.633   -1.498  -16.611 1.00 21.95 ? 464 HOH A O    1 
HETATM 1250 O O    . HOH C 3 .   ? -11.289 5.408   2.765   1.00 28.81 ? 465 HOH A O    1 
HETATM 1251 O O    . HOH C 3 .   ? -23.948 -5.678  5.141   1.00 20.51 ? 466 HOH A O    1 
HETATM 1252 O O    . HOH C 3 .   ? -17.006 -6.545  -9.414  1.00 32.73 ? 467 HOH A O    1 
HETATM 1253 O O    . HOH C 3 .   ? 9.273   12.007  5.751   1.00 28.71 ? 468 HOH A O    1 
HETATM 1254 O O    . HOH C 3 .   ? -13.114 -8.734  -11.370 1.00 27.10 ? 469 HOH A O    1 
HETATM 1255 O O    . HOH C 3 .   ? -4.310  3.686   19.472  1.00 32.09 ? 470 HOH A O    1 
HETATM 1256 O O    . HOH C 3 .   ? -0.452  -1.326  26.731  1.00 24.33 ? 471 HOH A O    1 
HETATM 1257 O O    . HOH C 3 .   ? -23.957 -3.468  1.580   1.00 22.32 ? 472 HOH A O    1 
HETATM 1258 O O    . HOH C 3 .   ? -4.045  -16.240 1.552   1.00 33.96 ? 473 HOH A O    1 
HETATM 1259 O O    . HOH C 3 .   ? -0.717  -13.167 2.139   1.00 28.67 ? 474 HOH A O    1 
HETATM 1260 O O    . HOH C 3 .   ? -14.644 -8.226  -9.280  1.00 33.79 ? 475 HOH A O    1 
HETATM 1261 O O    . HOH C 3 .   ? -10.715 4.561   5.003   1.00 29.59 ? 476 HOH A O    1 
HETATM 1262 O O    . HOH C 3 .   ? 23.241  -0.055  0.883   1.00 34.21 ? 477 HOH A O    1 
HETATM 1263 O O    . HOH C 3 .   ? -13.649 6.929   3.059   1.00 35.81 ? 478 HOH A O    1 
# 
